data_1L0L
#
_entry.id   1L0L
#
_cell.length_a   154.094
_cell.length_b   154.094
_cell.length_c   591.839
_cell.angle_alpha   90.00
_cell.angle_beta   90.00
_cell.angle_gamma   90.00
#
_symmetry.space_group_name_H-M   'I 41 2 2'
#
loop_
_entity.id
_entity.type
_entity.pdbx_description
1 polymer 'UBIQUINOL-CYTOCHROME C REDUCTASE COMPLEX CORE PROTEIN I'
2 polymer 'UBIQUINOL-CYTOCHROME C REDUCTASE COMPLEX CORE PROTEIN 2'
3 polymer 'Cytochrome B'
4 polymer 'Cytochrome c1, heme protein'
5 polymer 'UBIQUINOL-CYTOCHROME C REDUCTASE IRON-SULFUR SUBUNIT'
6 polymer 'Ubiquinol-cytochrome C reductase complex 14 kDa protein'
7 polymer 'Ubiquinol-cytochrome C reductase complex ubiquinone-binding protein QP-C'
8 polymer 'Ubiquinol-cytochrome C reductase complex 11 kDa protein'
9 polymer 'UBIQUINOL-CYTOCHROME C REDUCTASE 8 KDA PROTEIN'
10 polymer 'Ubiquinol-cytochrome C reductase complex 7.2 kDa protein'
11 polymer 'Ubiquinol-cytochrome C reductase complex 6.4 kDa protein'
12 non-polymer 'PROTOPORPHYRIN IX CONTAINING FE'
13 non-polymer FAMOXADONE
14 non-polymer 'FE2/S2 (INORGANIC) CLUSTER'
#
loop_
_entity_poly.entity_id
_entity_poly.type
_entity_poly.pdbx_seq_one_letter_code
_entity_poly.pdbx_strand_id
1 'polypeptide(L)'
;TATYAQALQSVPETQVSQLDNGLRVASEQSSQPTCTVGVWIDAGSRYESEKNNGAGYFVEHLAFKGTKNRPGNALEKEVE
SMGAHLNAYSTREHTAYYIKALSKDLPKAVELLADIVQNCSLEDSQIEKERDVILQELQENDTSMRDVVFNYLHATAFQG
TPLAQSVEGPSENVRKLSRADLTEYLSRHYKAPRMVLAAAGGLEHRQLLDLAQKHFSGLSGTYDEDAVPTLSPCRFTGSQ
ICHREDGLPLAHVAIAVEGPGWAHPDNVALQVANAIIGHYDCTYGGGAHLSSPLASIAATNKLCQSFQTFNICYADTGLL
GAHFVCDHMSIDDMMFVLQGQWMRLCTSATESEVLRGKNLLRNALVSHLDGTTPVCEDIGRSLLTYGRRIPLAEWESRIA
EVDARVVREVCSKYFYDQCPAVAGFGPIEQLPDYNRIRSGMFWLRF
;
A
2 'polypeptide(L)'
;SLKVAPKVKATEAPAGVPPHPQDLEFTRLPNGLVIASLENYAPASRIGLFIKAGSRYENSNNLGTSHLLRLASSLTTKGA
SSFKITRGIEAVGGKLSVTSTRENMAYTVECLRDDVDILMEFLLNVTTAPEFRRWEVAALQPQLRIDKAVALQNPQAHVI
ENLHAAAYRNALANSLYCPDYRIGKVTPVELHDYVQNHFTSARMALIGLGVSHPVLKQVAEQFLNIRGGLGLSGAKAKYH
GGEIREQNGDSLVHAALVAESAAIGSAEANAFSVLQHVLGAGPHVKRGSNATSSLYQAVAKGVHQPFDVSAFNASYSDSG
LFGFYTISQAASAGDVIKAAYNQVKTIAQGNLSNPDVQAAKNKLKAGYLMSVESSEGFLDEVGSQALAAGSYTPPSTVLQ
QIDAVADADVINAAKKFVSGRKSMAASGNLGHTPFIDEL
;
B
3 'polypeptide(L)'
;MTNIRKSHPLMKIVNNAFIDLPAPSNISSWWNFGSLLGICLILQILTGLFLAMHYTSDTTTAFSSVTHICRDVNYGWIIR
YMHANGASMFFICLYMHVGRGLYYGSYTFLETWNIGVILLLTVMATAFMGYVLPWGQMSFWGATVITNLLSAIPYIGTNL
VEWIWGGFSVDKATLTRFFAFHFILPFIIMAIAMVHLLFLHETGSNNPTGISSDVDKIPFHPYYTIKDILGALLLILALM
LLVLFAPDLLGDPDNYTPANPLNTPPHIKPEWYFLFAYAILRSIPNKLGGVLALAFSILILALIPLLHTSKQRSMMFRPL
SQCLFWALVADLLTLTWIGGQPVEHPYITIGQLASVLYFLLILVLMPTAGTIENKLLKW
;
C
4 'polypeptide(L)'
;SDLELHPPSYPWSHRGLLSSLDHTSIRRGFQVYKQVCSSCHSMDYVAYRHLVGVCYTEDEAKALAEEVEVQDGPNEDGEM
FMRPGKLSDYFPKPYPNPEAARAANNGALPPDLSYIVRARHGGEDYVFSLLTGYCEPPTGVSLREGLYFNPYFPGQAIGM
APPIYNEVLEFDDGTPATMSQVAKDVCTFLRWAAEPEHDHRKRMGLKMLLMMGLLLPLVYAMKRHKWSVLKSRKLAYRPP
K
;
D
5 'polypeptide(L)'
;SHTDIKVPDFSDYRRPEVLDSTKSSKESSEARKGFSYLVTATTTVGVAYAAKNVVSQFVSSMSASADVLAMSKIEIKLSD
IPEGKNMAFKWRGKPLFVRHRTKKEIDQEAAVEVSQLRDPQHDLERVKKPEWVILIGVCTHLGCVPIANAGDFGGYYCPC
HGSHYDASGRIRKGPAPLNLEVPSYEFTSDDMVIVG
;
E
6 'polypeptide(L)'
;AGRPAVSASSRWLEGIRKWYYNAAGFNKLGLMRDDTIHENDDVKEAIRRLPENLYDDRVFRIKRALDLSMRQQILPKEQW
TKYEEDKSYLEPYLKEVIRERKEREEWAKK
;
F
7 'polypeptide(L)'
;GRQFGHLTRVRHVITYSLSPFEQRAFPHYFSKGIPNVLRRTRACILRVAPPFVAFYLVYTWGTQEFEKSKRKNPAAYEND
R
;
G
8 'polypeptide(L)' GDPKEEEEEEEELVDPLTTVREQCEQLEKCVKARERLELCDERVSSRSQTEEDCTEELLDFLHARDHCVAHKLFNSLK H
9 'polypeptide(L)' MLSVAARSGPFAPVLSATSRGVAGALRPLVQAAVPATSESPVLDLKRSVLCRESLRGQAAGRPLVASVSLNVPASVRY I
10 'polypeptide(L)' VAPTLTARLYSLLFRRTSTFALTIVVGALFFERAFDQGADAIYEHINEGKLWKHIKHKYENK J
11 'polypeptide(L)' MLTRFLGPRYRQLARNWVPTAQLWGAVGAVGLVWATDWRLILDWVPYINGKFKKDD K
#
# COMPACT_ATOMS: atom_id res chain seq x y z
N THR A 1 45.44 36.96 5.29
CA THR A 1 44.21 36.13 5.04
C THR A 1 43.85 35.40 6.31
N ALA A 2 42.91 35.92 7.06
CA ALA A 2 42.46 35.19 8.22
C ALA A 2 41.70 34.04 7.62
N THR A 3 41.95 32.83 8.13
CA THR A 3 41.20 31.69 7.63
C THR A 3 39.87 31.66 8.34
N TYR A 4 38.91 30.95 7.75
CA TYR A 4 37.58 30.75 8.36
C TYR A 4 37.77 30.27 9.79
N ALA A 5 38.50 29.15 9.92
CA ALA A 5 38.82 28.58 11.23
C ALA A 5 39.27 29.67 12.18
N GLN A 6 40.23 30.48 11.76
CA GLN A 6 40.74 31.51 12.64
C GLN A 6 39.66 32.44 13.10
N ALA A 7 38.81 32.85 12.15
CA ALA A 7 37.72 33.80 12.43
C ALA A 7 36.74 33.27 13.45
N LEU A 8 36.60 31.96 13.55
CA LEU A 8 35.70 31.41 14.55
C LEU A 8 36.16 31.68 15.96
N GLN A 9 37.49 31.80 16.14
CA GLN A 9 38.07 32.04 17.45
C GLN A 9 38.00 33.51 17.81
N SER A 10 37.86 34.34 16.78
CA SER A 10 37.78 35.79 16.91
C SER A 10 36.44 36.23 17.51
N VAL A 11 35.45 35.33 17.54
CA VAL A 11 34.14 35.70 18.07
C VAL A 11 34.22 35.74 19.55
N PRO A 12 34.00 36.92 20.13
CA PRO A 12 34.15 37.15 21.58
C PRO A 12 33.31 36.23 22.44
N GLU A 13 33.82 35.86 23.61
CA GLU A 13 33.10 34.94 24.44
C GLU A 13 31.82 35.55 25.00
N THR A 14 30.76 34.76 25.07
CA THR A 14 29.53 35.18 25.72
C THR A 14 29.75 35.14 27.24
N GLN A 15 29.51 36.27 27.90
CA GLN A 15 29.67 36.38 29.34
C GLN A 15 28.36 36.05 30.09
N VAL A 16 28.46 35.16 31.07
CA VAL A 16 27.28 34.74 31.83
C VAL A 16 27.43 35.08 33.30
N SER A 17 26.32 35.46 33.92
CA SER A 17 26.28 35.79 35.34
C SER A 17 24.92 35.38 35.95
N GLN A 18 24.86 35.37 37.28
CA GLN A 18 23.63 35.02 37.98
C GLN A 18 23.46 35.92 39.18
N LEU A 19 22.26 36.43 39.36
CA LEU A 19 21.93 37.23 40.51
C LEU A 19 21.61 36.22 41.57
N ASP A 20 21.40 36.70 42.79
CA ASP A 20 21.02 35.80 43.88
C ASP A 20 19.62 35.25 43.58
N ASN A 21 18.90 35.96 42.72
CA ASN A 21 17.57 35.56 42.23
C ASN A 21 17.56 34.20 41.59
N GLY A 22 18.58 33.95 40.80
CA GLY A 22 18.66 32.77 39.98
C GLY A 22 18.57 33.25 38.55
N LEU A 23 18.34 34.55 38.38
CA LEU A 23 18.25 35.14 37.05
C LEU A 23 19.65 35.17 36.41
N ARG A 24 19.78 34.45 35.30
CA ARG A 24 21.01 34.45 34.55
C ARG A 24 21.05 35.68 33.67
N VAL A 25 22.19 36.37 33.68
CA VAL A 25 22.37 37.57 32.90
C VAL A 25 23.51 37.35 31.88
N ALA A 26 23.18 37.33 30.59
CA ALA A 26 24.20 37.05 29.58
C ALA A 26 24.32 38.07 28.40
N SER A 27 25.57 38.28 27.97
CA SER A 27 25.87 39.26 26.94
C SER A 27 26.98 38.86 25.99
N GLU A 28 26.95 39.47 24.82
CA GLU A 28 28.00 39.33 23.85
C GLU A 28 28.28 40.72 23.34
N GLN A 29 29.40 41.26 23.75
CA GLN A 29 29.79 42.60 23.39
C GLN A 29 30.32 42.62 21.95
N SER A 30 30.02 43.70 21.19
CA SER A 30 30.49 43.76 19.81
C SER A 30 30.87 45.11 19.29
N SER A 31 30.67 46.17 20.06
CA SER A 31 31.01 47.51 19.58
C SER A 31 30.11 48.10 18.45
N GLN A 32 28.85 47.70 18.39
CA GLN A 32 27.90 48.31 17.47
C GLN A 32 27.31 49.52 18.23
N PRO A 33 26.74 50.50 17.54
CA PRO A 33 26.12 51.63 18.26
C PRO A 33 24.69 51.28 18.70
N THR A 34 24.25 50.08 18.36
CA THR A 34 22.89 49.64 18.57
C THR A 34 22.93 48.29 19.28
N CYS A 35 21.84 47.90 19.92
CA CYS A 35 21.85 46.61 20.60
C CYS A 35 20.48 46.04 20.70
N THR A 36 20.40 44.78 21.14
CA THR A 36 19.13 44.11 21.41
C THR A 36 19.23 43.51 22.81
N VAL A 37 18.17 43.66 23.60
CA VAL A 37 18.06 43.13 24.96
C VAL A 37 16.67 42.63 25.15
N GLY A 38 16.52 41.70 26.07
CA GLY A 38 15.23 41.14 26.33
C GLY A 38 15.32 40.01 27.29
N VAL A 39 14.17 39.49 27.64
CA VAL A 39 14.16 38.39 28.56
C VAL A 39 13.57 37.13 27.96
N TRP A 40 14.29 36.04 28.16
CA TRP A 40 13.83 34.74 27.70
C TRP A 40 13.36 33.91 28.89
N ILE A 41 12.12 33.42 28.78
CA ILE A 41 11.52 32.60 29.82
C ILE A 41 11.14 31.28 29.20
N ASP A 42 11.38 30.18 29.90
CA ASP A 42 10.80 28.95 29.41
C ASP A 42 9.45 28.71 30.00
N ALA A 43 8.48 29.20 29.25
CA ALA A 43 7.08 29.05 29.51
C ALA A 43 6.50 29.03 28.10
N GLY A 44 5.46 28.26 27.90
CA GLY A 44 4.85 28.16 26.59
C GLY A 44 3.83 27.09 26.66
N SER A 45 2.90 27.10 25.71
CA SER A 45 1.78 26.17 25.66
C SER A 45 2.02 24.74 26.18
N ARG A 46 3.26 24.23 26.02
CA ARG A 46 3.56 22.92 26.55
C ARG A 46 3.45 22.85 28.07
N TYR A 47 3.55 24.00 28.74
CA TYR A 47 3.42 24.05 30.20
C TYR A 47 2.00 24.22 30.64
N GLU A 48 1.12 24.53 29.69
CA GLU A 48 -0.26 24.84 29.99
C GLU A 48 -1.09 23.55 30.05
N SER A 49 -2.26 23.64 30.71
CA SER A 49 -3.20 22.54 30.77
C SER A 49 -4.32 22.82 29.80
N GLU A 50 -5.19 21.82 29.63
CA GLU A 50 -6.33 21.93 28.76
C GLU A 50 -7.09 23.19 29.10
N LYS A 51 -7.17 23.45 30.39
CA LYS A 51 -7.97 24.52 30.93
C LYS A 51 -7.50 25.93 30.69
N ASN A 52 -6.21 26.19 30.81
CA ASN A 52 -5.69 27.52 30.59
C ASN A 52 -4.89 27.70 29.28
N ASN A 53 -4.91 26.68 28.45
CA ASN A 53 -4.16 26.74 27.18
C ASN A 53 -4.45 28.04 26.41
N GLY A 54 -3.40 28.75 26.02
CA GLY A 54 -3.53 30.03 25.35
C GLY A 54 -3.26 31.16 26.32
N ALA A 55 -2.90 30.82 27.56
CA ALA A 55 -2.66 31.81 28.63
C ALA A 55 -1.51 32.76 28.31
N GLY A 56 -0.34 32.18 27.99
CA GLY A 56 0.83 32.97 27.68
C GLY A 56 0.58 33.85 26.51
N TYR A 57 -0.08 33.30 25.49
CA TYR A 57 -0.40 34.07 24.29
C TYR A 57 -1.27 35.24 24.68
N PHE A 58 -2.18 35.03 25.65
CA PHE A 58 -3.02 36.11 26.13
C PHE A 58 -2.13 37.16 26.83
N VAL A 59 -1.19 36.73 27.66
CA VAL A 59 -0.27 37.68 28.33
C VAL A 59 0.56 38.49 27.34
N GLU A 60 1.05 37.84 26.32
CA GLU A 60 1.80 38.55 25.29
C GLU A 60 0.99 39.70 24.72
N HIS A 61 -0.32 39.55 24.63
CA HIS A 61 -1.09 40.65 24.14
C HIS A 61 -1.02 41.76 25.14
N LEU A 62 -1.42 41.46 26.37
CA LEU A 62 -1.40 42.40 27.47
C LEU A 62 -0.03 43.00 27.80
N ALA A 63 1.02 42.23 27.58
CA ALA A 63 2.40 42.62 27.93
C ALA A 63 2.83 44.06 27.68
N PHE A 64 2.39 44.64 26.57
CA PHE A 64 2.84 45.96 26.23
C PHE A 64 1.78 47.04 26.40
N LYS A 65 0.67 46.70 27.05
CA LYS A 65 -0.45 47.63 27.17
C LYS A 65 -0.59 48.33 28.53
N GLY A 66 0.46 48.30 29.34
CA GLY A 66 0.45 49.01 30.61
C GLY A 66 0.96 48.25 31.82
N THR A 67 1.94 48.84 32.50
CA THR A 67 2.45 48.29 33.75
C THR A 67 1.83 49.09 34.89
N LYS A 68 2.39 49.00 36.08
CA LYS A 68 1.84 49.78 37.19
C LYS A 68 2.44 51.19 37.14
N ASN A 69 3.74 51.26 36.89
CA ASN A 69 4.46 52.54 36.84
C ASN A 69 4.25 53.31 35.52
N ARG A 70 3.82 52.60 34.48
CA ARG A 70 3.54 53.21 33.19
C ARG A 70 2.27 52.61 32.62
N PRO A 71 1.12 53.06 33.08
CA PRO A 71 -0.17 52.47 32.68
C PRO A 71 -0.56 52.88 31.27
N GLY A 72 -1.57 52.22 30.69
CA GLY A 72 -2.08 52.58 29.37
C GLY A 72 -0.99 52.62 28.30
N ASN A 73 -0.98 53.67 27.48
CA ASN A 73 0.01 53.77 26.40
C ASN A 73 1.33 54.42 26.73
N ALA A 74 1.68 54.48 28.00
CA ALA A 74 2.91 55.12 28.40
C ALA A 74 4.17 54.40 27.90
N LEU A 75 4.09 53.07 27.87
CA LEU A 75 5.18 52.21 27.39
C LEU A 75 5.52 52.62 25.99
N GLU A 76 4.53 52.43 25.12
CA GLU A 76 4.67 52.75 23.72
C GLU A 76 5.43 54.04 23.51
N LYS A 77 4.94 55.14 24.09
CA LYS A 77 5.59 56.43 23.93
C LYS A 77 7.04 56.53 24.41
N GLU A 78 7.43 55.72 25.39
CA GLU A 78 8.81 55.74 25.87
C GLU A 78 9.68 55.05 24.83
N VAL A 79 9.18 53.94 24.30
CA VAL A 79 9.91 53.18 23.34
C VAL A 79 9.94 53.92 22.02
N GLU A 80 8.75 54.20 21.48
CA GLU A 80 8.63 54.91 20.23
C GLU A 80 9.52 56.14 20.22
N SER A 81 9.42 56.98 21.26
CA SER A 81 10.22 58.22 21.39
C SER A 81 11.72 58.08 21.47
N MET A 82 12.24 56.91 21.80
CA MET A 82 13.69 56.75 21.78
C MET A 82 14.12 56.14 20.47
N GLY A 83 13.14 55.63 19.74
CA GLY A 83 13.39 55.07 18.45
C GLY A 83 13.59 53.58 18.53
N ALA A 84 13.39 53.03 19.72
CA ALA A 84 13.57 51.61 19.91
C ALA A 84 12.39 50.78 19.36
N HIS A 85 12.58 49.47 19.32
CA HIS A 85 11.53 48.58 18.84
C HIS A 85 11.31 47.54 19.89
N LEU A 86 10.03 47.26 20.15
CA LEU A 86 9.64 46.36 21.22
C LEU A 86 8.85 45.19 20.65
N ASN A 87 9.42 43.99 20.75
CA ASN A 87 8.80 42.78 20.20
C ASN A 87 8.66 41.66 21.23
N ALA A 88 7.93 40.62 20.85
CA ALA A 88 7.69 39.52 21.73
C ALA A 88 7.28 38.35 20.90
N TYR A 89 7.45 37.13 21.43
CA TYR A 89 6.99 35.91 20.74
C TYR A 89 6.86 34.74 21.68
N SER A 90 6.00 33.80 21.32
CA SER A 90 5.84 32.62 22.11
C SER A 90 5.67 31.37 21.30
N THR A 91 6.49 30.38 21.64
CA THR A 91 6.43 29.08 21.04
C THR A 91 5.83 28.15 22.09
N ARG A 92 5.97 26.85 21.88
CA ARG A 92 5.45 25.88 22.83
C ARG A 92 6.37 25.72 24.05
N GLU A 93 7.63 26.13 23.96
CA GLU A 93 8.53 25.98 25.10
C GLU A 93 9.20 27.25 25.52
N HIS A 94 8.95 28.33 24.80
CA HIS A 94 9.69 29.56 25.03
C HIS A 94 8.88 30.83 24.81
N THR A 95 9.21 31.87 25.56
CA THR A 95 8.54 33.16 25.46
C THR A 95 9.61 34.23 25.54
N ALA A 96 9.43 35.30 24.82
CA ALA A 96 10.43 36.33 24.83
C ALA A 96 9.87 37.69 24.63
N TYR A 97 10.55 38.64 25.21
CA TYR A 97 10.25 40.04 25.08
C TYR A 97 11.62 40.70 24.88
N TYR A 98 11.77 41.48 23.83
CA TYR A 98 13.07 42.13 23.61
C TYR A 98 12.95 43.52 23.00
N ILE A 99 13.98 44.32 23.21
CA ILE A 99 14.00 45.66 22.69
C ILE A 99 15.18 45.84 21.73
N LYS A 100 14.95 46.44 20.59
CA LYS A 100 16.07 46.83 19.73
C LYS A 100 16.24 48.29 20.08
N ALA A 101 17.45 48.72 20.40
CA ALA A 101 17.60 50.11 20.78
C ALA A 101 18.99 50.64 20.65
N LEU A 102 19.09 51.96 20.55
CA LEU A 102 20.36 52.65 20.53
C LEU A 102 21.16 52.12 21.75
N SER A 103 22.39 51.70 21.54
CA SER A 103 23.19 51.15 22.66
C SER A 103 23.21 51.95 23.98
N LYS A 104 23.25 53.28 23.88
CA LYS A 104 23.28 54.14 25.07
C LYS A 104 21.90 54.28 25.69
N ASP A 105 20.99 53.42 25.30
CA ASP A 105 19.66 53.44 25.84
C ASP A 105 19.41 52.15 26.57
N LEU A 106 20.49 51.38 26.72
CA LEU A 106 20.43 50.13 27.41
C LEU A 106 19.77 50.27 28.80
N PRO A 107 20.19 51.27 29.58
CA PRO A 107 19.60 51.48 30.90
C PRO A 107 18.08 51.48 30.90
N LYS A 108 17.44 52.31 30.06
CA LYS A 108 15.99 52.36 30.04
C LYS A 108 15.39 51.15 29.42
N ALA A 109 16.05 50.63 28.38
CA ALA A 109 15.58 49.43 27.72
C ALA A 109 15.38 48.36 28.78
N VAL A 110 16.41 48.19 29.61
CA VAL A 110 16.35 47.23 30.67
C VAL A 110 15.28 47.60 31.70
N GLU A 111 15.21 48.88 32.05
CA GLU A 111 14.23 49.33 33.02
C GLU A 111 12.85 48.94 32.48
N LEU A 112 12.66 49.16 31.19
CA LEU A 112 11.39 48.82 30.57
C LEU A 112 11.06 47.32 30.68
N LEU A 113 12.02 46.45 30.33
CA LEU A 113 11.76 44.99 30.36
C LEU A 113 11.31 44.49 31.75
N ALA A 114 11.98 44.97 32.79
CA ALA A 114 11.66 44.58 34.14
C ALA A 114 10.22 44.92 34.41
N ASP A 115 9.88 46.16 34.13
CA ASP A 115 8.55 46.65 34.32
C ASP A 115 7.54 45.78 33.61
N ILE A 116 7.84 45.40 32.35
CA ILE A 116 6.94 44.56 31.58
C ILE A 116 6.83 43.23 32.27
N VAL A 117 7.96 42.57 32.40
CA VAL A 117 8.02 41.23 32.99
C VAL A 117 7.44 41.10 34.41
N GLN A 118 7.46 42.18 35.18
CA GLN A 118 6.97 42.11 36.55
C GLN A 118 5.63 42.80 36.82
N ASN A 119 5.53 44.08 36.51
CA ASN A 119 4.34 44.84 36.85
C ASN A 119 3.26 44.95 35.79
N CYS A 120 3.08 43.90 35.01
CA CYS A 120 2.05 43.90 34.01
C CYS A 120 0.66 44.10 34.65
N SER A 121 0.03 45.23 34.35
CA SER A 121 -1.27 45.63 34.91
C SER A 121 -2.44 44.67 34.74
N LEU A 122 -2.60 44.13 33.54
CA LEU A 122 -3.71 43.25 33.18
C LEU A 122 -5.04 43.87 33.55
N GLU A 123 -5.22 45.12 33.16
CA GLU A 123 -6.47 45.82 33.48
C GLU A 123 -7.65 45.13 32.82
N ASP A 124 -8.62 44.77 33.64
CA ASP A 124 -9.83 44.08 33.19
C ASP A 124 -10.45 44.52 31.86
N SER A 125 -10.44 45.82 31.57
CA SER A 125 -10.98 46.31 30.30
C SER A 125 -10.07 45.91 29.13
N GLN A 126 -8.77 45.93 29.36
CA GLN A 126 -7.81 45.55 28.35
C GLN A 126 -7.99 44.09 27.96
N ILE A 127 -8.02 43.20 28.95
CA ILE A 127 -8.18 41.81 28.63
C ILE A 127 -9.41 41.59 27.77
N GLU A 128 -10.51 42.27 28.11
CA GLU A 128 -11.71 42.19 27.29
C GLU A 128 -11.44 42.71 25.85
N LYS A 129 -10.74 43.82 25.72
CA LYS A 129 -10.46 44.31 24.38
C LYS A 129 -9.66 43.29 23.60
N GLU A 130 -8.76 42.60 24.29
CA GLU A 130 -7.88 41.61 23.67
C GLU A 130 -8.57 40.31 23.32
N ARG A 131 -9.66 40.03 24.01
CA ARG A 131 -10.39 38.81 23.74
C ARG A 131 -10.73 38.80 22.25
N ASP A 132 -11.35 39.87 21.79
CA ASP A 132 -11.70 39.97 20.38
C ASP A 132 -10.57 40.09 19.38
N VAL A 133 -9.42 40.62 19.82
CA VAL A 133 -8.26 40.71 18.94
C VAL A 133 -7.71 39.32 18.65
N ILE A 134 -7.50 38.53 19.70
CA ILE A 134 -7.04 37.15 19.57
C ILE A 134 -8.00 36.31 18.73
N LEU A 135 -9.30 36.34 19.05
CA LEU A 135 -10.28 35.61 18.26
C LEU A 135 -10.06 35.92 16.81
N GLN A 136 -9.88 37.20 16.53
CA GLN A 136 -9.65 37.68 15.19
C GLN A 136 -8.39 37.10 14.59
N GLU A 137 -7.32 37.02 15.39
CA GLU A 137 -6.04 36.42 14.91
C GLU A 137 -6.26 34.96 14.59
N LEU A 138 -7.19 34.33 15.30
CA LEU A 138 -7.52 32.96 15.05
C LEU A 138 -8.13 32.82 13.65
N GLN A 139 -9.12 33.67 13.30
CA GLN A 139 -9.73 33.59 11.96
C GLN A 139 -8.66 33.85 10.96
N GLU A 140 -7.84 34.84 11.27
CA GLU A 140 -6.68 35.23 10.49
C GLU A 140 -5.77 33.97 10.23
N ASN A 141 -5.31 33.30 11.31
CA ASN A 141 -4.47 32.11 11.23
C ASN A 141 -5.14 30.99 10.41
N ASP A 142 -6.45 30.78 10.56
CA ASP A 142 -7.10 29.69 9.81
C ASP A 142 -6.88 29.78 8.28
N THR A 143 -6.40 30.90 7.79
CA THR A 143 -6.22 31.03 6.36
C THR A 143 -4.79 30.77 5.90
N SER A 144 -3.87 30.54 6.84
CA SER A 144 -2.55 30.18 6.47
C SER A 144 -2.40 28.65 6.49
N MET A 145 -2.61 28.01 5.35
CA MET A 145 -2.51 26.58 5.24
C MET A 145 -1.31 25.95 5.91
N ARG A 146 -0.20 26.64 5.84
CA ARG A 146 1.05 26.16 6.41
C ARG A 146 0.98 26.15 7.97
N ASP A 147 0.50 27.23 8.55
CA ASP A 147 0.37 27.30 9.97
C ASP A 147 -0.61 26.25 10.49
N VAL A 148 -1.71 26.10 9.78
CA VAL A 148 -2.71 25.13 10.10
C VAL A 148 -2.11 23.73 9.99
N VAL A 149 -1.33 23.46 8.95
CA VAL A 149 -0.79 22.09 8.79
C VAL A 149 0.25 21.67 9.85
N PHE A 150 1.09 22.58 10.30
CA PHE A 150 2.02 22.22 11.37
C PHE A 150 1.25 22.09 12.70
N ASN A 151 0.21 22.91 12.88
CA ASN A 151 -0.58 22.75 14.07
C ASN A 151 -1.24 21.40 14.09
N TYR A 152 -1.67 20.93 12.91
CA TYR A 152 -2.29 19.57 12.79
C TYR A 152 -1.24 18.49 13.09
N LEU A 153 -0.05 18.68 12.52
CA LEU A 153 1.07 17.77 12.67
C LEU A 153 1.41 17.58 14.14
N HIS A 154 1.48 18.68 14.88
CA HIS A 154 1.71 18.59 16.32
C HIS A 154 0.53 17.93 16.99
N ALA A 155 -0.66 18.31 16.58
CA ALA A 155 -1.83 17.71 17.24
C ALA A 155 -1.88 16.16 17.09
N THR A 156 -1.46 15.62 15.95
CA THR A 156 -1.52 14.17 15.80
C THR A 156 -0.25 13.48 16.36
N ALA A 157 0.93 14.08 16.10
CA ALA A 157 2.20 13.51 16.57
C ALA A 157 2.23 13.38 18.07
N PHE A 158 1.77 14.40 18.75
CA PHE A 158 1.79 14.37 20.22
C PHE A 158 0.37 14.27 20.76
N GLN A 159 -0.47 13.55 20.04
CA GLN A 159 -1.92 13.44 20.32
C GLN A 159 -2.56 13.50 21.71
N GLY A 160 -1.98 12.92 22.74
CA GLY A 160 -2.63 13.02 24.06
C GLY A 160 -1.81 13.83 25.04
N THR A 161 -0.90 14.65 24.52
CA THR A 161 0.06 15.35 25.36
C THR A 161 -0.08 16.85 25.19
N PRO A 162 0.61 17.62 26.05
CA PRO A 162 0.53 19.07 26.02
C PRO A 162 1.12 19.65 24.74
N LEU A 163 2.15 19.02 24.20
CA LEU A 163 2.81 19.46 22.96
C LEU A 163 1.87 19.34 21.74
N ALA A 164 0.70 18.73 21.96
CA ALA A 164 -0.29 18.53 20.90
C ALA A 164 -1.02 19.81 20.68
N GLN A 165 -1.09 20.60 21.73
CA GLN A 165 -1.81 21.85 21.70
C GLN A 165 -1.05 22.94 21.00
N SER A 166 -1.80 23.89 20.49
CA SER A 166 -1.25 25.06 19.84
C SER A 166 -0.96 26.15 20.89
N VAL A 167 -0.30 27.19 20.45
CA VAL A 167 0.07 28.30 21.32
C VAL A 167 -1.10 29.25 21.67
N GLU A 168 -1.93 29.54 20.68
CA GLU A 168 -3.03 30.49 20.85
C GLU A 168 -4.19 29.87 21.68
N GLY A 169 -4.29 28.55 21.67
CA GLY A 169 -5.35 27.88 22.41
C GLY A 169 -6.58 27.71 21.55
N PRO A 170 -7.60 27.09 22.10
CA PRO A 170 -8.85 26.94 21.37
C PRO A 170 -9.64 28.20 21.58
N SER A 171 -10.60 28.47 20.72
CA SER A 171 -11.42 29.65 20.88
C SER A 171 -12.13 29.73 22.25
N GLU A 172 -12.57 28.61 22.81
CA GLU A 172 -13.30 28.66 24.11
C GLU A 172 -12.47 29.13 25.29
N ASN A 173 -11.18 28.79 25.28
CA ASN A 173 -10.29 29.30 26.31
C ASN A 173 -10.10 30.79 26.15
N VAL A 174 -10.14 31.26 24.93
CA VAL A 174 -9.95 32.65 24.72
C VAL A 174 -11.17 33.33 25.24
N ARG A 175 -12.32 32.67 25.06
CA ARG A 175 -13.56 33.22 25.52
C ARG A 175 -13.69 33.23 27.01
N LYS A 176 -13.27 32.16 27.69
CA LYS A 176 -13.46 32.09 29.15
C LYS A 176 -12.29 32.44 30.04
N LEU A 177 -11.07 32.41 29.50
CA LEU A 177 -9.90 32.76 30.32
C LEU A 177 -10.11 34.06 31.07
N SER A 178 -9.95 34.02 32.40
CA SER A 178 -10.15 35.20 33.24
C SER A 178 -8.85 35.75 33.74
N ARG A 179 -8.90 36.97 34.30
CA ARG A 179 -7.71 37.60 34.81
C ARG A 179 -6.94 36.70 35.79
N ALA A 180 -7.68 36.07 36.71
CA ALA A 180 -7.06 35.19 37.72
C ALA A 180 -6.30 34.02 37.11
N ASP A 181 -6.82 33.50 35.99
CA ASP A 181 -6.16 32.44 35.29
C ASP A 181 -4.79 32.95 34.82
N LEU A 182 -4.75 34.22 34.41
CA LEU A 182 -3.51 34.83 33.89
C LEU A 182 -2.52 35.06 35.02
N THR A 183 -2.96 35.76 36.06
CA THR A 183 -2.09 36.07 37.18
C THR A 183 -1.48 34.80 37.76
N GLU A 184 -2.29 33.74 37.88
CA GLU A 184 -1.81 32.45 38.37
C GLU A 184 -0.77 31.82 37.42
N TYR A 185 -1.00 31.89 36.12
CA TYR A 185 -0.04 31.37 35.13
C TYR A 185 1.28 32.15 35.19
N LEU A 186 1.16 33.44 35.45
CA LEU A 186 2.31 34.32 35.53
C LEU A 186 3.15 33.96 36.74
N SER A 187 2.52 34.01 37.93
CA SER A 187 3.16 33.66 39.20
C SER A 187 3.79 32.28 39.12
N ARG A 188 3.06 31.37 38.51
CA ARG A 188 3.50 30.00 38.36
C ARG A 188 4.76 29.91 37.52
N HIS A 189 4.87 30.78 36.51
CA HIS A 189 5.96 30.67 35.54
C HIS A 189 6.99 31.76 35.41
N TYR A 190 6.59 33.02 35.52
CA TYR A 190 7.57 34.10 35.38
C TYR A 190 8.39 34.23 36.63
N LYS A 191 9.15 33.19 36.93
CA LYS A 191 9.97 33.14 38.13
C LYS A 191 11.42 33.12 37.75
N ALA A 192 12.21 33.92 38.46
CA ALA A 192 13.63 34.10 38.16
C ALA A 192 14.41 32.97 37.51
N PRO A 193 14.57 31.83 38.18
CA PRO A 193 15.41 30.74 37.64
C PRO A 193 15.00 30.19 36.27
N ARG A 194 13.93 30.71 35.70
CA ARG A 194 13.51 30.23 34.39
C ARG A 194 13.54 31.37 33.41
N MET A 195 14.23 32.44 33.81
CA MET A 195 14.35 33.62 32.99
C MET A 195 15.82 33.89 32.78
N VAL A 196 16.14 34.40 31.58
CA VAL A 196 17.49 34.78 31.19
C VAL A 196 17.44 36.20 30.59
N LEU A 197 18.15 37.15 31.19
CA LEU A 197 18.23 38.52 30.63
C LEU A 197 19.40 38.56 29.65
N ALA A 198 19.09 38.63 28.35
CA ALA A 198 20.14 38.58 27.33
C ALA A 198 20.34 39.87 26.57
N ALA A 199 21.57 40.11 26.14
CA ALA A 199 21.88 41.31 25.37
C ALA A 199 23.02 41.13 24.40
N ALA A 200 22.98 41.87 23.31
CA ALA A 200 24.09 41.81 22.34
C ALA A 200 24.26 43.13 21.64
N GLY A 201 25.49 43.63 21.66
CA GLY A 201 25.86 44.85 20.98
C GLY A 201 26.99 45.61 21.65
N GLY A 202 26.92 46.93 21.53
CA GLY A 202 27.89 47.78 22.14
C GLY A 202 27.59 47.99 23.60
N LEU A 203 27.55 46.91 24.38
CA LEU A 203 27.31 47.06 25.80
C LEU A 203 28.54 46.53 26.49
N GLU A 204 28.51 46.41 27.80
CA GLU A 204 29.59 45.78 28.55
C GLU A 204 28.88 44.91 29.59
N HIS A 205 29.42 43.71 29.86
CA HIS A 205 28.76 42.80 30.78
C HIS A 205 28.41 43.40 32.14
N ARG A 206 29.35 44.12 32.75
CA ARG A 206 29.09 44.71 34.07
C ARG A 206 27.87 45.63 34.09
N GLN A 207 27.71 46.46 33.05
CA GLN A 207 26.57 47.39 32.98
C GLN A 207 25.27 46.61 33.00
N LEU A 208 25.23 45.52 32.22
CA LEU A 208 24.06 44.66 32.12
C LEU A 208 23.81 43.93 33.43
N LEU A 209 24.90 43.50 34.07
CA LEU A 209 24.80 42.82 35.37
C LEU A 209 24.27 43.83 36.40
N ASP A 210 24.82 45.05 36.39
CA ASP A 210 24.38 46.10 37.32
C ASP A 210 22.89 46.38 37.14
N LEU A 211 22.48 46.52 35.89
CA LEU A 211 21.09 46.80 35.58
C LEU A 211 20.19 45.62 35.99
N ALA A 212 20.69 44.40 35.80
CA ALA A 212 19.95 43.23 36.19
C ALA A 212 19.77 43.25 37.70
N GLN A 213 20.80 43.69 38.41
CA GLN A 213 20.68 43.75 39.84
C GLN A 213 19.83 44.94 40.28
N LYS A 214 19.91 46.04 39.54
CA LYS A 214 19.13 47.20 39.88
C LYS A 214 17.63 46.99 39.64
N HIS A 215 17.28 46.62 38.43
CA HIS A 215 15.87 46.50 38.09
C HIS A 215 15.22 45.13 38.22
N PHE A 216 16.01 44.09 38.43
CA PHE A 216 15.46 42.72 38.52
C PHE A 216 15.55 42.03 39.88
N SER A 217 16.40 42.52 40.78
CA SER A 217 16.49 41.93 42.11
C SER A 217 15.12 42.00 42.79
N GLY A 218 14.63 40.88 43.27
CA GLY A 218 13.33 40.83 43.90
C GLY A 218 12.30 40.11 43.04
N LEU A 219 12.56 38.84 42.73
CA LEU A 219 11.64 38.02 41.96
C LEU A 219 11.46 36.67 42.64
N SER A 220 12.59 36.10 43.04
CA SER A 220 12.59 34.86 43.78
C SER A 220 13.12 35.16 45.19
N GLY A 221 12.59 36.24 45.78
CA GLY A 221 12.87 36.61 47.16
C GLY A 221 11.93 35.72 47.94
N THR A 222 11.13 35.00 47.16
CA THR A 222 10.19 34.01 47.64
C THR A 222 10.78 32.63 47.24
N TYR A 223 10.38 32.08 46.09
CA TYR A 223 10.83 30.75 45.62
C TYR A 223 9.86 29.75 46.25
N ASP A 224 9.29 28.87 45.45
CA ASP A 224 8.26 27.98 46.01
C ASP A 224 8.64 26.70 46.76
N GLU A 225 7.79 26.36 47.73
CA GLU A 225 7.87 25.07 48.42
C GLU A 225 7.29 24.11 47.35
N ASP A 226 6.70 22.99 47.76
CA ASP A 226 6.11 22.12 46.76
C ASP A 226 5.16 22.93 45.84
N ALA A 227 5.67 23.25 44.65
CA ALA A 227 4.89 23.96 43.63
C ALA A 227 4.44 22.91 42.64
N VAL A 228 5.40 22.51 41.77
CA VAL A 228 5.35 21.47 40.69
C VAL A 228 5.66 21.94 39.24
N PRO A 229 6.78 22.66 39.06
CA PRO A 229 7.15 23.16 37.72
C PRO A 229 7.79 22.13 36.75
N THR A 230 7.67 20.82 36.99
CA THR A 230 8.31 19.80 36.10
C THR A 230 7.60 19.47 34.75
N LEU A 231 8.42 19.21 33.73
CA LEU A 231 7.91 18.85 32.42
C LEU A 231 7.95 17.34 32.19
N SER A 232 6.77 16.77 31.93
CA SER A 232 6.66 15.34 31.63
C SER A 232 6.96 15.12 30.16
N PRO A 233 7.57 13.99 29.83
CA PRO A 233 7.88 13.68 28.41
C PRO A 233 6.60 13.51 27.58
N CYS A 234 6.72 13.74 26.28
CA CYS A 234 5.57 13.68 25.43
C CYS A 234 5.60 12.54 24.45
N ARG A 235 4.65 11.65 24.62
CA ARG A 235 4.45 10.53 23.73
C ARG A 235 4.30 10.99 22.26
N PHE A 236 5.12 10.44 21.37
CA PHE A 236 4.97 10.70 19.92
C PHE A 236 4.12 9.59 19.31
N THR A 237 3.14 9.92 18.47
CA THR A 237 2.32 8.88 17.82
C THR A 237 2.32 8.82 16.28
N GLY A 238 2.63 7.62 15.77
CA GLY A 238 2.61 7.40 14.33
C GLY A 238 1.14 7.47 13.92
N SER A 239 0.79 8.56 13.28
CA SER A 239 -0.57 8.81 12.95
C SER A 239 -0.72 9.78 11.81
N GLN A 240 -1.96 10.00 11.40
CA GLN A 240 -2.27 10.82 10.26
C GLN A 240 -3.48 11.64 10.50
N ILE A 241 -3.42 12.89 10.08
CA ILE A 241 -4.62 13.73 10.16
C ILE A 241 -4.79 14.34 8.82
N CYS A 242 -5.93 14.09 8.22
CA CYS A 242 -6.26 14.53 6.88
C CYS A 242 -7.47 15.44 6.87
N HIS A 243 -7.26 16.70 6.55
CA HIS A 243 -8.34 17.64 6.47
C HIS A 243 -8.60 17.88 5.01
N ARG A 244 -9.56 17.14 4.48
CA ARG A 244 -9.87 17.19 3.06
C ARG A 244 -10.72 18.45 2.75
N GLU A 245 -10.26 19.21 1.77
CA GLU A 245 -10.90 20.49 1.36
C GLU A 245 -10.55 20.76 -0.13
N ASP A 246 -11.42 20.27 -1.02
CA ASP A 246 -11.18 20.38 -2.44
C ASP A 246 -11.43 21.77 -2.97
N GLY A 247 -11.85 22.66 -2.09
CA GLY A 247 -12.03 24.05 -2.44
C GLY A 247 -10.75 24.86 -2.38
N LEU A 248 -9.69 24.28 -1.85
CA LEU A 248 -8.42 24.95 -1.73
C LEU A 248 -7.54 24.61 -2.97
N PRO A 249 -6.83 25.59 -3.55
CA PRO A 249 -6.12 25.35 -4.83
C PRO A 249 -4.86 24.49 -4.75
N LEU A 250 -4.20 24.43 -3.62
CA LEU A 250 -3.07 23.54 -3.48
C LEU A 250 -3.09 22.74 -2.15
N ALA A 251 -2.45 21.59 -2.15
CA ALA A 251 -2.38 20.77 -0.98
C ALA A 251 -1.20 21.12 -0.10
N HIS A 252 -1.41 21.14 1.21
CA HIS A 252 -0.27 21.23 2.12
C HIS A 252 -0.11 19.86 2.81
N VAL A 253 1.14 19.40 2.88
CA VAL A 253 1.45 18.14 3.51
C VAL A 253 2.75 18.28 4.34
N ALA A 254 2.72 17.74 5.56
CA ALA A 254 3.85 17.74 6.47
C ALA A 254 4.04 16.36 7.16
N ILE A 255 5.15 15.71 6.84
CA ILE A 255 5.48 14.42 7.41
C ILE A 255 6.63 14.55 8.40
N ALA A 256 6.54 13.81 9.50
CA ALA A 256 7.69 13.75 10.37
C ALA A 256 7.77 12.51 11.24
N VAL A 257 9.00 12.20 11.56
CA VAL A 257 9.34 11.10 12.42
C VAL A 257 9.70 11.72 13.81
N GLU A 258 9.88 10.93 14.85
CA GLU A 258 10.22 11.55 16.13
C GLU A 258 11.66 11.99 16.27
N GLY A 259 11.86 13.28 16.52
CA GLY A 259 13.22 13.80 16.72
C GLY A 259 13.67 13.52 18.14
N PRO A 260 14.95 13.70 18.41
CA PRO A 260 15.49 13.42 19.72
C PRO A 260 15.34 14.49 20.78
N GLY A 261 15.41 15.77 20.43
CA GLY A 261 15.33 16.82 21.42
C GLY A 261 16.55 17.73 21.44
N TRP A 262 16.36 18.94 21.94
CA TRP A 262 17.40 19.97 21.99
C TRP A 262 18.76 19.53 22.39
N ALA A 263 18.84 18.65 23.38
CA ALA A 263 20.13 18.25 23.92
C ALA A 263 20.97 17.28 23.10
N HIS A 264 20.32 16.39 22.38
CA HIS A 264 21.00 15.31 21.68
C HIS A 264 21.98 15.77 20.63
N PRO A 265 23.21 15.28 20.69
CA PRO A 265 24.23 15.61 19.66
C PRO A 265 23.83 15.12 18.27
N ASP A 266 22.96 14.12 18.18
CA ASP A 266 22.49 13.59 16.90
C ASP A 266 21.93 14.70 15.98
N ASN A 267 21.55 15.82 16.59
CA ASN A 267 20.95 16.95 15.85
C ASN A 267 21.83 17.55 14.79
N VAL A 268 23.14 17.48 15.00
CA VAL A 268 24.08 18.07 14.04
C VAL A 268 24.08 17.28 12.74
N ALA A 269 24.15 15.96 12.85
CA ALA A 269 24.14 15.10 11.69
C ALA A 269 22.77 15.16 11.00
N LEU A 270 21.70 15.26 11.78
CA LEU A 270 20.36 15.33 11.21
C LEU A 270 20.19 16.56 10.36
N GLN A 271 20.68 17.69 10.88
CA GLN A 271 20.63 18.92 10.10
C GLN A 271 21.49 18.84 8.84
N VAL A 272 22.67 18.21 8.94
CA VAL A 272 23.53 18.02 7.77
C VAL A 272 22.75 17.25 6.70
N ALA A 273 22.04 16.20 7.13
CA ALA A 273 21.25 15.39 6.21
C ALA A 273 20.16 16.24 5.59
N ASN A 274 19.52 17.07 6.42
CA ASN A 274 18.42 17.94 6.02
C ASN A 274 18.89 19.00 5.02
N ALA A 275 20.11 19.51 5.20
CA ALA A 275 20.68 20.45 4.26
C ALA A 275 20.83 19.77 2.88
N ILE A 276 21.39 18.54 2.85
CA ILE A 276 21.54 17.75 1.61
C ILE A 276 20.23 17.72 0.82
N ILE A 277 19.12 17.41 1.52
CA ILE A 277 17.80 17.36 0.93
C ILE A 277 17.38 18.77 0.53
N GLY A 278 17.74 19.75 1.36
CA GLY A 278 17.43 21.16 1.15
C GLY A 278 15.98 21.61 1.31
N HIS A 279 15.64 22.62 0.53
CA HIS A 279 14.29 23.15 0.40
C HIS A 279 14.12 23.60 -1.06
N TYR A 280 12.93 24.03 -1.43
CA TYR A 280 12.79 24.47 -2.79
C TYR A 280 11.57 25.36 -2.90
N ASP A 281 11.59 26.24 -3.86
CA ASP A 281 10.55 27.16 -4.05
C ASP A 281 10.57 27.44 -5.52
N CYS A 282 9.40 27.62 -6.09
CA CYS A 282 9.29 27.86 -7.51
C CYS A 282 9.88 29.14 -7.98
N THR A 283 10.38 30.00 -7.08
CA THR A 283 11.13 31.19 -7.57
C THR A 283 12.66 30.98 -7.49
N TYR A 284 13.14 29.74 -7.40
CA TYR A 284 14.60 29.56 -7.31
C TYR A 284 15.21 29.60 -8.67
N GLY A 285 16.32 30.28 -8.83
CA GLY A 285 16.95 30.29 -10.13
C GLY A 285 17.51 28.90 -10.29
N GLY A 286 17.58 28.44 -11.53
CA GLY A 286 18.15 27.13 -11.79
C GLY A 286 17.45 26.07 -11.00
N GLY A 287 16.80 25.13 -11.71
CA GLY A 287 16.06 24.07 -11.06
C GLY A 287 16.65 22.73 -11.45
N ALA A 288 16.72 22.43 -12.74
CA ALA A 288 17.25 21.17 -13.17
C ALA A 288 18.66 20.87 -12.60
N HIS A 289 19.48 21.91 -12.45
CA HIS A 289 20.85 21.74 -11.98
C HIS A 289 21.07 21.75 -10.50
N LEU A 290 19.99 21.87 -9.71
CA LEU A 290 20.19 21.94 -8.27
C LEU A 290 20.80 20.63 -7.69
N SER A 291 21.71 20.76 -6.74
CA SER A 291 22.34 19.57 -6.13
C SER A 291 21.28 18.57 -5.59
N SER A 292 20.46 19.00 -4.64
CA SER A 292 19.45 18.10 -4.08
C SER A 292 18.66 17.39 -5.19
N PRO A 293 18.71 16.07 -5.22
CA PRO A 293 17.87 15.29 -6.15
C PRO A 293 16.39 15.57 -5.97
N LEU A 294 15.93 15.74 -4.74
CA LEU A 294 14.52 16.06 -4.54
C LEU A 294 14.25 17.34 -5.26
N ALA A 295 15.06 18.34 -4.94
CA ALA A 295 14.89 19.68 -5.47
C ALA A 295 14.96 19.74 -6.97
N SER A 296 15.89 19.01 -7.56
CA SER A 296 16.04 19.11 -8.98
C SER A 296 14.93 18.34 -9.70
N ILE A 297 14.57 17.17 -9.19
CA ILE A 297 13.49 16.38 -9.81
C ILE A 297 12.19 17.15 -9.67
N ALA A 298 12.00 17.81 -8.52
CA ALA A 298 10.77 18.56 -8.31
C ALA A 298 10.65 19.74 -9.23
N ALA A 299 11.79 20.38 -9.50
CA ALA A 299 11.80 21.48 -10.43
C ALA A 299 11.58 21.02 -11.86
N THR A 300 12.13 19.88 -12.25
CA THR A 300 12.02 19.48 -13.67
C THR A 300 10.66 18.92 -13.98
N ASN A 301 10.08 18.20 -13.01
CA ASN A 301 8.79 17.60 -13.22
C ASN A 301 7.62 18.35 -12.63
N LYS A 302 7.86 19.55 -12.11
CA LYS A 302 6.81 20.39 -11.54
C LYS A 302 5.99 19.65 -10.49
N LEU A 303 6.67 19.00 -9.55
CA LEU A 303 5.96 18.20 -8.57
C LEU A 303 5.53 18.99 -7.38
N CYS A 304 5.93 20.22 -7.38
CA CYS A 304 6.00 20.97 -6.16
C CYS A 304 5.84 22.43 -6.48
N GLN A 305 5.55 23.20 -5.47
CA GLN A 305 5.51 24.63 -5.60
C GLN A 305 6.53 25.07 -4.59
N SER A 306 6.67 24.28 -3.55
CA SER A 306 7.65 24.55 -2.52
C SER A 306 7.75 23.31 -1.64
N PHE A 307 8.85 23.19 -0.93
CA PHE A 307 8.98 22.20 0.09
C PHE A 307 10.18 22.59 0.96
N GLN A 308 10.21 22.11 2.19
CA GLN A 308 11.34 22.40 3.07
C GLN A 308 11.49 21.31 4.09
N THR A 309 12.72 21.04 4.50
CA THR A 309 12.94 20.06 5.53
C THR A 309 12.97 20.77 6.83
N PHE A 310 12.90 20.04 7.93
CA PHE A 310 12.86 20.67 9.20
C PHE A 310 13.25 19.78 10.29
N ASN A 311 13.72 20.37 11.37
CA ASN A 311 14.03 19.66 12.58
C ASN A 311 13.57 20.52 13.75
N ILE A 312 12.33 20.32 14.18
CA ILE A 312 11.82 21.03 15.32
C ILE A 312 12.35 20.27 16.50
N CYS A 313 12.82 20.99 17.50
CA CYS A 313 13.32 20.39 18.71
C CYS A 313 12.54 20.88 19.87
N TYR A 314 12.20 19.96 20.75
CA TYR A 314 11.61 20.29 22.00
C TYR A 314 12.43 19.53 23.02
N ALA A 315 12.05 19.62 24.27
CA ALA A 315 12.78 18.89 25.27
C ALA A 315 12.48 17.41 25.09
N ASP A 316 13.56 16.65 24.81
CA ASP A 316 13.53 15.19 24.72
C ASP A 316 12.69 14.61 23.59
N THR A 317 12.24 15.46 22.69
CA THR A 317 11.41 14.99 21.61
C THR A 317 11.48 16.03 20.54
N GLY A 318 10.94 15.72 19.38
CA GLY A 318 10.97 16.69 18.32
C GLY A 318 10.36 16.17 17.07
N LEU A 319 10.23 17.04 16.08
CA LEU A 319 9.66 16.68 14.81
C LEU A 319 10.71 16.83 13.75
N LEU A 320 10.98 15.76 13.04
CA LEU A 320 12.04 15.76 12.06
C LEU A 320 11.44 15.29 10.77
N GLY A 321 11.39 16.14 9.77
CA GLY A 321 10.86 15.72 8.49
C GLY A 321 10.87 16.81 7.45
N ALA A 322 9.77 16.95 6.74
CA ALA A 322 9.65 17.91 5.67
C ALA A 322 8.19 18.28 5.45
N HIS A 323 7.95 19.50 4.96
CA HIS A 323 6.58 19.96 4.59
C HIS A 323 6.64 20.39 3.14
N PHE A 324 5.57 20.15 2.38
CA PHE A 324 5.56 20.59 0.95
C PHE A 324 4.19 21.08 0.50
N VAL A 325 4.19 21.81 -0.61
CA VAL A 325 2.95 22.41 -1.17
C VAL A 325 2.82 22.00 -2.61
N CYS A 326 1.69 21.46 -3.01
CA CYS A 326 1.60 21.10 -4.40
C CYS A 326 0.20 20.90 -4.96
N ASP A 327 0.17 20.71 -6.27
CA ASP A 327 -1.03 20.48 -7.03
C ASP A 327 -1.59 19.11 -6.64
N HIS A 328 -2.92 18.96 -6.79
CA HIS A 328 -3.65 17.78 -6.45
C HIS A 328 -3.18 16.48 -7.08
N MET A 329 -2.64 16.51 -8.30
CA MET A 329 -2.13 15.30 -8.93
C MET A 329 -0.62 15.08 -8.74
N SER A 330 0.01 15.72 -7.75
CA SER A 330 1.45 15.51 -7.58
C SER A 330 1.84 15.07 -6.16
N ILE A 331 0.85 14.77 -5.32
CA ILE A 331 1.18 14.48 -3.95
C ILE A 331 1.84 13.18 -3.89
N ASP A 332 1.36 12.26 -4.73
CA ASP A 332 1.90 10.93 -4.72
C ASP A 332 3.36 10.94 -5.18
N ASP A 333 3.66 11.63 -6.27
CA ASP A 333 5.04 11.72 -6.68
C ASP A 333 5.93 12.47 -5.67
N MET A 334 5.44 13.55 -5.07
CA MET A 334 6.25 14.28 -4.13
C MET A 334 6.64 13.34 -2.98
N MET A 335 5.66 12.57 -2.47
CA MET A 335 5.98 11.65 -1.35
C MET A 335 6.99 10.56 -1.74
N PHE A 336 6.75 9.94 -2.90
CA PHE A 336 7.66 8.94 -3.39
C PHE A 336 9.09 9.47 -3.39
N VAL A 337 9.31 10.61 -4.00
CA VAL A 337 10.66 11.20 -4.02
C VAL A 337 11.20 11.64 -2.66
N LEU A 338 10.37 12.31 -1.87
CA LEU A 338 10.82 12.75 -0.55
C LEU A 338 11.34 11.50 0.23
N GLN A 339 10.51 10.46 0.28
CA GLN A 339 10.83 9.23 0.98
C GLN A 339 12.02 8.45 0.36
N GLY A 340 12.21 8.56 -0.96
CA GLY A 340 13.34 7.90 -1.58
C GLY A 340 14.62 8.52 -1.06
N GLN A 341 14.60 9.82 -0.85
CA GLN A 341 15.79 10.53 -0.37
C GLN A 341 16.15 10.19 1.07
N TRP A 342 15.17 10.04 1.96
CA TRP A 342 15.49 9.65 3.32
C TRP A 342 16.15 8.26 3.30
N MET A 343 15.49 7.33 2.59
CA MET A 343 15.99 5.96 2.47
C MET A 343 17.42 5.94 1.95
N ARG A 344 17.64 6.69 0.87
CA ARG A 344 18.92 6.77 0.23
C ARG A 344 19.99 7.23 1.19
N LEU A 345 19.68 8.21 2.02
CA LEU A 345 20.65 8.72 2.96
C LEU A 345 20.89 7.70 4.08
N CYS A 346 19.81 7.06 4.52
CA CYS A 346 19.89 6.03 5.57
C CYS A 346 20.90 4.96 5.23
N THR A 347 20.82 4.45 4.00
CA THR A 347 21.62 3.31 3.62
C THR A 347 22.75 3.60 2.65
N SER A 348 22.71 4.74 1.95
CA SER A 348 23.60 4.92 0.80
C SER A 348 24.40 6.29 0.67
N ALA A 349 24.27 7.18 1.64
CA ALA A 349 24.93 8.48 1.55
C ALA A 349 26.37 8.42 1.11
N THR A 350 26.74 9.31 0.19
CA THR A 350 28.13 9.42 -0.32
C THR A 350 28.86 10.58 0.40
N GLU A 351 30.16 10.66 0.18
CA GLU A 351 30.96 11.64 0.87
C GLU A 351 30.84 13.11 0.44
N SER A 352 30.81 13.36 -0.85
CA SER A 352 30.76 14.74 -1.28
C SER A 352 29.43 15.42 -0.97
N GLU A 353 28.36 14.66 -0.94
CA GLU A 353 27.11 15.29 -0.60
C GLU A 353 27.11 15.68 0.86
N VAL A 354 27.80 14.90 1.70
CA VAL A 354 27.83 15.22 3.12
C VAL A 354 28.64 16.49 3.33
N LEU A 355 29.70 16.66 2.51
CA LEU A 355 30.52 17.85 2.57
C LEU A 355 29.64 19.06 2.20
N ARG A 356 28.84 18.93 1.14
CA ARG A 356 27.98 20.04 0.75
C ARG A 356 26.98 20.36 1.89
N GLY A 357 26.36 19.31 2.42
CA GLY A 357 25.46 19.47 3.55
C GLY A 357 26.19 20.13 4.73
N LYS A 358 27.46 19.72 4.99
CA LYS A 358 28.21 20.32 6.08
C LYS A 358 28.40 21.80 5.86
N ASN A 359 28.86 22.18 4.67
CA ASN A 359 29.15 23.59 4.35
C ASN A 359 27.93 24.44 4.39
N LEU A 360 26.81 23.82 4.04
CA LEU A 360 25.56 24.50 3.98
C LEU A 360 25.20 24.85 5.41
N LEU A 361 25.50 23.95 6.35
CA LEU A 361 25.25 24.23 7.77
C LEU A 361 26.18 25.34 8.29
N ARG A 362 27.45 25.26 7.93
CA ARG A 362 28.38 26.31 8.34
C ARG A 362 27.88 27.73 7.87
N ASN A 363 27.61 27.88 6.57
CA ASN A 363 27.09 29.13 6.05
C ASN A 363 25.78 29.55 6.76
N ALA A 364 24.87 28.61 6.93
CA ALA A 364 23.62 28.90 7.62
C ALA A 364 23.86 29.35 9.05
N LEU A 365 24.76 28.69 9.75
CA LEU A 365 24.99 29.04 11.13
C LEU A 365 25.46 30.43 11.25
N VAL A 366 26.40 30.77 10.41
CA VAL A 366 27.07 32.04 10.49
C VAL A 366 26.24 33.14 9.86
N SER A 367 25.54 32.80 8.79
CA SER A 367 24.71 33.78 8.12
C SER A 367 23.63 34.20 9.06
N HIS A 368 23.14 33.27 9.84
CA HIS A 368 22.07 33.56 10.75
C HIS A 368 22.48 34.50 11.88
N LEU A 369 23.55 34.19 12.60
CA LEU A 369 23.94 35.04 13.71
C LEU A 369 24.57 36.34 13.25
N ASP A 370 23.83 37.10 12.45
CA ASP A 370 24.31 38.35 11.91
C ASP A 370 23.48 39.55 12.33
N GLY A 371 23.96 40.28 13.32
CA GLY A 371 23.24 41.41 13.86
C GLY A 371 22.86 41.11 15.29
N THR A 372 22.58 42.16 16.07
CA THR A 372 22.24 42.00 17.50
C THR A 372 21.01 41.13 17.80
N THR A 373 19.94 41.35 17.09
CA THR A 373 18.76 40.60 17.43
C THR A 373 18.91 39.10 17.39
N PRO A 374 19.37 38.53 16.26
CA PRO A 374 19.54 37.07 16.17
C PRO A 374 20.54 36.53 17.19
N VAL A 375 21.58 37.29 17.50
CA VAL A 375 22.57 36.83 18.44
C VAL A 375 22.00 36.85 19.82
N CYS A 376 21.30 37.92 20.16
CA CYS A 376 20.58 38.01 21.43
C CYS A 376 19.66 36.83 21.61
N GLU A 377 18.80 36.57 20.62
CA GLU A 377 17.84 35.45 20.69
C GLU A 377 18.56 34.16 20.90
N ASP A 378 19.77 34.07 20.35
CA ASP A 378 20.55 32.88 20.50
C ASP A 378 21.17 32.68 21.88
N ILE A 379 21.58 33.78 22.49
CA ILE A 379 22.12 33.77 23.83
C ILE A 379 21.01 33.42 24.77
N GLY A 380 19.92 34.14 24.62
CA GLY A 380 18.77 33.98 25.45
C GLY A 380 18.22 32.57 25.45
N ARG A 381 18.03 31.99 24.28
CA ARG A 381 17.40 30.70 24.28
C ARG A 381 18.37 29.56 24.48
N SER A 382 19.63 29.78 24.16
CA SER A 382 20.60 28.72 24.35
C SER A 382 20.72 28.43 25.80
N LEU A 383 20.80 29.48 26.60
CA LEU A 383 20.88 29.28 28.03
C LEU A 383 19.67 28.53 28.56
N LEU A 384 18.50 28.78 27.97
CA LEU A 384 17.31 28.06 28.34
C LEU A 384 17.51 26.56 28.04
N THR A 385 17.89 26.26 26.80
CA THR A 385 18.05 24.88 26.39
C THR A 385 19.37 24.20 26.84
N TYR A 386 20.51 24.51 26.21
CA TYR A 386 21.81 23.88 26.56
C TYR A 386 22.37 24.25 27.92
N GLY A 387 21.94 25.36 28.48
CA GLY A 387 22.48 25.77 29.76
C GLY A 387 23.67 26.68 29.59
N ARG A 388 24.41 26.50 28.47
CA ARG A 388 25.54 27.39 28.16
C ARG A 388 25.33 28.01 26.80
N ARG A 389 26.36 28.64 26.27
CA ARG A 389 26.22 29.32 24.98
C ARG A 389 26.56 28.48 23.76
N ILE A 390 27.64 27.71 23.85
CA ILE A 390 28.11 26.88 22.71
C ILE A 390 28.64 27.76 21.58
N PRO A 391 29.93 28.08 21.67
CA PRO A 391 30.57 29.03 20.76
C PRO A 391 30.76 28.49 19.38
N LEU A 392 30.69 29.35 18.37
CA LEU A 392 31.01 28.93 17.02
C LEU A 392 32.44 28.42 17.13
N ALA A 393 32.65 27.19 16.72
CA ALA A 393 33.97 26.56 16.81
C ALA A 393 33.67 25.23 17.38
N GLU A 394 32.85 25.22 18.44
CA GLU A 394 32.34 23.96 18.97
C GLU A 394 31.38 23.38 17.92
N TRP A 395 30.40 24.18 17.47
CA TRP A 395 29.53 23.77 16.38
C TRP A 395 30.41 23.34 15.21
N GLU A 396 31.44 24.12 14.91
CA GLU A 396 32.30 23.76 13.82
C GLU A 396 32.90 22.39 14.00
N SER A 397 33.38 22.06 15.20
CA SER A 397 33.93 20.71 15.42
C SER A 397 32.90 19.62 15.32
N ARG A 398 31.67 19.87 15.79
CA ARG A 398 30.60 18.90 15.64
C ARG A 398 30.35 18.63 14.15
N ILE A 399 30.20 19.69 13.39
CA ILE A 399 29.94 19.55 11.99
C ILE A 399 31.07 18.78 11.28
N ALA A 400 32.32 19.09 11.66
CA ALA A 400 33.47 18.50 11.03
C ALA A 400 33.47 16.99 11.21
N GLU A 401 33.11 16.56 12.42
CA GLU A 401 32.99 15.13 12.76
C GLU A 401 32.02 14.37 11.86
N VAL A 402 31.05 15.04 11.28
CA VAL A 402 30.09 14.31 10.45
C VAL A 402 30.67 13.89 9.09
N ASP A 403 30.57 12.61 8.77
CA ASP A 403 30.92 12.14 7.44
C ASP A 403 29.77 11.20 6.97
N ALA A 404 29.95 10.57 5.82
CA ALA A 404 28.91 9.72 5.29
C ALA A 404 28.35 8.72 6.32
N ARG A 405 29.23 8.01 7.02
CA ARG A 405 28.86 7.00 8.00
C ARG A 405 27.88 7.56 9.00
N VAL A 406 28.28 8.67 9.60
CA VAL A 406 27.46 9.36 10.59
C VAL A 406 26.10 9.71 10.03
N VAL A 407 26.06 10.14 8.77
CA VAL A 407 24.79 10.46 8.17
C VAL A 407 23.98 9.16 8.06
N ARG A 408 24.59 8.11 7.55
CA ARG A 408 23.88 6.86 7.38
C ARG A 408 23.33 6.31 8.68
N GLU A 409 24.16 6.32 9.71
CA GLU A 409 23.72 5.78 10.97
C GLU A 409 22.71 6.66 11.64
N VAL A 410 22.98 7.96 11.66
CA VAL A 410 22.10 8.86 12.35
C VAL A 410 20.78 8.92 11.63
N CYS A 411 20.80 8.87 10.31
CA CYS A 411 19.54 8.89 9.60
C CYS A 411 18.74 7.61 9.87
N SER A 412 19.42 6.46 9.71
CA SER A 412 18.79 5.17 9.94
C SER A 412 18.04 5.15 11.27
N LYS A 413 18.73 5.56 12.33
CA LYS A 413 18.18 5.60 13.66
C LYS A 413 16.78 6.27 13.75
N TYR A 414 16.67 7.49 13.23
CA TYR A 414 15.42 8.24 13.32
C TYR A 414 14.40 7.98 12.22
N PHE A 415 14.90 7.66 11.02
CA PHE A 415 14.07 7.43 9.87
C PHE A 415 13.71 5.99 9.53
N TYR A 416 14.72 5.09 9.54
CA TYR A 416 14.51 3.72 9.04
C TYR A 416 13.49 2.82 9.73
N ASP A 417 12.40 2.57 9.01
CA ASP A 417 11.38 1.66 9.46
C ASP A 417 10.77 2.25 10.67
N GLN A 418 10.44 3.52 10.55
CA GLN A 418 9.86 4.28 11.65
C GLN A 418 8.45 4.80 11.32
N CYS A 419 7.56 4.79 12.32
CA CYS A 419 6.21 5.26 12.07
C CYS A 419 6.16 6.79 12.05
N PRO A 420 5.84 7.37 10.90
CA PRO A 420 5.75 8.84 10.78
C PRO A 420 4.43 9.39 11.26
N ALA A 421 4.39 10.69 11.42
CA ALA A 421 3.20 11.43 11.77
C ALA A 421 2.87 12.18 10.50
N VAL A 422 1.63 12.05 10.00
CA VAL A 422 1.27 12.75 8.75
C VAL A 422 0.16 13.77 8.94
N ALA A 423 0.36 14.99 8.43
CA ALA A 423 -0.69 15.97 8.47
C ALA A 423 -0.91 16.47 7.07
N GLY A 424 -2.18 16.56 6.69
CA GLY A 424 -2.54 16.97 5.33
C GLY A 424 -3.76 17.86 5.32
N PHE A 425 -3.73 18.89 4.47
CA PHE A 425 -4.81 19.86 4.37
C PHE A 425 -5.07 20.24 2.86
N GLY A 426 -6.31 20.21 2.44
CA GLY A 426 -6.59 20.62 1.08
C GLY A 426 -7.09 19.57 0.10
N PRO A 427 -6.73 19.72 -1.17
CA PRO A 427 -7.13 18.75 -2.22
C PRO A 427 -6.32 17.49 -2.09
N ILE A 428 -6.53 16.73 -1.03
CA ILE A 428 -5.62 15.61 -0.68
C ILE A 428 -6.08 14.20 -0.99
N GLU A 429 -7.01 14.07 -1.93
CA GLU A 429 -7.45 12.75 -2.36
C GLU A 429 -6.30 11.89 -2.79
N GLN A 430 -5.28 12.44 -3.41
CA GLN A 430 -4.19 11.62 -3.90
C GLN A 430 -3.10 11.38 -2.84
N LEU A 431 -3.24 11.96 -1.66
CA LEU A 431 -2.27 11.70 -0.59
C LEU A 431 -2.31 10.18 -0.33
N PRO A 432 -1.13 9.54 -0.35
CA PRO A 432 -1.01 8.07 -0.17
C PRO A 432 -1.58 7.63 1.15
N ASP A 433 -2.11 6.40 1.18
CA ASP A 433 -2.65 5.80 2.40
C ASP A 433 -1.54 5.67 3.47
N TYR A 434 -1.91 5.59 4.74
CA TYR A 434 -0.87 5.57 5.75
C TYR A 434 0.01 4.35 5.66
N ASN A 435 -0.62 3.18 5.46
CA ASN A 435 0.16 1.95 5.27
C ASN A 435 1.19 2.17 4.16
N ARG A 436 0.76 2.83 3.10
CA ARG A 436 1.60 3.04 1.92
C ARG A 436 2.78 4.00 2.25
N ILE A 437 2.49 5.07 2.98
CA ILE A 437 3.48 5.98 3.49
C ILE A 437 4.42 5.18 4.43
N ARG A 438 3.83 4.38 5.30
CA ARG A 438 4.61 3.60 6.26
C ARG A 438 5.55 2.62 5.59
N SER A 439 5.14 2.09 4.45
CA SER A 439 5.98 1.15 3.73
C SER A 439 7.12 1.88 2.99
N GLY A 440 6.96 3.18 2.78
CA GLY A 440 8.01 3.97 2.15
C GLY A 440 9.15 4.29 3.12
N MET A 441 9.00 3.93 4.40
CA MET A 441 10.00 4.23 5.41
C MET A 441 11.05 3.16 5.54
N PHE A 442 10.98 2.14 4.70
CA PHE A 442 11.97 1.07 4.71
C PHE A 442 12.14 0.63 3.28
N TRP A 443 13.27 0.00 2.99
CA TRP A 443 13.57 -0.47 1.65
C TRP A 443 13.71 -1.96 1.65
N LEU A 444 12.97 -2.61 0.77
CA LEU A 444 13.01 -4.04 0.63
C LEU A 444 14.35 -4.55 0.09
N ARG A 445 15.16 -3.71 -0.58
CA ARG A 445 16.50 -4.18 -1.04
C ARG A 445 17.51 -4.09 0.04
N PHE A 446 17.17 -3.44 1.14
CA PHE A 446 18.14 -3.27 2.22
C PHE A 446 18.08 -4.40 3.24
N VAL B 17 35.57 41.06 24.80
CA VAL B 17 36.07 42.34 24.21
C VAL B 17 36.62 42.17 22.77
N PRO B 18 35.83 42.58 21.76
CA PRO B 18 36.19 42.41 20.33
C PRO B 18 37.56 43.00 19.97
N PRO B 19 38.14 42.57 18.86
CA PRO B 19 39.47 43.07 18.45
C PRO B 19 39.42 44.50 17.89
N HIS B 20 40.50 44.87 17.18
CA HIS B 20 40.62 46.16 16.50
C HIS B 20 39.57 46.20 15.38
N PRO B 21 38.60 47.12 15.47
CA PRO B 21 37.56 47.24 14.42
C PRO B 21 38.17 48.02 13.25
N GLN B 22 38.39 47.36 12.12
CA GLN B 22 39.02 48.03 10.99
C GLN B 22 38.15 49.12 10.41
N ASP B 23 38.80 50.05 9.69
CA ASP B 23 38.10 51.07 8.94
C ASP B 23 37.80 50.58 7.56
N LEU B 24 36.64 50.97 7.02
CA LEU B 24 36.33 50.68 5.64
C LEU B 24 37.38 51.40 4.79
N GLU B 25 37.78 50.80 3.68
CA GLU B 25 38.69 51.44 2.72
C GLU B 25 37.94 51.69 1.41
N PHE B 26 38.23 52.81 0.75
CA PHE B 26 37.44 53.19 -0.43
C PHE B 26 38.33 53.68 -1.56
N THR B 27 38.03 53.28 -2.79
CA THR B 27 38.89 53.69 -3.91
C THR B 27 38.13 53.95 -5.20
N ARG B 28 38.40 55.10 -5.82
CA ARG B 28 37.85 55.42 -7.15
C ARG B 28 38.97 55.21 -8.12
N LEU B 29 38.73 54.46 -9.19
CA LEU B 29 39.76 54.31 -10.24
C LEU B 29 39.51 55.39 -11.30
N PRO B 30 40.53 55.70 -12.10
CA PRO B 30 40.33 56.70 -13.17
C PRO B 30 39.15 56.37 -14.12
N ASN B 31 38.80 55.09 -14.29
CA ASN B 31 37.68 54.72 -15.16
C ASN B 31 36.29 54.89 -14.53
N GLY B 32 36.26 55.41 -13.31
CA GLY B 32 35.01 55.68 -12.62
C GLY B 32 34.60 54.60 -11.64
N LEU B 33 35.10 53.39 -11.83
CA LEU B 33 34.78 52.30 -10.95
C LEU B 33 35.18 52.66 -9.52
N VAL B 34 34.38 52.20 -8.57
CA VAL B 34 34.60 52.42 -7.16
C VAL B 34 34.75 51.09 -6.44
N ILE B 35 35.77 50.93 -5.61
CA ILE B 35 35.90 49.73 -4.81
C ILE B 35 35.83 50.07 -3.33
N ALA B 36 35.01 49.38 -2.56
CA ALA B 36 34.93 49.63 -1.12
C ALA B 36 34.96 48.33 -0.32
N SER B 37 35.94 48.17 0.56
CA SER B 37 36.01 46.95 1.37
C SER B 37 36.15 47.19 2.88
N LEU B 38 35.62 46.25 3.65
CA LEU B 38 35.80 46.28 5.11
C LEU B 38 36.20 44.88 5.54
N GLU B 39 37.38 44.78 6.17
CA GLU B 39 37.83 43.54 6.76
C GLU B 39 37.15 43.36 8.13
N ASN B 40 36.18 42.47 8.12
CA ASN B 40 35.28 42.18 9.20
C ASN B 40 35.84 41.21 10.21
N TYR B 41 36.88 40.48 9.80
CA TYR B 41 37.45 39.38 10.59
C TYR B 41 36.35 38.36 10.94
N ALA B 42 35.31 38.36 10.11
CA ALA B 42 34.14 37.54 10.30
C ALA B 42 34.26 36.19 9.63
N PRO B 43 33.56 35.20 10.16
CA PRO B 43 33.59 33.84 9.61
C PRO B 43 33.23 33.80 8.13
N ALA B 44 32.29 34.61 7.69
CA ALA B 44 31.87 34.57 6.28
C ALA B 44 32.22 35.82 5.52
N SER B 45 32.14 35.71 4.19
CA SER B 45 32.41 36.81 3.32
C SER B 45 31.25 37.15 2.47
N ARG B 46 31.08 38.43 2.27
CA ARG B 46 30.03 38.87 1.45
C ARG B 46 30.60 39.84 0.44
N ILE B 47 30.21 39.67 -0.82
CA ILE B 47 30.69 40.52 -1.88
C ILE B 47 29.61 40.93 -2.86
N GLY B 48 29.54 42.22 -3.18
CA GLY B 48 28.53 42.68 -4.12
C GLY B 48 29.08 43.56 -5.24
N LEU B 49 28.51 43.43 -6.43
CA LEU B 49 28.85 44.31 -7.56
C LEU B 49 27.57 45.12 -7.86
N PHE B 50 27.57 46.39 -7.51
CA PHE B 50 26.42 47.25 -7.70
C PHE B 50 26.52 47.96 -9.02
N ILE B 51 25.44 48.02 -9.77
CA ILE B 51 25.45 48.61 -11.12
C ILE B 51 24.24 49.49 -11.34
N LYS B 52 24.48 50.63 -12.00
CA LYS B 52 23.46 51.58 -12.37
C LYS B 52 22.80 50.98 -13.55
N ALA B 53 21.85 50.05 -13.31
CA ALA B 53 21.28 49.33 -14.42
C ALA B 53 19.84 48.93 -14.24
N GLY B 54 19.21 49.46 -13.19
CA GLY B 54 17.82 49.20 -12.89
C GLY B 54 16.89 49.58 -14.03
N SER B 55 15.65 49.39 -13.72
CA SER B 55 14.51 49.59 -14.56
C SER B 55 14.42 50.92 -15.25
N ARG B 56 14.79 51.97 -14.56
CA ARG B 56 14.68 53.27 -15.18
C ARG B 56 15.48 53.39 -16.52
N TYR B 57 16.40 52.44 -16.79
CA TYR B 57 17.27 52.50 -18.02
C TYR B 57 16.65 51.75 -19.15
N GLU B 58 15.49 51.16 -18.92
CA GLU B 58 14.85 50.55 -20.06
C GLU B 58 14.17 51.64 -20.78
N ASN B 59 13.79 51.43 -22.03
CA ASN B 59 12.91 52.42 -22.67
C ASN B 59 11.71 51.68 -23.28
N SER B 60 10.92 52.35 -24.09
CA SER B 60 9.69 51.71 -24.53
C SER B 60 9.83 50.56 -25.54
N ASN B 61 11.02 50.34 -26.06
CA ASN B 61 11.19 49.24 -26.98
C ASN B 61 11.67 48.02 -26.31
N ASN B 62 12.20 48.16 -25.09
CA ASN B 62 12.74 46.99 -24.41
C ASN B 62 12.26 46.79 -22.98
N LEU B 63 10.99 47.09 -22.71
CA LEU B 63 10.53 46.95 -21.34
C LEU B 63 10.62 45.49 -20.81
N GLY B 64 11.04 45.35 -19.57
CA GLY B 64 11.13 44.03 -18.97
C GLY B 64 12.54 43.45 -19.12
N THR B 65 13.34 43.94 -20.09
CA THR B 65 14.69 43.39 -20.30
C THR B 65 15.42 43.21 -19.00
N SER B 66 15.34 44.18 -18.11
CA SER B 66 16.08 44.06 -16.87
C SER B 66 15.46 43.15 -15.87
N HIS B 67 14.18 42.76 -16.07
CA HIS B 67 13.59 41.79 -15.18
C HIS B 67 14.18 40.40 -15.60
N LEU B 68 14.02 40.04 -16.86
CA LEU B 68 14.60 38.79 -17.34
C LEU B 68 16.11 38.70 -16.87
N LEU B 69 16.88 39.77 -17.02
CA LEU B 69 18.27 39.78 -16.60
C LEU B 69 18.37 39.41 -15.13
N ARG B 70 17.60 40.07 -14.30
CA ARG B 70 17.61 39.75 -12.88
C ARG B 70 17.42 38.23 -12.68
N LEU B 71 16.63 37.61 -13.55
CA LEU B 71 16.33 36.22 -13.41
C LEU B 71 17.36 35.30 -14.08
N ALA B 72 18.35 35.84 -14.80
CA ALA B 72 19.31 34.99 -15.52
C ALA B 72 20.68 34.89 -14.97
N SER B 73 20.82 35.00 -13.66
CA SER B 73 22.13 35.05 -13.09
C SER B 73 22.86 33.73 -13.11
N SER B 74 22.13 32.63 -13.35
CA SER B 74 22.77 31.32 -13.45
C SER B 74 22.78 30.69 -14.87
N LEU B 75 22.43 31.45 -15.91
CA LEU B 75 22.52 30.94 -17.27
C LEU B 75 24.05 30.78 -17.60
N THR B 76 24.41 30.12 -18.67
CA THR B 76 25.80 29.86 -18.88
C THR B 76 26.70 31.05 -19.20
N THR B 77 27.91 31.00 -18.73
CA THR B 77 28.85 32.11 -19.04
C THR B 77 30.03 31.59 -19.81
N LYS B 78 30.87 32.47 -20.34
CA LYS B 78 32.07 31.96 -20.98
C LYS B 78 32.80 31.61 -19.70
N GLY B 79 33.45 30.52 -19.59
CA GLY B 79 34.11 30.36 -18.31
C GLY B 79 33.38 29.59 -17.23
N ALA B 80 32.05 29.54 -17.29
CA ALA B 80 31.28 28.73 -16.35
C ALA B 80 29.87 28.41 -16.87
N SER B 81 29.52 27.14 -16.93
CA SER B 81 28.16 26.78 -17.41
C SER B 81 27.11 26.94 -16.33
N SER B 82 25.86 26.83 -16.71
CA SER B 82 24.80 26.95 -15.78
C SER B 82 24.93 25.91 -14.68
N PHE B 83 25.06 24.65 -15.09
CA PHE B 83 25.26 23.54 -14.16
C PHE B 83 26.40 23.83 -13.14
N LYS B 84 27.52 24.36 -13.63
CA LYS B 84 28.65 24.67 -12.75
C LYS B 84 28.37 25.81 -11.75
N ILE B 85 27.74 26.86 -12.23
CA ILE B 85 27.49 27.96 -11.36
C ILE B 85 26.69 27.44 -10.19
N THR B 86 25.62 26.70 -10.50
CA THR B 86 24.74 26.12 -9.49
C THR B 86 25.40 25.12 -8.55
N ARG B 87 26.10 24.13 -9.09
CA ARG B 87 26.76 23.14 -8.26
C ARG B 87 27.97 23.67 -7.55
N GLY B 88 28.75 24.51 -8.24
CA GLY B 88 29.98 25.05 -7.68
C GLY B 88 29.67 25.91 -6.50
N ILE B 89 28.66 26.75 -6.63
CA ILE B 89 28.22 27.62 -5.55
C ILE B 89 27.57 26.81 -4.43
N GLU B 90 26.72 25.88 -4.78
CA GLU B 90 26.12 25.12 -3.72
C GLU B 90 26.99 24.06 -3.04
N ALA B 91 28.04 23.61 -3.73
CA ALA B 91 29.04 22.70 -3.10
C ALA B 91 29.75 23.36 -1.90
N VAL B 92 29.83 24.69 -1.88
CA VAL B 92 30.47 25.36 -0.74
C VAL B 92 29.50 26.01 0.25
N GLY B 93 28.21 25.85 0.01
CA GLY B 93 27.20 26.38 0.89
C GLY B 93 26.88 27.84 0.61
N GLY B 94 27.45 28.38 -0.46
CA GLY B 94 27.28 29.80 -0.76
C GLY B 94 25.97 30.21 -1.41
N LYS B 95 25.89 31.49 -1.76
CA LYS B 95 24.68 31.94 -2.44
C LYS B 95 24.96 33.07 -3.44
N LEU B 96 24.05 33.26 -4.38
CA LEU B 96 24.16 34.25 -5.42
C LEU B 96 22.80 34.89 -5.63
N SER B 97 22.67 36.20 -5.33
CA SER B 97 21.40 36.91 -5.51
C SER B 97 21.52 38.14 -6.41
N VAL B 98 20.39 38.55 -6.98
CA VAL B 98 20.29 39.79 -7.69
C VAL B 98 19.08 40.61 -7.32
N THR B 99 19.39 41.81 -6.81
CA THR B 99 18.44 42.75 -6.23
C THR B 99 18.35 43.97 -7.09
N SER B 100 17.13 44.23 -7.57
CA SER B 100 16.85 45.32 -8.45
C SER B 100 16.01 46.42 -7.80
N THR B 101 16.26 47.62 -8.26
CA THR B 101 15.66 48.85 -7.77
C THR B 101 15.41 49.60 -9.10
N ARG B 102 14.64 50.68 -9.11
CA ARG B 102 14.44 51.39 -10.39
C ARG B 102 15.78 51.99 -10.88
N GLU B 103 16.73 52.16 -9.97
CA GLU B 103 18.01 52.72 -10.37
C GLU B 103 19.04 51.73 -10.51
N ASN B 104 19.05 50.72 -9.67
CA ASN B 104 20.08 49.77 -9.84
C ASN B 104 19.89 48.29 -9.68
N MET B 105 20.93 47.53 -10.07
CA MET B 105 21.01 46.07 -9.90
C MET B 105 22.21 45.83 -9.03
N ALA B 106 22.08 44.84 -8.15
CA ALA B 106 23.11 44.47 -7.20
C ALA B 106 23.29 42.99 -7.21
N TYR B 107 24.46 42.53 -7.67
CA TYR B 107 24.78 41.12 -7.66
C TYR B 107 25.58 40.84 -6.44
N THR B 108 24.99 40.08 -5.56
CA THR B 108 25.60 39.74 -4.29
C THR B 108 25.90 38.22 -4.14
N VAL B 109 27.05 37.95 -3.56
CA VAL B 109 27.53 36.61 -3.37
C VAL B 109 28.03 36.43 -1.92
N GLU B 110 27.75 35.28 -1.31
CA GLU B 110 28.23 35.03 0.03
C GLU B 110 28.73 33.63 0.17
N CYS B 111 29.67 33.43 1.09
CA CYS B 111 30.28 32.17 1.32
C CYS B 111 31.27 32.30 2.49
N LEU B 112 31.82 31.20 2.96
CA LEU B 112 32.78 31.33 4.03
C LEU B 112 34.08 31.92 3.46
N ARG B 113 34.89 32.46 4.35
CA ARG B 113 36.18 33.10 4.06
C ARG B 113 37.02 32.37 2.98
N ASP B 114 37.21 31.08 3.16
CA ASP B 114 38.08 30.33 2.30
C ASP B 114 37.61 30.13 0.85
N ASP B 115 36.39 30.50 0.56
CA ASP B 115 35.85 30.25 -0.77
C ASP B 115 35.57 31.46 -1.57
N VAL B 116 36.03 32.63 -1.14
CA VAL B 116 35.72 33.84 -1.91
C VAL B 116 36.17 33.79 -3.38
N ASP B 117 37.25 33.11 -3.66
CA ASP B 117 37.81 33.07 -5.00
C ASP B 117 36.90 32.46 -6.01
N ILE B 118 36.38 31.28 -5.71
CA ILE B 118 35.47 30.66 -6.67
C ILE B 118 34.21 31.46 -6.77
N LEU B 119 33.73 31.99 -5.65
CA LEU B 119 32.55 32.85 -5.72
C LEU B 119 32.80 34.13 -6.47
N MET B 120 34.00 34.67 -6.32
CA MET B 120 34.36 35.86 -7.07
C MET B 120 34.31 35.58 -8.57
N GLU B 121 34.90 34.45 -8.96
CA GLU B 121 34.97 34.06 -10.34
C GLU B 121 33.57 33.77 -10.91
N PHE B 122 32.69 33.21 -10.11
CA PHE B 122 31.34 33.00 -10.60
C PHE B 122 30.71 34.36 -10.82
N LEU B 123 30.88 35.24 -9.84
CA LEU B 123 30.30 36.60 -9.91
C LEU B 123 30.74 37.33 -11.22
N LEU B 124 32.04 37.31 -11.51
CA LEU B 124 32.63 37.94 -12.69
C LEU B 124 32.12 37.39 -14.00
N ASN B 125 31.91 36.10 -14.02
CA ASN B 125 31.42 35.44 -15.18
C ASN B 125 29.95 35.85 -15.53
N VAL B 126 29.09 35.89 -14.51
CA VAL B 126 27.69 36.25 -14.64
C VAL B 126 27.51 37.66 -15.11
N THR B 127 28.28 38.59 -14.52
CA THR B 127 28.18 40.03 -14.81
C THR B 127 29.01 40.55 -15.94
N THR B 128 30.06 39.85 -16.38
CA THR B 128 30.89 40.35 -17.54
C THR B 128 31.06 39.37 -18.72
N ALA B 129 30.55 38.16 -18.59
CA ALA B 129 30.68 37.14 -19.61
C ALA B 129 29.41 36.26 -19.79
N PRO B 130 28.20 36.80 -19.62
CA PRO B 130 27.04 35.96 -19.83
C PRO B 130 26.97 35.65 -21.32
N GLU B 131 26.63 34.42 -21.69
CA GLU B 131 26.39 34.09 -23.07
C GLU B 131 24.87 34.33 -23.57
N PHE B 132 23.89 34.40 -22.68
CA PHE B 132 22.47 34.45 -23.13
C PHE B 132 22.19 33.50 -24.36
N ARG B 133 22.57 32.22 -24.24
CA ARG B 133 22.26 31.28 -25.29
C ARG B 133 20.73 31.31 -25.54
N ARG B 134 20.38 31.40 -26.80
CA ARG B 134 19.00 31.46 -27.29
C ARG B 134 18.00 30.47 -26.62
N TRP B 135 18.44 29.24 -26.36
CA TRP B 135 17.57 28.19 -25.78
C TRP B 135 17.48 28.31 -24.25
N GLU B 136 18.57 28.72 -23.62
CA GLU B 136 18.50 28.93 -22.19
C GLU B 136 17.60 30.11 -21.88
N VAL B 137 17.69 31.21 -22.65
CA VAL B 137 16.81 32.37 -22.40
C VAL B 137 15.36 32.09 -22.75
N ALA B 138 15.13 31.20 -23.71
CA ALA B 138 13.76 30.81 -24.07
C ALA B 138 13.13 30.01 -22.94
N ALA B 139 13.89 29.09 -22.33
CA ALA B 139 13.39 28.25 -21.23
C ALA B 139 13.06 29.06 -20.01
N LEU B 140 13.78 30.19 -19.85
CA LEU B 140 13.63 31.15 -18.75
C LEU B 140 12.43 32.08 -18.84
N GLN B 141 12.02 32.43 -20.03
CA GLN B 141 10.86 33.32 -20.17
C GLN B 141 9.68 33.05 -19.27
N PRO B 142 9.19 31.83 -19.15
CA PRO B 142 8.01 31.62 -18.29
C PRO B 142 8.31 31.94 -16.85
N GLN B 143 9.59 32.03 -16.42
CA GLN B 143 9.82 32.45 -15.02
C GLN B 143 9.41 33.89 -14.76
N LEU B 144 9.32 34.70 -15.81
CA LEU B 144 8.94 36.07 -15.66
C LEU B 144 7.50 36.11 -15.13
N ARG B 145 6.67 35.22 -15.65
CA ARG B 145 5.26 35.19 -15.25
C ARG B 145 5.07 34.70 -13.79
N ILE B 146 5.81 33.66 -13.40
CA ILE B 146 5.75 33.13 -12.03
C ILE B 146 6.31 34.18 -11.03
N ASP B 147 7.47 34.77 -11.39
CA ASP B 147 8.13 35.75 -10.56
C ASP B 147 7.21 36.97 -10.37
N LYS B 148 6.63 37.43 -11.44
CA LYS B 148 5.74 38.52 -11.31
C LYS B 148 4.49 38.10 -10.47
N ALA B 149 3.86 36.97 -10.77
CA ALA B 149 2.63 36.59 -10.02
C ALA B 149 2.91 36.54 -8.52
N VAL B 150 3.99 35.89 -8.11
CA VAL B 150 4.37 35.88 -6.67
C VAL B 150 4.44 37.31 -6.06
N ALA B 151 5.24 38.20 -6.62
CA ALA B 151 5.31 39.59 -6.11
C ALA B 151 3.98 40.34 -6.10
N LEU B 152 3.19 40.19 -7.12
CA LEU B 152 1.94 40.90 -7.17
C LEU B 152 0.85 40.25 -6.30
N GLN B 153 1.25 39.35 -5.42
CA GLN B 153 0.33 38.75 -4.49
C GLN B 153 0.09 39.74 -3.38
N ASN B 154 0.95 40.72 -3.29
CA ASN B 154 0.85 41.78 -2.30
C ASN B 154 0.30 42.99 -3.06
N PRO B 155 -0.84 43.52 -2.62
CA PRO B 155 -1.45 44.68 -3.30
C PRO B 155 -0.47 45.86 -3.31
N GLN B 156 0.36 45.96 -2.30
CA GLN B 156 1.34 46.99 -2.24
C GLN B 156 2.18 47.10 -3.51
N ALA B 157 2.61 45.99 -4.05
CA ALA B 157 3.47 46.05 -5.23
C ALA B 157 2.75 46.62 -6.44
N HIS B 158 1.51 46.25 -6.66
CA HIS B 158 0.78 46.83 -7.78
C HIS B 158 0.56 48.35 -7.58
N VAL B 159 0.16 48.71 -6.39
CA VAL B 159 -0.03 50.10 -6.08
C VAL B 159 1.24 50.93 -6.27
N ILE B 160 2.35 50.53 -5.67
CA ILE B 160 3.59 51.27 -5.88
C ILE B 160 3.98 51.29 -7.31
N GLU B 161 3.75 50.21 -8.07
CA GLU B 161 4.07 50.21 -9.53
C GLU B 161 3.14 51.15 -10.30
N ASN B 162 1.84 51.09 -10.06
CA ASN B 162 0.98 52.05 -10.77
C ASN B 162 1.34 53.46 -10.34
N LEU B 163 1.83 53.59 -9.10
CA LEU B 163 2.15 54.88 -8.54
C LEU B 163 3.20 55.57 -9.26
N HIS B 164 4.21 54.84 -9.68
CA HIS B 164 5.33 55.42 -10.36
C HIS B 164 4.98 55.60 -11.78
N ALA B 165 4.14 54.74 -12.33
CA ALA B 165 3.73 54.93 -13.75
C ALA B 165 2.95 56.21 -13.92
N ALA B 166 2.20 56.60 -12.90
CA ALA B 166 1.37 57.81 -12.97
C ALA B 166 2.23 59.01 -12.69
N ALA B 167 3.11 58.89 -11.73
CA ALA B 167 3.96 59.99 -11.38
C ALA B 167 4.90 60.40 -12.46
N TYR B 168 5.29 59.52 -13.38
CA TYR B 168 6.35 59.94 -14.35
C TYR B 168 6.06 59.72 -15.80
N ARG B 169 6.65 60.52 -16.67
CA ARG B 169 6.46 60.32 -18.10
C ARG B 169 7.35 59.21 -18.65
N ASN B 170 8.43 58.89 -17.95
CA ASN B 170 9.38 57.91 -18.46
C ASN B 170 10.28 57.37 -17.35
N ALA B 171 11.37 56.64 -17.73
CA ALA B 171 12.45 56.27 -16.77
C ALA B 171 11.98 55.67 -15.42
N LEU B 172 11.74 56.50 -14.42
CA LEU B 172 11.20 56.00 -13.13
C LEU B 172 9.78 55.42 -13.26
N ALA B 173 9.10 55.71 -14.35
CA ALA B 173 7.76 55.19 -14.56
C ALA B 173 7.72 53.69 -14.87
N ASN B 174 8.82 53.19 -15.35
CA ASN B 174 8.94 51.79 -15.70
C ASN B 174 8.70 50.93 -14.47
N SER B 175 8.15 49.77 -14.68
CA SER B 175 7.99 48.86 -13.58
C SER B 175 9.22 47.92 -13.34
N LEU B 176 9.30 47.35 -12.15
CA LEU B 176 10.32 46.41 -11.74
C LEU B 176 10.11 45.06 -12.38
N TYR B 177 8.89 44.84 -12.84
CA TYR B 177 8.48 43.57 -13.36
C TYR B 177 8.13 43.78 -14.78
N CYS B 178 8.36 42.76 -15.58
CA CYS B 178 8.09 42.78 -16.98
C CYS B 178 6.58 42.90 -17.29
N PRO B 179 6.24 43.83 -18.18
CA PRO B 179 4.82 43.94 -18.71
C PRO B 179 4.46 42.67 -19.37
N ASP B 180 3.25 42.17 -19.12
CA ASP B 180 2.78 40.90 -19.68
C ASP B 180 3.00 40.81 -21.17
N TYR B 181 2.66 41.86 -21.90
CA TYR B 181 2.83 41.75 -23.36
C TYR B 181 4.23 41.43 -23.78
N ARG B 182 5.23 41.72 -22.92
CA ARG B 182 6.62 41.46 -23.23
C ARG B 182 7.12 40.11 -22.80
N ILE B 183 6.35 39.39 -21.98
CA ILE B 183 6.75 38.06 -21.52
C ILE B 183 6.83 37.13 -22.73
N GLY B 184 7.96 36.44 -22.91
CA GLY B 184 8.16 35.60 -24.05
C GLY B 184 8.78 36.36 -25.21
N LYS B 185 8.86 37.68 -25.07
CA LYS B 185 9.30 38.61 -26.12
C LYS B 185 10.70 39.20 -25.98
N VAL B 186 11.22 39.25 -24.75
CA VAL B 186 12.55 39.77 -24.57
C VAL B 186 13.59 38.89 -25.24
N THR B 187 14.51 39.50 -26.02
CA THR B 187 15.47 38.70 -26.77
C THR B 187 16.87 38.66 -26.29
N PRO B 188 17.57 37.56 -26.59
CA PRO B 188 18.99 37.45 -26.33
C PRO B 188 19.72 38.70 -26.71
N VAL B 189 19.47 39.29 -27.89
CA VAL B 189 20.21 40.50 -28.24
C VAL B 189 19.98 41.67 -27.27
N GLU B 190 18.72 41.90 -26.89
CA GLU B 190 18.35 42.90 -25.82
C GLU B 190 19.12 42.69 -24.49
N LEU B 191 19.31 41.45 -24.10
CA LEU B 191 20.07 41.18 -22.88
C LEU B 191 21.55 41.48 -23.11
N HIS B 192 22.09 41.06 -24.26
CA HIS B 192 23.50 41.38 -24.59
C HIS B 192 23.61 42.88 -24.60
N ASP B 193 22.63 43.56 -25.22
CA ASP B 193 22.68 45.04 -25.31
C ASP B 193 22.55 45.76 -24.00
N TYR B 194 21.82 45.20 -23.06
CA TYR B 194 21.57 45.88 -21.82
C TYR B 194 22.79 45.78 -20.96
N VAL B 195 23.44 44.62 -21.03
CA VAL B 195 24.67 44.42 -20.27
C VAL B 195 25.76 45.25 -20.78
N GLN B 196 25.91 45.32 -22.08
CA GLN B 196 27.01 46.07 -22.56
C GLN B 196 26.80 47.56 -22.55
N ASN B 197 25.55 48.01 -22.67
CA ASN B 197 25.39 49.42 -22.55
C ASN B 197 25.24 49.99 -21.12
N HIS B 198 25.09 49.08 -20.15
CA HIS B 198 24.94 49.46 -18.75
C HIS B 198 25.94 48.84 -17.74
N PHE B 199 26.48 47.65 -18.00
CA PHE B 199 27.40 47.06 -17.00
C PHE B 199 28.83 47.49 -17.33
N THR B 200 29.07 48.79 -17.28
CA THR B 200 30.37 49.28 -17.58
C THR B 200 31.00 49.86 -16.40
N SER B 201 32.30 50.02 -16.52
CA SER B 201 33.14 50.48 -15.44
C SER B 201 32.68 51.71 -14.65
N ALA B 202 32.20 52.72 -15.34
CA ALA B 202 31.79 53.95 -14.65
C ALA B 202 30.41 53.90 -14.05
N ARG B 203 29.76 52.76 -14.12
CA ARG B 203 28.44 52.66 -13.58
C ARG B 203 28.43 51.59 -12.58
N MET B 204 29.61 51.23 -12.07
CA MET B 204 29.76 50.07 -11.17
C MET B 204 30.48 50.35 -9.87
N ALA B 205 30.22 49.51 -8.88
CA ALA B 205 30.88 49.64 -7.60
C ALA B 205 31.08 48.23 -7.09
N LEU B 206 32.31 47.89 -6.69
CA LEU B 206 32.58 46.54 -6.20
C LEU B 206 32.80 46.59 -4.70
N ILE B 207 31.85 46.07 -3.96
CA ILE B 207 31.91 46.16 -2.50
C ILE B 207 32.17 44.83 -1.95
N GLY B 208 33.04 44.78 -0.94
CA GLY B 208 33.41 43.52 -0.30
C GLY B 208 33.47 43.57 1.21
N LEU B 209 32.95 42.53 1.86
CA LEU B 209 33.02 42.40 3.32
C LEU B 209 33.71 41.13 3.63
N GLY B 210 34.73 41.18 4.46
CA GLY B 210 35.45 39.98 4.79
C GLY B 210 36.42 39.64 3.70
N VAL B 211 36.80 40.64 2.91
CA VAL B 211 37.85 40.50 1.86
C VAL B 211 38.81 41.68 1.94
N SER B 212 40.04 41.51 1.46
CA SER B 212 41.02 42.62 1.56
C SER B 212 40.93 43.57 0.39
N HIS B 213 41.37 44.81 0.62
CA HIS B 213 41.27 45.84 -0.41
C HIS B 213 42.07 45.54 -1.62
N PRO B 214 43.34 45.17 -1.44
CA PRO B 214 44.22 44.80 -2.54
C PRO B 214 43.63 43.63 -3.34
N VAL B 215 42.96 42.70 -2.67
CA VAL B 215 42.35 41.61 -3.38
C VAL B 215 41.18 42.15 -4.27
N LEU B 216 40.28 42.93 -3.70
CA LEU B 216 39.16 43.52 -4.49
C LEU B 216 39.73 44.44 -5.55
N LYS B 217 40.70 45.25 -5.15
CA LYS B 217 41.30 46.20 -6.06
C LYS B 217 41.91 45.48 -7.27
N GLN B 218 42.67 44.41 -7.02
CA GLN B 218 43.25 43.59 -8.07
C GLN B 218 42.16 43.03 -8.99
N VAL B 219 41.10 42.51 -8.39
CA VAL B 219 40.03 41.98 -9.16
C VAL B 219 39.44 43.07 -10.10
N ALA B 220 39.28 44.29 -9.61
CA ALA B 220 38.64 45.35 -10.41
C ALA B 220 39.44 45.77 -11.62
N GLU B 221 40.77 45.94 -11.40
CA GLU B 221 41.69 46.37 -12.39
C GLU B 221 41.86 45.26 -13.39
N GLN B 222 41.73 44.02 -12.92
CA GLN B 222 41.92 42.85 -13.77
C GLN B 222 40.67 42.53 -14.59
N PHE B 223 39.53 42.46 -13.92
CA PHE B 223 38.34 42.00 -14.59
C PHE B 223 37.18 42.99 -14.83
N LEU B 224 37.22 44.17 -14.21
CA LEU B 224 36.12 45.13 -14.35
C LEU B 224 36.44 46.40 -15.14
N ASN B 225 37.38 46.31 -16.06
CA ASN B 225 37.69 47.46 -16.87
C ASN B 225 36.99 47.41 -18.19
N ILE B 226 35.72 47.72 -18.18
CA ILE B 226 35.01 47.74 -19.41
C ILE B 226 34.23 48.94 -19.54
N ARG B 227 34.34 49.58 -20.66
CA ARG B 227 33.50 50.69 -20.91
C ARG B 227 33.25 50.85 -22.37
N GLY B 228 32.01 51.16 -22.71
CA GLY B 228 31.56 51.37 -24.08
C GLY B 228 30.04 51.49 -24.07
N GLY B 229 29.48 51.80 -22.91
CA GLY B 229 28.05 51.97 -22.80
C GLY B 229 27.62 53.44 -22.77
N LEU B 230 26.57 53.71 -22.02
CA LEU B 230 26.06 55.08 -21.86
C LEU B 230 26.67 55.65 -20.56
N GLY B 231 26.66 56.97 -20.38
CA GLY B 231 27.24 57.51 -19.16
C GLY B 231 26.35 58.36 -18.26
N LEU B 232 25.45 59.09 -18.90
CA LEU B 232 24.57 60.08 -18.26
C LEU B 232 23.72 59.57 -17.07
N SER B 233 22.50 60.11 -17.04
CA SER B 233 21.40 59.71 -16.15
C SER B 233 20.38 59.73 -17.27
N GLY B 234 20.86 59.20 -18.41
CA GLY B 234 20.22 59.17 -19.74
C GLY B 234 18.74 59.22 -19.89
N ALA B 235 18.15 60.13 -19.16
CA ALA B 235 16.74 60.29 -19.15
C ALA B 235 16.48 61.57 -18.42
N LYS B 236 16.68 61.53 -17.12
CA LYS B 236 16.23 62.59 -16.21
C LYS B 236 14.74 62.35 -16.13
N ALA B 237 14.32 61.88 -14.99
CA ALA B 237 12.95 61.53 -14.81
C ALA B 237 12.12 62.79 -14.86
N LYS B 238 11.13 62.85 -15.75
CA LYS B 238 10.26 64.03 -15.86
C LYS B 238 9.07 63.78 -14.97
N TYR B 239 9.00 64.38 -13.77
CA TYR B 239 7.80 64.19 -12.95
C TYR B 239 6.62 64.77 -13.66
N HIS B 240 5.47 64.12 -13.60
CA HIS B 240 4.36 64.59 -14.40
C HIS B 240 3.05 64.65 -13.60
N GLY B 241 2.67 63.56 -12.94
CA GLY B 241 1.52 63.59 -12.06
C GLY B 241 0.34 62.96 -12.70
N GLY B 242 -0.63 62.54 -11.89
CA GLY B 242 -1.80 61.90 -12.41
C GLY B 242 -2.20 60.74 -11.52
N GLU B 243 -3.19 59.96 -11.93
CA GLU B 243 -3.63 58.87 -11.09
C GLU B 243 -3.96 57.62 -11.88
N ILE B 244 -3.74 56.46 -11.27
CA ILE B 244 -4.08 55.19 -11.90
C ILE B 244 -4.97 54.45 -10.91
N ARG B 245 -6.10 53.98 -11.40
CA ARG B 245 -7.06 53.30 -10.53
C ARG B 245 -7.35 51.89 -10.98
N GLU B 246 -7.04 50.91 -10.13
CA GLU B 246 -7.38 49.53 -10.40
C GLU B 246 -8.50 49.00 -9.49
N GLN B 247 -9.70 48.83 -10.08
CA GLN B 247 -10.87 48.24 -9.43
C GLN B 247 -10.67 46.70 -9.40
N ASN B 248 -10.91 46.08 -8.26
CA ASN B 248 -10.71 44.66 -8.18
C ASN B 248 -11.42 43.89 -7.11
N GLY B 249 -12.19 44.55 -6.29
CA GLY B 249 -12.82 43.80 -5.20
C GLY B 249 -11.78 42.95 -4.40
N ASP B 250 -10.65 43.58 -3.96
CA ASP B 250 -9.80 43.00 -2.92
C ASP B 250 -10.72 43.44 -1.78
N SER B 251 -10.42 43.08 -0.53
CA SER B 251 -11.38 43.43 0.55
C SER B 251 -11.21 44.88 1.11
N LEU B 252 -9.98 45.32 1.06
CA LEU B 252 -9.56 46.59 1.56
C LEU B 252 -9.17 47.45 0.39
N VAL B 253 -9.21 48.76 0.56
CA VAL B 253 -8.71 49.60 -0.49
C VAL B 253 -7.28 49.98 -0.13
N HIS B 254 -6.37 49.81 -1.07
CA HIS B 254 -5.04 50.24 -0.82
C HIS B 254 -4.91 51.55 -1.60
N ALA B 255 -4.40 52.61 -0.97
CA ALA B 255 -4.17 53.82 -1.75
C ALA B 255 -2.90 54.57 -1.38
N ALA B 256 -2.24 55.16 -2.37
CA ALA B 256 -1.05 56.00 -2.10
C ALA B 256 -1.15 57.36 -2.79
N LEU B 257 -0.88 58.43 -2.03
CA LEU B 257 -0.99 59.82 -2.53
C LEU B 257 0.38 60.42 -2.39
N VAL B 258 0.89 61.02 -3.45
CA VAL B 258 2.25 61.46 -3.47
C VAL B 258 2.48 62.77 -4.21
N ALA B 259 3.59 63.49 -3.88
CA ALA B 259 4.04 64.65 -4.68
C ALA B 259 5.53 64.55 -4.88
N GLU B 260 6.04 65.26 -5.87
CA GLU B 260 7.48 65.31 -6.09
C GLU B 260 8.15 65.89 -4.86
N SER B 261 9.20 65.26 -4.39
CA SER B 261 9.95 65.71 -3.22
C SER B 261 11.45 65.83 -3.60
N ALA B 262 12.37 65.41 -2.73
CA ALA B 262 13.83 65.63 -3.01
C ALA B 262 14.70 64.45 -3.53
N ALA B 263 15.69 64.78 -4.37
CA ALA B 263 16.67 63.81 -4.89
C ALA B 263 17.58 63.30 -3.76
N ILE B 264 17.94 62.02 -3.77
CA ILE B 264 18.80 61.46 -2.71
C ILE B 264 20.03 62.34 -2.60
N GLY B 265 20.51 62.54 -1.39
CA GLY B 265 21.74 63.31 -1.26
C GLY B 265 21.59 64.81 -1.11
N SER B 266 20.43 65.38 -1.45
CA SER B 266 20.23 66.81 -1.19
C SER B 266 19.88 66.93 0.28
N ALA B 267 20.19 68.07 0.88
CA ALA B 267 19.87 68.31 2.27
C ALA B 267 18.35 68.25 2.46
N GLU B 268 17.61 68.63 1.44
CA GLU B 268 16.18 68.62 1.52
C GLU B 268 15.70 67.14 1.67
N ALA B 269 16.40 66.20 1.06
CA ALA B 269 15.98 64.82 1.19
C ALA B 269 15.96 64.49 2.63
N ASN B 270 16.97 64.96 3.38
CA ASN B 270 16.96 64.70 4.81
C ASN B 270 15.73 65.31 5.51
N ALA B 271 15.21 66.46 5.04
CA ALA B 271 13.98 67.04 5.67
C ALA B 271 12.80 66.11 5.45
N PHE B 272 12.75 65.54 4.24
CA PHE B 272 11.69 64.59 3.92
C PHE B 272 11.72 63.35 4.81
N SER B 273 12.94 62.83 5.04
CA SER B 273 13.10 61.69 5.87
C SER B 273 12.58 61.92 7.29
N VAL B 274 12.80 63.12 7.81
CA VAL B 274 12.34 63.47 9.15
C VAL B 274 10.86 63.77 9.13
N LEU B 275 10.36 64.31 8.04
CA LEU B 275 8.92 64.57 7.95
C LEU B 275 8.24 63.23 8.01
N GLN B 276 8.85 62.26 7.33
CA GLN B 276 8.36 60.91 7.32
C GLN B 276 8.25 60.36 8.75
N HIS B 277 9.22 60.57 9.60
CA HIS B 277 9.03 60.05 10.96
C HIS B 277 8.15 60.89 11.87
N VAL B 278 7.85 62.11 11.48
CA VAL B 278 6.98 62.89 12.28
C VAL B 278 5.60 62.26 12.06
N LEU B 279 5.26 62.10 10.78
CA LEU B 279 3.99 61.58 10.37
C LEU B 279 3.82 60.13 10.74
N GLY B 280 4.88 59.33 10.59
CA GLY B 280 4.86 57.92 10.95
C GLY B 280 5.18 56.98 9.82
N ALA B 281 5.97 55.95 10.08
CA ALA B 281 6.44 55.05 9.00
C ALA B 281 6.81 53.68 9.47
N GLY B 282 5.91 52.94 10.07
CA GLY B 282 6.28 51.63 10.53
C GLY B 282 6.11 51.59 12.03
N PRO B 283 5.65 50.45 12.53
CA PRO B 283 5.35 50.29 13.95
C PRO B 283 6.58 50.01 14.77
N HIS B 284 6.56 50.38 16.05
CA HIS B 284 7.68 50.14 16.93
C HIS B 284 7.37 49.08 17.98
N VAL B 285 6.09 48.91 18.29
CA VAL B 285 5.70 47.98 19.33
C VAL B 285 4.72 46.94 18.80
N LYS B 286 4.95 45.66 19.08
CA LYS B 286 4.05 44.59 18.64
C LYS B 286 2.67 44.83 19.14
N ARG B 287 1.75 45.06 18.21
CA ARG B 287 0.32 45.30 18.52
C ARG B 287 0.08 46.58 19.30
N GLY B 288 0.88 47.59 19.04
CA GLY B 288 0.71 48.85 19.73
C GLY B 288 -0.28 49.79 19.06
N SER B 289 -0.64 50.83 19.80
CA SER B 289 -1.58 51.87 19.37
C SER B 289 -0.94 52.93 18.44
N ASN B 290 0.38 52.95 18.42
CA ASN B 290 1.12 53.91 17.62
C ASN B 290 0.81 55.32 18.07
N ALA B 291 1.03 55.56 19.34
CA ALA B 291 0.73 56.84 19.95
C ALA B 291 1.47 58.02 19.36
N THR B 292 2.74 57.83 19.03
CA THR B 292 3.52 58.92 18.55
C THR B 292 3.46 59.10 17.05
N SER B 293 2.61 58.32 16.38
CA SER B 293 2.45 58.44 14.93
C SER B 293 1.32 59.40 14.72
N SER B 294 1.64 60.60 14.26
CA SER B 294 0.62 61.61 14.12
C SER B 294 -0.42 61.28 13.04
N LEU B 295 0.01 60.54 12.02
CA LEU B 295 -0.88 60.17 10.96
C LEU B 295 -1.91 59.16 11.41
N TYR B 296 -1.42 58.12 12.03
CA TYR B 296 -2.27 57.06 12.46
C TYR B 296 -3.28 57.61 13.37
N GLN B 297 -2.79 58.17 14.44
CA GLN B 297 -3.63 58.82 15.40
C GLN B 297 -4.64 59.82 14.88
N ALA B 298 -4.35 60.44 13.74
CA ALA B 298 -5.28 61.38 13.17
C ALA B 298 -6.37 60.67 12.37
N VAL B 299 -6.06 59.52 11.79
CA VAL B 299 -7.11 58.75 11.11
C VAL B 299 -7.94 58.03 12.17
N ALA B 300 -7.27 57.57 13.23
CA ALA B 300 -7.95 56.85 14.32
C ALA B 300 -9.09 57.66 14.92
N LYS B 301 -8.89 58.98 14.97
CA LYS B 301 -9.86 59.89 15.52
C LYS B 301 -11.25 59.68 14.94
N GLY B 302 -11.39 59.88 13.64
CA GLY B 302 -12.70 59.78 12.99
C GLY B 302 -13.00 58.47 12.29
N VAL B 303 -12.07 57.52 12.36
CA VAL B 303 -12.28 56.22 11.72
C VAL B 303 -12.21 55.09 12.70
N HIS B 304 -13.19 54.22 12.61
CA HIS B 304 -13.30 53.11 13.50
C HIS B 304 -13.33 51.78 12.69
N GLN B 305 -12.17 51.29 12.90
CA GLN B 305 -11.49 50.00 12.70
C GLN B 305 -10.70 49.61 11.47
N PRO B 306 -10.75 48.43 10.78
CA PRO B 306 -9.56 48.05 10.02
C PRO B 306 -9.03 49.21 9.23
N PHE B 307 -7.73 49.54 9.46
CA PHE B 307 -7.00 50.53 8.68
C PHE B 307 -5.47 50.63 8.97
N ASP B 308 -4.69 50.90 7.95
CA ASP B 308 -3.32 51.25 8.21
C ASP B 308 -2.98 52.59 7.49
N VAL B 309 -1.96 53.28 7.98
CA VAL B 309 -1.51 54.47 7.32
C VAL B 309 -0.08 54.62 7.60
N SER B 310 0.65 55.07 6.59
CA SER B 310 1.99 55.46 6.85
C SER B 310 2.55 56.42 5.80
N ALA B 311 3.51 57.21 6.24
CA ALA B 311 4.18 58.10 5.33
C ALA B 311 4.94 57.18 4.38
N PHE B 312 5.14 57.64 3.16
CA PHE B 312 5.83 56.90 2.12
C PHE B 312 6.92 57.86 1.65
N ASN B 313 8.11 57.35 1.40
CA ASN B 313 9.21 58.21 1.08
C ASN B 313 10.14 57.49 0.13
N ALA B 314 10.34 58.03 -1.05
CA ALA B 314 11.18 57.37 -2.02
C ALA B 314 11.98 58.43 -2.65
N SER B 315 13.29 58.38 -2.49
CA SER B 315 14.10 59.34 -3.14
C SER B 315 15.10 58.67 -4.11
N TYR B 316 15.26 59.28 -5.25
CA TYR B 316 16.09 58.72 -6.30
C TYR B 316 17.18 59.69 -6.77
N SER B 317 17.93 59.27 -7.77
CA SER B 317 19.03 60.07 -8.28
C SER B 317 18.63 61.49 -8.62
N ASP B 318 17.54 61.66 -9.36
CA ASP B 318 17.14 62.98 -9.91
C ASP B 318 15.66 63.34 -9.55
N SER B 319 15.11 62.67 -8.56
CA SER B 319 13.74 62.98 -8.18
C SER B 319 13.46 62.33 -6.90
N GLY B 320 12.22 62.42 -6.48
CA GLY B 320 11.77 61.79 -5.27
C GLY B 320 10.25 61.85 -5.17
N LEU B 321 9.63 60.87 -4.54
CA LEU B 321 8.19 60.86 -4.28
C LEU B 321 7.98 60.80 -2.75
N PHE B 322 7.12 61.68 -2.20
CA PHE B 322 6.78 61.62 -0.76
C PHE B 322 5.29 61.83 -0.56
N GLY B 323 4.70 61.08 0.36
CA GLY B 323 3.29 61.24 0.71
C GLY B 323 2.85 60.26 1.77
N PHE B 324 1.76 59.56 1.48
CA PHE B 324 1.28 58.54 2.39
C PHE B 324 0.58 57.41 1.68
N TYR B 325 0.43 56.30 2.42
CA TYR B 325 -0.18 55.08 1.97
C TYR B 325 -1.31 54.67 2.99
N THR B 326 -2.50 54.35 2.49
CA THR B 326 -3.59 53.97 3.38
C THR B 326 -4.15 52.65 2.95
N ILE B 327 -4.50 51.83 3.94
CA ILE B 327 -5.24 50.60 3.70
C ILE B 327 -6.52 50.77 4.53
N SER B 328 -7.67 50.59 3.91
CA SER B 328 -8.92 50.70 4.70
C SER B 328 -10.01 49.99 4.02
N GLN B 329 -11.07 49.75 4.75
CA GLN B 329 -12.29 49.16 4.19
C GLN B 329 -12.74 50.07 3.06
N ALA B 330 -13.28 49.49 2.02
CA ALA B 330 -13.73 50.23 0.82
C ALA B 330 -14.56 51.46 1.07
N ALA B 331 -15.47 51.39 2.01
CA ALA B 331 -16.39 52.53 2.22
C ALA B 331 -15.74 53.73 2.89
N SER B 332 -14.70 53.50 3.68
CA SER B 332 -14.04 54.63 4.36
C SER B 332 -12.67 55.05 3.81
N ALA B 333 -12.40 54.80 2.54
CA ALA B 333 -11.11 55.20 1.97
C ALA B 333 -11.07 56.71 1.89
N GLY B 334 -12.22 57.29 1.54
CA GLY B 334 -12.32 58.70 1.45
C GLY B 334 -12.03 59.30 2.79
N ASP B 335 -12.69 58.83 3.83
CA ASP B 335 -12.43 59.38 5.16
C ASP B 335 -10.97 59.25 5.57
N VAL B 336 -10.38 58.10 5.27
CA VAL B 336 -9.02 57.82 5.65
C VAL B 336 -8.01 58.70 4.90
N ILE B 337 -8.17 58.84 3.57
CA ILE B 337 -7.27 59.66 2.78
C ILE B 337 -7.40 61.13 3.18
N LYS B 338 -8.63 61.57 3.34
CA LYS B 338 -8.87 62.96 3.71
C LYS B 338 -8.41 63.32 5.14
N ALA B 339 -8.55 62.42 6.09
CA ALA B 339 -8.08 62.72 7.42
C ALA B 339 -6.55 62.80 7.37
N ALA B 340 -5.92 61.90 6.63
CA ALA B 340 -4.43 61.81 6.54
C ALA B 340 -3.81 63.02 5.85
N TYR B 341 -4.39 63.39 4.73
CA TYR B 341 -3.98 64.57 3.99
C TYR B 341 -4.14 65.77 4.95
N ASN B 342 -5.30 65.88 5.64
CA ASN B 342 -5.47 66.99 6.58
C ASN B 342 -4.36 67.04 7.64
N GLN B 343 -3.87 65.89 8.08
CA GLN B 343 -2.82 65.84 9.10
C GLN B 343 -1.51 66.44 8.55
N VAL B 344 -1.26 66.27 7.26
CA VAL B 344 -0.04 66.83 6.69
C VAL B 344 -0.24 68.32 6.52
N LYS B 345 -1.44 68.72 6.12
CA LYS B 345 -1.76 70.14 5.97
C LYS B 345 -1.58 70.86 7.27
N THR B 346 -1.93 70.19 8.36
CA THR B 346 -1.78 70.80 9.63
C THR B 346 -0.29 71.11 10.03
N ILE B 347 0.67 70.27 9.60
CA ILE B 347 2.10 70.52 9.87
C ILE B 347 2.73 71.47 8.82
N ALA B 348 2.15 71.54 7.63
CA ALA B 348 2.59 72.52 6.64
C ALA B 348 2.19 73.92 7.12
N GLN B 349 1.03 73.98 7.76
CA GLN B 349 0.51 75.20 8.25
C GLN B 349 1.28 75.66 9.49
N GLY B 350 2.33 74.91 9.86
CA GLY B 350 3.17 75.33 10.98
C GLY B 350 2.93 74.70 12.34
N ASN B 351 1.95 73.83 12.46
CA ASN B 351 1.67 73.23 13.76
C ASN B 351 2.52 71.99 14.04
N LEU B 352 3.75 72.25 14.45
CA LEU B 352 4.66 71.19 14.70
C LEU B 352 5.51 71.59 15.90
N SER B 353 5.65 70.71 16.86
CA SER B 353 6.43 71.04 18.03
C SER B 353 7.89 70.58 17.90
N ASN B 354 8.83 71.30 18.51
CA ASN B 354 10.22 70.86 18.47
C ASN B 354 10.43 69.42 19.00
N PRO B 355 9.83 69.10 20.15
CA PRO B 355 9.86 67.74 20.69
C PRO B 355 9.40 66.63 19.74
N ASP B 356 8.53 66.95 18.77
CA ASP B 356 8.13 65.95 17.78
C ASP B 356 9.23 65.79 16.74
N VAL B 357 9.73 66.90 16.22
CA VAL B 357 10.81 66.78 15.26
C VAL B 357 11.94 66.05 15.92
N GLN B 358 12.18 66.38 17.19
CA GLN B 358 13.27 65.76 17.95
C GLN B 358 13.06 64.24 18.05
N ALA B 359 11.85 63.82 18.45
CA ALA B 359 11.53 62.39 18.52
C ALA B 359 11.57 61.72 17.13
N ALA B 360 11.08 62.40 16.11
CA ALA B 360 11.12 61.83 14.76
C ALA B 360 12.63 61.69 14.40
N LYS B 361 13.43 62.66 14.80
CA LYS B 361 14.88 62.54 14.57
C LYS B 361 15.46 61.29 15.22
N ASN B 362 14.96 60.91 16.38
CA ASN B 362 15.52 59.73 17.02
C ASN B 362 15.10 58.41 16.38
N LYS B 363 13.97 58.36 15.69
CA LYS B 363 13.60 57.10 15.09
C LYS B 363 14.36 56.92 13.80
N LEU B 364 14.55 58.03 13.05
CA LEU B 364 15.33 58.01 11.81
C LEU B 364 16.72 57.58 12.11
N LYS B 365 17.33 58.27 13.04
CA LYS B 365 18.67 57.97 13.42
C LYS B 365 18.79 56.55 13.90
N ALA B 366 17.91 56.12 14.81
CA ALA B 366 18.01 54.75 15.36
C ALA B 366 17.78 53.74 14.27
N GLY B 367 16.80 54.01 13.43
CA GLY B 367 16.46 53.14 12.30
C GLY B 367 17.59 52.96 11.30
N TYR B 368 18.35 54.01 11.04
CA TYR B 368 19.45 53.92 10.07
C TYR B 368 20.54 53.08 10.69
N LEU B 369 20.84 53.37 11.92
CA LEU B 369 21.83 52.58 12.58
C LEU B 369 21.39 51.12 12.60
N MET B 370 20.11 50.86 12.84
CA MET B 370 19.64 49.48 12.86
C MET B 370 19.74 48.78 11.47
N SER B 371 19.39 49.50 10.42
CA SER B 371 19.45 48.95 9.10
C SER B 371 20.89 48.55 8.66
N VAL B 372 21.95 49.12 9.26
CA VAL B 372 23.32 48.70 8.85
C VAL B 372 23.99 47.80 9.87
N GLU B 373 23.19 47.24 10.75
CA GLU B 373 23.70 46.37 11.80
C GLU B 373 24.24 45.06 11.25
N SER B 374 23.54 44.50 10.28
CA SER B 374 23.98 43.23 9.71
C SER B 374 24.83 43.49 8.53
N SER B 375 25.55 42.48 8.08
CA SER B 375 26.43 42.66 6.94
C SER B 375 25.67 42.86 5.61
N GLU B 376 24.45 42.41 5.52
CA GLU B 376 23.77 42.57 4.29
C GLU B 376 23.18 43.96 4.12
N GLY B 377 22.79 44.59 5.23
CA GLY B 377 22.27 45.94 5.22
C GLY B 377 23.42 46.95 5.09
N PHE B 378 24.59 46.58 5.60
CA PHE B 378 25.79 47.39 5.47
C PHE B 378 26.25 47.34 4.02
N LEU B 379 26.34 46.14 3.47
CA LEU B 379 26.79 45.95 2.09
C LEU B 379 25.96 46.79 1.14
N ASP B 380 24.64 46.81 1.38
CA ASP B 380 23.72 47.50 0.51
C ASP B 380 23.87 48.99 0.69
N GLU B 381 24.05 49.41 1.93
CA GLU B 381 24.21 50.81 2.24
C GLU B 381 25.49 51.30 1.60
N VAL B 382 26.58 50.61 1.84
CA VAL B 382 27.82 51.01 1.19
C VAL B 382 27.71 50.96 -0.36
N GLY B 383 27.05 49.96 -0.90
CA GLY B 383 26.96 49.86 -2.35
C GLY B 383 26.14 50.96 -3.00
N SER B 384 24.98 51.26 -2.40
CA SER B 384 24.09 52.33 -2.91
C SER B 384 24.74 53.66 -2.74
N GLN B 385 25.44 53.85 -1.62
CA GLN B 385 26.20 55.08 -1.40
C GLN B 385 27.29 55.21 -2.45
N ALA B 386 27.88 54.10 -2.83
CA ALA B 386 28.99 54.19 -3.79
C ALA B 386 28.46 54.67 -5.16
N LEU B 387 27.30 54.15 -5.58
CA LEU B 387 26.68 54.52 -6.87
C LEU B 387 26.06 55.87 -6.86
N ALA B 388 25.27 56.16 -5.85
CA ALA B 388 24.57 57.46 -5.75
C ALA B 388 25.52 58.67 -5.55
N ALA B 389 26.45 58.53 -4.58
CA ALA B 389 27.31 59.65 -4.18
C ALA B 389 28.82 59.58 -4.48
N GLY B 390 29.32 58.40 -4.81
CA GLY B 390 30.74 58.28 -5.13
C GLY B 390 31.59 58.34 -3.91
N SER B 391 31.00 58.09 -2.74
CA SER B 391 31.80 58.08 -1.51
C SER B 391 31.18 57.24 -0.45
N TYR B 392 31.90 57.07 0.65
CA TYR B 392 31.35 56.42 1.82
C TYR B 392 31.15 57.49 2.86
N THR B 393 29.99 57.45 3.49
CA THR B 393 29.64 58.45 4.48
C THR B 393 29.34 57.67 5.73
N PRO B 394 30.13 57.84 6.77
CA PRO B 394 30.00 57.03 7.99
C PRO B 394 28.79 57.39 8.86
N PRO B 395 28.39 56.49 9.77
CA PRO B 395 27.28 56.73 10.69
C PRO B 395 27.30 58.07 11.46
N SER B 396 28.45 58.54 11.92
CA SER B 396 28.43 59.79 12.67
C SER B 396 28.10 61.03 11.84
N THR B 397 28.43 60.99 10.55
CA THR B 397 28.17 62.14 9.72
C THR B 397 26.78 62.06 9.11
N VAL B 398 26.26 60.86 8.96
CA VAL B 398 24.85 60.73 8.54
C VAL B 398 24.04 61.30 9.66
N LEU B 399 24.35 60.88 10.89
CA LEU B 399 23.64 61.36 12.06
C LEU B 399 23.70 62.89 12.15
N GLN B 400 24.91 63.41 11.98
CA GLN B 400 25.18 64.84 11.99
C GLN B 400 24.37 65.56 10.94
N GLN B 401 24.20 64.94 9.78
CA GLN B 401 23.40 65.50 8.66
C GLN B 401 21.89 65.54 8.97
N ILE B 402 21.44 64.52 9.69
CA ILE B 402 20.06 64.45 10.13
C ILE B 402 19.87 65.49 11.19
N ASP B 403 20.90 65.69 12.02
CA ASP B 403 20.80 66.67 13.09
C ASP B 403 20.61 68.09 12.58
N ALA B 404 21.23 68.41 11.44
CA ALA B 404 21.15 69.74 10.83
C ALA B 404 19.80 70.06 10.24
N VAL B 405 18.93 69.10 10.17
CA VAL B 405 17.60 69.40 9.70
C VAL B 405 16.90 70.26 10.78
N ALA B 406 16.32 71.39 10.37
CA ALA B 406 15.61 72.27 11.29
C ALA B 406 14.14 72.02 11.21
N ASP B 407 13.43 72.39 12.27
CA ASP B 407 12.00 72.29 12.30
C ASP B 407 11.40 72.91 11.07
N ALA B 408 11.97 74.05 10.68
CA ALA B 408 11.46 74.79 9.54
C ALA B 408 11.62 74.06 8.24
N ASP B 409 12.70 73.24 8.13
CA ASP B 409 12.93 72.44 6.91
C ASP B 409 11.79 71.42 6.76
N VAL B 410 11.45 70.75 7.87
CA VAL B 410 10.38 69.77 7.93
C VAL B 410 9.05 70.36 7.54
N ILE B 411 8.82 71.61 7.97
CA ILE B 411 7.60 72.33 7.64
C ILE B 411 7.58 72.63 6.14
N ASN B 412 8.73 73.06 5.61
CA ASN B 412 8.87 73.35 4.18
C ASN B 412 8.59 72.16 3.28
N ALA B 413 9.14 71.01 3.68
CA ALA B 413 8.93 69.72 3.00
C ALA B 413 7.43 69.45 3.02
N ALA B 414 6.83 69.52 4.19
CA ALA B 414 5.37 69.34 4.25
C ALA B 414 4.64 70.32 3.32
N LYS B 415 5.14 71.54 3.24
CA LYS B 415 4.50 72.57 2.42
C LYS B 415 4.63 72.19 0.96
N LYS B 416 5.76 71.63 0.62
CA LYS B 416 6.02 71.25 -0.78
C LYS B 416 5.07 70.16 -1.17
N PHE B 417 4.82 69.22 -0.29
CA PHE B 417 3.82 68.19 -0.56
C PHE B 417 2.42 68.78 -0.81
N VAL B 418 1.94 69.53 0.15
CA VAL B 418 0.58 70.08 0.08
C VAL B 418 0.29 70.87 -1.20
N SER B 419 1.26 71.67 -1.65
CA SER B 419 1.04 72.46 -2.84
C SER B 419 1.53 71.87 -4.18
N GLY B 420 2.18 70.71 -4.16
CA GLY B 420 2.66 70.14 -5.38
C GLY B 420 1.66 69.32 -6.13
N ARG B 421 1.83 69.24 -7.44
CA ARG B 421 0.95 68.45 -8.24
C ARG B 421 1.07 67.03 -7.70
N LYS B 422 -0.03 66.29 -7.65
CA LYS B 422 -0.01 64.97 -7.05
C LYS B 422 -0.07 63.82 -8.04
N SER B 423 0.22 62.63 -7.49
CA SER B 423 0.09 61.34 -8.17
C SER B 423 -0.62 60.43 -7.21
N MET B 424 -1.53 59.57 -7.71
CA MET B 424 -2.23 58.63 -6.85
C MET B 424 -2.36 57.34 -7.58
N ALA B 425 -2.28 56.24 -6.82
CA ALA B 425 -2.63 54.91 -7.30
C ALA B 425 -3.56 54.30 -6.21
N ALA B 426 -4.48 53.44 -6.60
CA ALA B 426 -5.35 52.81 -5.62
C ALA B 426 -5.90 51.56 -6.21
N SER B 427 -6.07 50.53 -5.41
CA SER B 427 -6.68 49.33 -5.92
C SER B 427 -7.71 48.85 -4.95
N GLY B 428 -8.78 48.27 -5.42
CA GLY B 428 -9.79 47.76 -4.52
C GLY B 428 -11.13 48.14 -5.07
N ASN B 429 -12.17 48.08 -4.24
CA ASN B 429 -13.44 48.56 -4.64
C ASN B 429 -13.38 50.06 -4.46
N LEU B 430 -13.25 50.78 -5.57
CA LEU B 430 -13.05 52.23 -5.52
C LEU B 430 -14.27 53.13 -5.40
N GLY B 431 -15.47 52.55 -5.38
CA GLY B 431 -16.67 53.34 -5.27
C GLY B 431 -16.63 54.52 -4.31
N HIS B 432 -15.75 54.49 -3.32
CA HIS B 432 -15.67 55.58 -2.35
C HIS B 432 -14.31 56.18 -2.19
N THR B 433 -13.43 55.96 -3.15
CA THR B 433 -12.07 56.52 -3.13
C THR B 433 -11.99 57.77 -3.95
N PRO B 434 -11.67 58.90 -3.35
CA PRO B 434 -11.62 60.16 -4.08
C PRO B 434 -10.58 60.18 -5.18
N PHE B 435 -10.91 60.87 -6.29
CA PHE B 435 -9.97 61.14 -7.38
C PHE B 435 -9.08 62.24 -6.81
N ILE B 436 -8.09 62.70 -7.56
CA ILE B 436 -7.22 63.80 -7.03
C ILE B 436 -7.95 65.11 -6.83
N ASP B 437 -8.70 65.52 -7.83
CA ASP B 437 -9.45 66.76 -7.71
C ASP B 437 -10.45 66.73 -6.61
N GLU B 438 -10.83 65.59 -6.11
CA GLU B 438 -11.79 65.58 -5.02
C GLU B 438 -11.12 65.69 -3.64
N LEU B 439 -9.79 65.82 -3.60
CA LEU B 439 -9.06 65.87 -2.32
C LEU B 439 -9.02 67.21 -1.58
N ASN C 3 11.67 2.08 -7.88
CA ASN C 3 11.26 2.96 -9.02
C ASN C 3 9.92 2.75 -9.67
N ILE C 4 9.70 3.20 -10.92
CA ILE C 4 8.28 3.33 -11.13
C ILE C 4 7.51 2.41 -12.07
N ARG C 5 6.54 1.98 -11.25
CA ARG C 5 5.43 1.14 -11.53
C ARG C 5 4.49 1.83 -12.47
N LYS C 6 4.54 3.16 -12.47
CA LYS C 6 3.56 3.92 -13.23
C LYS C 6 3.89 4.15 -14.70
N SER C 7 5.18 4.25 -15.02
CA SER C 7 5.65 4.59 -16.38
C SER C 7 5.90 3.41 -17.31
N HIS C 8 6.50 2.37 -16.77
CA HIS C 8 6.79 1.18 -17.54
C HIS C 8 5.50 0.68 -18.18
N PRO C 9 5.50 0.59 -19.50
CA PRO C 9 4.35 0.11 -20.27
C PRO C 9 3.73 -1.16 -19.73
N LEU C 10 4.52 -2.01 -19.11
CA LEU C 10 4.00 -3.25 -18.55
C LEU C 10 3.50 -3.12 -17.10
N MET C 11 4.35 -2.68 -16.17
CA MET C 11 3.94 -2.59 -14.77
C MET C 11 2.81 -1.61 -14.54
N LYS C 12 2.66 -0.69 -15.49
CA LYS C 12 1.57 0.26 -15.49
C LYS C 12 0.26 -0.48 -15.54
N ILE C 13 0.19 -1.56 -16.31
CA ILE C 13 -1.01 -2.35 -16.31
C ILE C 13 -1.20 -3.00 -14.97
N VAL C 14 -0.13 -3.57 -14.44
CA VAL C 14 -0.21 -4.23 -13.16
C VAL C 14 -0.68 -3.25 -12.08
N ASN C 15 -0.04 -2.09 -12.04
CA ASN C 15 -0.33 -1.06 -11.06
C ASN C 15 -1.74 -0.58 -11.11
N ASN C 16 -2.25 -0.43 -12.32
CA ASN C 16 -3.58 0.06 -12.52
C ASN C 16 -4.64 -1.00 -12.26
N ALA C 17 -4.21 -2.26 -12.22
CA ALA C 17 -5.12 -3.39 -11.95
C ALA C 17 -5.04 -3.95 -10.52
N PHE C 18 -3.88 -3.88 -9.88
CA PHE C 18 -3.70 -4.52 -8.57
C PHE C 18 -3.05 -3.67 -7.51
N ILE C 19 -2.55 -2.50 -7.84
CA ILE C 19 -1.86 -1.74 -6.82
C ILE C 19 -2.47 -0.40 -6.46
N ASP C 20 -2.76 0.41 -7.46
CA ASP C 20 -3.28 1.74 -7.20
C ASP C 20 -4.73 1.85 -7.55
N LEU C 21 -5.27 0.82 -8.14
CA LEU C 21 -6.68 0.84 -8.44
C LEU C 21 -7.42 1.30 -7.20
N PRO C 22 -8.18 2.38 -7.34
CA PRO C 22 -9.05 2.84 -6.22
C PRO C 22 -10.17 1.82 -6.07
N ALA C 23 -10.44 1.34 -4.85
CA ALA C 23 -11.49 0.36 -4.63
C ALA C 23 -12.30 0.76 -3.36
N PRO C 24 -13.54 0.30 -3.26
CA PRO C 24 -14.42 0.75 -2.19
C PRO C 24 -13.87 0.30 -0.91
N SER C 25 -13.92 1.18 0.05
CA SER C 25 -13.42 0.86 1.37
C SER C 25 -14.22 -0.25 1.96
N ASN C 26 -15.45 -0.41 1.47
CA ASN C 26 -16.41 -1.34 2.10
C ASN C 26 -16.74 -2.67 1.42
N ILE C 27 -16.05 -3.04 0.32
CA ILE C 27 -16.39 -4.33 -0.29
C ILE C 27 -16.21 -5.45 0.65
N SER C 28 -17.18 -6.36 0.60
CA SER C 28 -17.30 -7.49 1.48
C SER C 28 -16.60 -8.76 0.96
N SER C 29 -16.67 -9.80 1.79
CA SER C 29 -16.17 -11.15 1.48
C SER C 29 -16.77 -11.67 0.21
N TRP C 30 -18.00 -11.25 -0.04
CA TRP C 30 -18.66 -11.60 -1.25
C TRP C 30 -17.88 -11.13 -2.48
N TRP C 31 -17.05 -10.11 -2.33
CA TRP C 31 -16.28 -9.61 -3.42
C TRP C 31 -14.98 -10.41 -3.68
N ASN C 32 -14.62 -11.33 -2.76
CA ASN C 32 -13.41 -12.15 -2.89
C ASN C 32 -13.45 -13.17 -4.05
N PHE C 33 -14.67 -13.55 -4.46
CA PHE C 33 -14.83 -14.61 -5.46
C PHE C 33 -14.25 -14.41 -6.85
N GLY C 34 -14.16 -13.17 -7.30
CA GLY C 34 -13.60 -12.90 -8.61
C GLY C 34 -12.12 -13.28 -8.69
N SER C 35 -11.37 -12.97 -7.65
CA SER C 35 -9.97 -13.33 -7.60
C SER C 35 -9.88 -14.85 -7.35
N LEU C 36 -10.85 -15.40 -6.61
CA LEU C 36 -10.87 -16.84 -6.40
C LEU C 36 -11.19 -17.58 -7.68
N LEU C 37 -11.99 -16.96 -8.56
CA LEU C 37 -12.29 -17.54 -9.85
C LEU C 37 -11.01 -17.53 -10.69
N GLY C 38 -10.12 -16.56 -10.45
CA GLY C 38 -8.88 -16.43 -11.21
C GLY C 38 -7.91 -17.48 -10.75
N ILE C 39 -7.85 -17.63 -9.43
CA ILE C 39 -7.05 -18.67 -8.82
C ILE C 39 -7.55 -20.05 -9.30
N CYS C 40 -8.87 -20.23 -9.38
CA CYS C 40 -9.42 -21.48 -9.85
C CYS C 40 -8.95 -21.82 -11.25
N LEU C 41 -8.92 -20.80 -12.12
CA LEU C 41 -8.59 -20.98 -13.49
C LEU C 41 -7.14 -21.34 -13.60
N ILE C 42 -6.29 -20.65 -12.84
CA ILE C 42 -4.90 -20.98 -12.85
C ILE C 42 -4.71 -22.39 -12.28
N LEU C 43 -5.43 -22.72 -11.19
CA LEU C 43 -5.34 -24.04 -10.59
C LEU C 43 -5.65 -25.09 -11.62
N GLN C 44 -6.81 -24.98 -12.26
CA GLN C 44 -7.21 -25.90 -13.31
C GLN C 44 -6.14 -25.98 -14.40
N ILE C 45 -5.56 -24.84 -14.72
CA ILE C 45 -4.54 -24.81 -15.79
C ILE C 45 -3.29 -25.59 -15.49
N LEU C 46 -2.71 -25.40 -14.31
CA LEU C 46 -1.47 -26.12 -13.90
C LEU C 46 -1.65 -27.63 -13.76
N THR C 47 -2.58 -28.05 -12.88
CA THR C 47 -2.89 -29.45 -12.70
C THR C 47 -3.41 -30.03 -13.99
N GLY C 48 -4.32 -29.33 -14.64
CA GLY C 48 -4.78 -29.79 -15.93
C GLY C 48 -3.58 -30.20 -16.79
N LEU C 49 -2.68 -29.24 -17.04
CA LEU C 49 -1.50 -29.48 -17.83
C LEU C 49 -0.70 -30.75 -17.41
N PHE C 50 -0.31 -30.85 -16.14
CA PHE C 50 0.46 -32.02 -15.71
C PHE C 50 -0.30 -33.34 -15.94
N LEU C 51 -1.62 -33.31 -15.80
CA LEU C 51 -2.40 -34.48 -16.14
C LEU C 51 -2.25 -34.79 -17.66
N ALA C 52 -2.11 -33.75 -18.49
CA ALA C 52 -1.98 -33.93 -19.95
C ALA C 52 -0.65 -34.53 -20.37
N MET C 53 0.34 -34.47 -19.46
CA MET C 53 1.64 -35.04 -19.73
C MET C 53 1.60 -36.57 -19.56
N HIS C 54 0.46 -37.09 -19.12
CA HIS C 54 0.33 -38.51 -18.85
C HIS C 54 -0.96 -39.15 -19.33
N TYR C 55 -1.97 -38.35 -19.64
CA TYR C 55 -3.26 -38.90 -20.11
C TYR C 55 -3.12 -39.19 -21.59
N THR C 56 -3.92 -40.15 -22.08
CA THR C 56 -3.95 -40.47 -23.50
C THR C 56 -5.41 -40.47 -23.95
N SER C 57 -5.65 -39.88 -25.12
CA SER C 57 -7.01 -39.63 -25.63
C SER C 57 -7.69 -40.70 -26.48
N ASP C 58 -7.14 -41.90 -26.51
CA ASP C 58 -7.77 -42.98 -27.28
C ASP C 58 -8.73 -43.78 -26.44
N THR C 59 -9.81 -44.20 -27.08
CA THR C 59 -10.91 -44.97 -26.45
C THR C 59 -10.48 -46.13 -25.53
N THR C 60 -9.50 -46.88 -25.99
CA THR C 60 -8.96 -48.01 -25.27
C THR C 60 -8.25 -47.56 -23.99
N THR C 61 -7.12 -46.89 -24.16
CA THR C 61 -6.27 -46.52 -23.03
C THR C 61 -6.68 -45.29 -22.20
N ALA C 62 -7.79 -44.64 -22.55
CA ALA C 62 -8.24 -43.44 -21.81
C ALA C 62 -8.45 -43.69 -20.31
N PHE C 63 -9.41 -44.57 -19.99
CA PHE C 63 -9.73 -44.92 -18.61
C PHE C 63 -8.47 -45.42 -17.93
N SER C 64 -7.66 -46.18 -18.69
CA SER C 64 -6.44 -46.76 -18.17
C SER C 64 -5.35 -45.77 -17.83
N SER C 65 -5.11 -44.81 -18.71
CA SER C 65 -4.06 -43.83 -18.47
C SER C 65 -4.31 -43.02 -17.22
N VAL C 66 -5.58 -42.70 -16.96
CA VAL C 66 -5.96 -41.98 -15.76
C VAL C 66 -5.58 -42.80 -14.51
N THR C 67 -5.77 -44.13 -14.59
CA THR C 67 -5.39 -44.99 -13.46
C THR C 67 -3.88 -45.10 -13.37
N HIS C 68 -3.23 -45.06 -14.52
CA HIS C 68 -1.79 -45.02 -14.55
C HIS C 68 -1.30 -43.84 -13.69
N ILE C 69 -1.99 -42.68 -13.83
CA ILE C 69 -1.68 -41.46 -13.11
C ILE C 69 -1.91 -41.63 -11.60
N CYS C 70 -3.05 -42.19 -11.23
CA CYS C 70 -3.39 -42.34 -9.83
C CYS C 70 -2.58 -43.40 -9.10
N ARG C 71 -1.99 -44.34 -9.83
CA ARG C 71 -1.25 -45.42 -9.18
C ARG C 71 0.24 -45.36 -9.45
N ASP C 72 0.60 -45.15 -10.72
CA ASP C 72 1.98 -45.17 -11.13
C ASP C 72 2.74 -43.87 -11.08
N VAL C 73 2.22 -42.84 -11.75
CA VAL C 73 2.91 -41.54 -11.77
C VAL C 73 3.00 -40.82 -10.46
N ASN C 74 4.22 -40.48 -10.09
CA ASN C 74 4.47 -39.81 -8.84
C ASN C 74 3.52 -38.70 -8.58
N TYR C 75 2.77 -38.84 -7.50
CA TYR C 75 1.83 -37.83 -7.05
C TYR C 75 0.74 -37.49 -8.03
N GLY C 76 0.53 -38.32 -9.02
CA GLY C 76 -0.55 -38.07 -9.95
C GLY C 76 -1.88 -38.01 -9.18
N TRP C 77 -2.07 -38.91 -8.21
CA TRP C 77 -3.31 -38.90 -7.45
C TRP C 77 -3.63 -37.53 -6.87
N ILE C 78 -2.63 -36.87 -6.28
CA ILE C 78 -2.90 -35.57 -5.69
C ILE C 78 -3.22 -34.52 -6.75
N ILE C 79 -2.54 -34.62 -7.88
CA ILE C 79 -2.76 -33.70 -8.99
C ILE C 79 -4.13 -33.97 -9.63
N ARG C 80 -4.47 -35.24 -9.80
CA ARG C 80 -5.75 -35.59 -10.40
C ARG C 80 -6.94 -35.10 -9.52
N TYR C 81 -6.81 -35.24 -8.21
CA TYR C 81 -7.90 -34.87 -7.30
C TYR C 81 -8.06 -33.40 -7.17
N MET C 82 -6.93 -32.67 -7.26
CA MET C 82 -6.96 -31.22 -7.18
C MET C 82 -7.69 -30.74 -8.41
N HIS C 83 -7.40 -31.34 -9.57
CA HIS C 83 -8.11 -30.97 -10.79
C HIS C 83 -9.64 -31.16 -10.60
N ALA C 84 -10.06 -32.39 -10.33
CA ALA C 84 -11.50 -32.74 -10.10
C ALA C 84 -12.17 -31.85 -9.05
N ASN C 85 -11.57 -31.78 -7.87
CA ASN C 85 -12.12 -30.93 -6.84
C ASN C 85 -12.01 -29.42 -7.15
N GLY C 86 -11.07 -29.07 -8.03
CA GLY C 86 -10.89 -27.70 -8.46
C GLY C 86 -12.05 -27.30 -9.35
N ALA C 87 -12.56 -28.27 -10.11
CA ALA C 87 -13.70 -28.03 -11.01
C ALA C 87 -14.95 -27.73 -10.23
N SER C 88 -15.08 -28.38 -9.08
CA SER C 88 -16.23 -28.16 -8.23
C SER C 88 -16.16 -26.80 -7.59
N MET C 89 -14.97 -26.46 -7.05
CA MET C 89 -14.73 -25.16 -6.42
C MET C 89 -15.01 -24.05 -7.40
N PHE C 90 -14.52 -24.21 -8.64
CA PHE C 90 -14.74 -23.24 -9.72
C PHE C 90 -16.23 -22.93 -9.84
N PHE C 91 -17.08 -23.97 -9.79
CA PHE C 91 -18.53 -23.77 -9.84
C PHE C 91 -19.06 -23.18 -8.56
N ILE C 92 -18.44 -23.56 -7.43
CA ILE C 92 -18.91 -23.00 -6.20
C ILE C 92 -18.69 -21.51 -6.33
N CYS C 93 -17.51 -21.13 -6.83
CA CYS C 93 -17.24 -19.74 -6.97
C CYS C 93 -18.12 -19.05 -8.00
N LEU C 94 -18.32 -19.64 -9.18
CA LEU C 94 -19.23 -19.03 -10.15
C LEU C 94 -20.58 -18.67 -9.46
N TYR C 95 -21.14 -19.64 -8.77
CA TYR C 95 -22.43 -19.49 -8.13
C TYR C 95 -22.49 -18.31 -7.13
N MET C 96 -21.56 -18.27 -6.19
CA MET C 96 -21.49 -17.17 -5.24
C MET C 96 -21.36 -15.81 -6.01
N HIS C 97 -20.40 -15.76 -6.97
CA HIS C 97 -20.08 -14.59 -7.78
C HIS C 97 -21.30 -14.09 -8.52
N VAL C 98 -22.05 -15.00 -9.14
CA VAL C 98 -23.27 -14.61 -9.84
C VAL C 98 -24.37 -14.20 -8.84
N GLY C 99 -24.41 -14.85 -7.69
CA GLY C 99 -25.40 -14.50 -6.68
C GLY C 99 -25.14 -13.10 -6.11
N ARG C 100 -23.85 -12.84 -5.81
CA ARG C 100 -23.38 -11.56 -5.30
C ARG C 100 -23.83 -10.44 -6.31
N GLY C 101 -23.60 -10.64 -7.58
CA GLY C 101 -24.03 -9.68 -8.58
C GLY C 101 -25.53 -9.42 -8.60
N LEU C 102 -26.32 -10.47 -8.45
CA LEU C 102 -27.78 -10.30 -8.40
C LEU C 102 -28.22 -9.52 -7.19
N TYR C 103 -27.87 -10.04 -6.01
CA TYR C 103 -28.26 -9.43 -4.77
C TYR C 103 -27.89 -7.95 -4.76
N TYR C 104 -26.63 -7.65 -5.08
CA TYR C 104 -26.12 -6.29 -4.99
C TYR C 104 -26.31 -5.41 -6.20
N GLY C 105 -27.05 -5.87 -7.19
CA GLY C 105 -27.30 -5.07 -8.40
C GLY C 105 -26.10 -4.90 -9.36
N SER C 106 -25.01 -5.62 -9.12
CA SER C 106 -23.81 -5.46 -9.93
C SER C 106 -24.01 -5.66 -11.41
N TYR C 107 -25.08 -6.31 -11.79
CA TYR C 107 -25.37 -6.55 -13.21
C TYR C 107 -25.63 -5.28 -13.96
N THR C 108 -25.72 -4.17 -13.24
CA THR C 108 -26.00 -2.92 -13.89
C THR C 108 -24.79 -2.45 -14.71
N PHE C 109 -23.62 -3.04 -14.45
CA PHE C 109 -22.43 -2.83 -15.31
C PHE C 109 -22.70 -3.76 -16.48
N LEU C 110 -23.47 -3.29 -17.46
CA LEU C 110 -23.89 -4.16 -18.57
C LEU C 110 -22.82 -5.03 -19.18
N GLU C 111 -21.79 -4.39 -19.72
CA GLU C 111 -20.75 -5.12 -20.41
C GLU C 111 -20.07 -6.14 -19.56
N THR C 112 -19.67 -5.76 -18.36
CA THR C 112 -18.94 -6.73 -17.62
C THR C 112 -19.80 -7.89 -17.20
N TRP C 113 -21.08 -7.63 -16.96
CA TRP C 113 -22.02 -8.71 -16.58
C TRP C 113 -22.23 -9.61 -17.81
N ASN C 114 -22.49 -9.02 -18.96
CA ASN C 114 -22.64 -9.82 -20.17
C ASN C 114 -21.43 -10.68 -20.46
N ILE C 115 -20.23 -10.17 -20.22
CA ILE C 115 -19.03 -10.95 -20.41
C ILE C 115 -19.01 -12.12 -19.41
N GLY C 116 -19.42 -11.82 -18.18
CA GLY C 116 -19.53 -12.87 -17.18
C GLY C 116 -20.39 -14.06 -17.64
N VAL C 117 -21.51 -13.78 -18.28
CA VAL C 117 -22.40 -14.86 -18.75
C VAL C 117 -21.63 -15.72 -19.75
N ILE C 118 -20.92 -15.06 -20.65
CA ILE C 118 -20.11 -15.76 -21.60
C ILE C 118 -19.11 -16.61 -20.82
N LEU C 119 -18.42 -16.00 -19.84
CA LEU C 119 -17.51 -16.78 -19.01
C LEU C 119 -18.24 -17.94 -18.32
N LEU C 120 -19.48 -17.76 -17.97
CA LEU C 120 -20.20 -18.87 -17.35
C LEU C 120 -20.38 -20.04 -18.33
N LEU C 121 -20.89 -19.73 -19.54
CA LEU C 121 -21.14 -20.76 -20.53
C LEU C 121 -19.82 -21.45 -20.96
N THR C 122 -18.76 -20.65 -21.06
CA THR C 122 -17.48 -21.19 -21.45
C THR C 122 -16.97 -22.20 -20.45
N VAL C 123 -17.06 -21.92 -19.16
CA VAL C 123 -16.60 -22.90 -18.20
C VAL C 123 -17.50 -24.13 -18.11
N MET C 124 -18.79 -23.93 -18.36
CA MET C 124 -19.70 -25.07 -18.32
C MET C 124 -19.36 -25.96 -19.50
N ALA C 125 -19.06 -25.33 -20.65
CA ALA C 125 -18.68 -26.09 -21.83
C ALA C 125 -17.43 -26.79 -21.47
N THR C 126 -16.51 -26.10 -20.85
CA THR C 126 -15.23 -26.70 -20.51
C THR C 126 -15.37 -27.90 -19.59
N ALA C 127 -16.13 -27.75 -18.50
CA ALA C 127 -16.26 -28.83 -17.52
C ALA C 127 -16.92 -30.07 -18.10
N PHE C 128 -17.97 -29.86 -18.90
CA PHE C 128 -18.58 -30.95 -19.63
C PHE C 128 -17.51 -31.75 -20.39
N MET C 129 -16.80 -31.14 -21.34
CA MET C 129 -15.78 -31.89 -22.10
C MET C 129 -14.80 -32.59 -21.19
N GLY C 130 -14.42 -31.92 -20.11
CA GLY C 130 -13.51 -32.48 -19.16
C GLY C 130 -14.01 -33.78 -18.61
N TYR C 131 -15.22 -33.76 -18.03
CA TYR C 131 -15.79 -34.92 -17.38
C TYR C 131 -15.86 -36.19 -18.24
N VAL C 132 -16.00 -36.00 -19.54
CA VAL C 132 -16.10 -37.11 -20.46
C VAL C 132 -14.77 -37.84 -20.60
N LEU C 133 -13.70 -37.07 -20.52
CA LEU C 133 -12.32 -37.56 -20.71
C LEU C 133 -11.88 -38.96 -20.16
N PRO C 134 -12.24 -39.34 -18.93
CA PRO C 134 -11.82 -40.64 -18.39
C PRO C 134 -12.63 -41.83 -18.93
N TRP C 135 -13.63 -41.54 -19.77
CA TRP C 135 -14.42 -42.57 -20.44
C TRP C 135 -15.07 -43.57 -19.50
N GLY C 136 -15.55 -43.09 -18.36
CA GLY C 136 -16.25 -43.91 -17.39
C GLY C 136 -17.68 -44.04 -17.85
N GLN C 137 -18.48 -44.79 -17.08
CA GLN C 137 -19.89 -44.95 -17.39
C GLN C 137 -20.61 -43.59 -17.42
N MET C 138 -20.51 -42.82 -16.34
CA MET C 138 -21.21 -41.53 -16.33
C MET C 138 -20.61 -40.59 -17.35
N SER C 139 -19.29 -40.58 -17.45
CA SER C 139 -18.62 -39.78 -18.45
C SER C 139 -19.31 -40.07 -19.81
N PHE C 140 -19.42 -41.35 -20.16
CA PHE C 140 -20.05 -41.73 -21.43
C PHE C 140 -21.54 -41.37 -21.54
N TRP C 141 -22.34 -41.77 -20.55
CA TRP C 141 -23.78 -41.52 -20.61
C TRP C 141 -24.14 -40.03 -20.42
N GLY C 142 -23.41 -39.38 -19.53
CA GLY C 142 -23.55 -37.97 -19.38
C GLY C 142 -23.24 -37.35 -20.73
N ALA C 143 -22.11 -37.78 -21.36
CA ALA C 143 -21.74 -37.27 -22.66
C ALA C 143 -22.86 -37.53 -23.66
N THR C 144 -23.52 -38.65 -23.52
CA THR C 144 -24.61 -39.00 -24.43
C THR C 144 -25.86 -38.14 -24.21
N VAL C 145 -26.18 -37.86 -22.96
CA VAL C 145 -27.37 -37.08 -22.67
C VAL C 145 -27.24 -35.67 -23.18
N ILE C 146 -26.24 -34.98 -22.66
CA ILE C 146 -25.98 -33.61 -22.99
C ILE C 146 -25.82 -33.37 -24.46
N THR C 147 -25.05 -34.23 -25.12
CA THR C 147 -24.85 -34.05 -26.56
C THR C 147 -26.16 -34.09 -27.34
N ASN C 148 -27.02 -35.06 -26.98
CA ASN C 148 -28.31 -35.24 -27.63
C ASN C 148 -29.29 -34.06 -27.52
N LEU C 149 -29.04 -33.14 -26.58
CA LEU C 149 -29.87 -31.91 -26.46
C LEU C 149 -29.95 -31.18 -27.77
N LEU C 150 -28.80 -31.08 -28.44
CA LEU C 150 -28.72 -30.42 -29.70
C LEU C 150 -29.65 -31.05 -30.72
N SER C 151 -29.90 -32.36 -30.59
CA SER C 151 -30.79 -33.06 -31.52
C SER C 151 -32.24 -32.53 -31.51
N ALA C 152 -32.61 -31.80 -30.46
CA ALA C 152 -33.96 -31.23 -30.34
C ALA C 152 -34.19 -30.06 -31.30
N ILE C 153 -33.11 -29.36 -31.63
CA ILE C 153 -33.17 -28.25 -32.55
C ILE C 153 -33.84 -28.67 -33.86
N PRO C 154 -34.90 -28.01 -34.24
CA PRO C 154 -35.66 -28.36 -35.45
C PRO C 154 -34.85 -28.38 -36.74
N TYR C 155 -35.25 -29.24 -37.68
CA TYR C 155 -34.66 -29.27 -39.01
C TYR C 155 -33.19 -29.62 -39.14
N ILE C 156 -32.32 -28.99 -38.34
CA ILE C 156 -30.87 -29.23 -38.43
C ILE C 156 -30.33 -29.98 -37.23
N GLY C 157 -31.22 -30.29 -36.28
CA GLY C 157 -30.85 -30.98 -35.06
C GLY C 157 -29.94 -32.18 -35.21
N THR C 158 -30.32 -33.16 -36.03
CA THR C 158 -29.50 -34.36 -36.16
C THR C 158 -28.20 -34.27 -36.96
N ASN C 159 -28.16 -33.45 -38.00
CA ASN C 159 -26.90 -33.31 -38.74
C ASN C 159 -25.85 -32.73 -37.78
N LEU C 160 -26.33 -31.95 -36.81
CA LEU C 160 -25.49 -31.25 -35.85
C LEU C 160 -24.87 -32.14 -34.79
N VAL C 161 -25.69 -33.01 -34.15
CA VAL C 161 -25.19 -33.97 -33.14
C VAL C 161 -24.21 -34.94 -33.79
N GLU C 162 -24.58 -35.46 -34.97
CA GLU C 162 -23.72 -36.36 -35.71
C GLU C 162 -22.42 -35.63 -36.07
N TRP C 163 -22.54 -34.35 -36.40
CA TRP C 163 -21.40 -33.51 -36.70
C TRP C 163 -20.50 -33.39 -35.49
N ILE C 164 -21.09 -33.02 -34.35
CA ILE C 164 -20.31 -32.88 -33.14
C ILE C 164 -19.77 -34.21 -32.66
N TRP C 165 -20.43 -35.30 -33.06
CA TRP C 165 -19.98 -36.66 -32.72
C TRP C 165 -18.84 -37.10 -33.64
N GLY C 166 -18.97 -36.80 -34.92
CA GLY C 166 -18.00 -37.27 -35.89
C GLY C 166 -18.30 -38.73 -36.17
N GLY C 167 -19.59 -39.04 -36.09
CA GLY C 167 -20.10 -40.37 -36.28
C GLY C 167 -21.62 -40.57 -36.07
N PHE C 168 -22.00 -41.75 -35.61
CA PHE C 168 -23.41 -42.11 -35.41
C PHE C 168 -23.77 -42.16 -33.92
N SER C 169 -22.79 -41.90 -33.05
CA SER C 169 -22.99 -41.86 -31.59
C SER C 169 -21.66 -41.46 -30.97
N VAL C 170 -21.70 -41.07 -29.69
CA VAL C 170 -20.49 -40.74 -28.94
C VAL C 170 -19.47 -41.87 -28.99
N ASP C 171 -18.42 -41.69 -29.79
CA ASP C 171 -17.41 -42.72 -29.98
C ASP C 171 -16.06 -42.09 -30.24
N LYS C 172 -15.03 -42.94 -30.34
CA LYS C 172 -13.64 -42.56 -30.65
C LYS C 172 -13.37 -41.10 -31.01
N ALA C 173 -13.96 -40.65 -32.13
CA ALA C 173 -13.81 -39.31 -32.62
C ALA C 173 -14.15 -38.21 -31.59
N THR C 174 -15.22 -38.45 -30.83
CA THR C 174 -15.65 -37.50 -29.83
C THR C 174 -14.70 -37.40 -28.63
N LEU C 175 -14.21 -38.52 -28.12
CA LEU C 175 -13.28 -38.47 -26.98
C LEU C 175 -12.03 -37.64 -27.32
N THR C 176 -11.53 -37.79 -28.55
CA THR C 176 -10.33 -37.09 -28.98
C THR C 176 -10.57 -35.58 -29.15
N ARG C 177 -11.67 -35.22 -29.80
CA ARG C 177 -11.97 -33.81 -30.01
C ARG C 177 -12.31 -33.13 -28.70
N PHE C 178 -12.96 -33.84 -27.81
CA PHE C 178 -13.26 -33.28 -26.50
C PHE C 178 -11.95 -33.00 -25.72
N PHE C 179 -10.91 -33.82 -25.93
CA PHE C 179 -9.63 -33.59 -25.26
C PHE C 179 -9.06 -32.30 -25.75
N ALA C 180 -9.15 -32.11 -27.08
CA ALA C 180 -8.62 -30.93 -27.73
C ALA C 180 -9.34 -29.63 -27.29
N PHE C 181 -10.66 -29.61 -27.48
CA PHE C 181 -11.44 -28.44 -27.10
C PHE C 181 -11.29 -28.16 -25.59
N HIS C 182 -11.14 -29.21 -24.79
CA HIS C 182 -11.05 -29.01 -23.34
C HIS C 182 -9.71 -28.40 -22.93
N PHE C 183 -8.69 -28.56 -23.78
CA PHE C 183 -7.33 -28.01 -23.56
C PHE C 183 -7.29 -26.48 -23.98
N ILE C 184 -7.90 -26.14 -25.10
CA ILE C 184 -7.90 -24.78 -25.53
C ILE C 184 -8.94 -23.88 -24.81
N LEU C 185 -10.09 -24.43 -24.42
CA LEU C 185 -11.09 -23.56 -23.83
C LEU C 185 -10.61 -22.65 -22.68
N PRO C 186 -9.92 -23.20 -21.67
CA PRO C 186 -9.43 -22.38 -20.57
C PRO C 186 -8.46 -21.27 -21.00
N PHE C 187 -7.73 -21.43 -22.11
CA PHE C 187 -6.91 -20.30 -22.57
C PHE C 187 -7.81 -19.22 -23.14
N ILE C 188 -8.79 -19.62 -23.96
CA ILE C 188 -9.80 -18.66 -24.45
C ILE C 188 -10.59 -18.00 -23.28
N ILE C 189 -10.88 -18.78 -22.24
CA ILE C 189 -11.57 -18.24 -21.03
C ILE C 189 -10.70 -17.15 -20.47
N MET C 190 -9.43 -17.47 -20.28
CA MET C 190 -8.47 -16.48 -19.77
C MET C 190 -8.48 -15.14 -20.52
N ALA C 191 -8.60 -15.18 -21.83
CA ALA C 191 -8.66 -13.93 -22.56
C ALA C 191 -9.97 -13.17 -22.23
N ILE C 192 -11.12 -13.85 -22.30
CA ILE C 192 -12.41 -13.25 -21.93
C ILE C 192 -12.39 -12.66 -20.53
N ALA C 193 -11.71 -13.31 -19.60
CA ALA C 193 -11.62 -12.79 -18.24
C ALA C 193 -10.83 -11.46 -18.19
N MET C 194 -9.78 -11.34 -19.00
CA MET C 194 -9.02 -10.09 -19.03
C MET C 194 -9.87 -8.97 -19.60
N VAL C 195 -10.71 -9.31 -20.57
CA VAL C 195 -11.65 -8.38 -21.15
C VAL C 195 -12.75 -8.03 -20.11
N HIS C 196 -13.06 -9.00 -19.25
CA HIS C 196 -14.08 -8.86 -18.19
C HIS C 196 -13.52 -7.77 -17.26
N LEU C 197 -12.27 -7.99 -16.83
CA LEU C 197 -11.54 -7.09 -15.91
C LEU C 197 -11.33 -5.69 -16.50
N LEU C 198 -11.24 -5.62 -17.81
CA LEU C 198 -11.02 -4.35 -18.47
C LEU C 198 -12.29 -3.54 -18.34
N PHE C 199 -13.41 -4.11 -18.76
CA PHE C 199 -14.71 -3.41 -18.65
C PHE C 199 -15.03 -3.00 -17.21
N LEU C 200 -14.69 -3.86 -16.24
CA LEU C 200 -14.94 -3.56 -14.83
C LEU C 200 -14.16 -2.34 -14.33
N HIS C 201 -12.92 -2.20 -14.77
CA HIS C 201 -12.07 -1.10 -14.33
C HIS C 201 -12.55 0.26 -14.82
N GLU C 202 -13.27 0.23 -15.93
CA GLU C 202 -13.87 1.40 -16.46
C GLU C 202 -14.70 2.12 -15.41
N THR C 203 -15.37 1.36 -14.50
CA THR C 203 -16.17 1.98 -13.44
C THR C 203 -15.66 1.66 -12.05
N GLY C 204 -14.84 0.62 -11.95
CA GLY C 204 -14.43 0.14 -10.63
C GLY C 204 -15.56 -0.69 -10.02
N SER C 205 -15.29 -1.21 -8.84
CA SER C 205 -16.17 -2.10 -8.16
C SER C 205 -17.42 -1.43 -7.59
N ASN C 206 -18.49 -2.23 -7.44
CA ASN C 206 -19.75 -1.75 -6.77
C ASN C 206 -19.57 -2.11 -5.34
N ASN C 207 -20.55 -1.91 -4.45
CA ASN C 207 -20.37 -2.32 -3.04
C ASN C 207 -21.67 -2.68 -2.43
N PRO C 208 -21.63 -3.25 -1.20
CA PRO C 208 -22.85 -3.67 -0.47
C PRO C 208 -24.02 -2.69 -0.45
N THR C 209 -23.76 -1.37 -0.37
CA THR C 209 -24.83 -0.36 -0.30
C THR C 209 -25.47 0.01 -1.61
N GLY C 210 -24.81 -0.30 -2.71
CA GLY C 210 -25.29 0.12 -4.02
C GLY C 210 -25.13 1.63 -4.25
N ILE C 211 -24.45 2.31 -3.33
CA ILE C 211 -24.24 3.76 -3.41
C ILE C 211 -22.76 4.00 -3.84
N SER C 212 -22.52 4.97 -4.72
CA SER C 212 -21.14 5.29 -5.15
C SER C 212 -20.21 5.45 -3.99
N SER C 213 -19.05 4.86 -4.13
CA SER C 213 -17.98 4.90 -3.14
C SER C 213 -16.83 5.87 -3.50
N ASP C 214 -16.98 6.69 -4.55
CA ASP C 214 -15.91 7.68 -4.95
C ASP C 214 -15.51 8.64 -3.86
N VAL C 215 -16.26 8.70 -2.78
CA VAL C 215 -15.90 9.57 -1.70
C VAL C 215 -15.15 8.85 -0.65
N ASP C 216 -15.00 7.56 -0.84
CA ASP C 216 -14.34 6.75 0.16
C ASP C 216 -13.64 5.59 -0.45
N LYS C 217 -12.85 5.85 -1.50
CA LYS C 217 -12.02 4.85 -2.16
C LYS C 217 -10.73 4.60 -1.40
N ILE C 218 -10.23 3.36 -1.45
CA ILE C 218 -8.91 3.03 -0.85
C ILE C 218 -8.15 2.27 -1.92
N PRO C 219 -6.82 2.22 -1.77
CA PRO C 219 -6.01 1.61 -2.77
C PRO C 219 -6.14 0.14 -2.60
N PHE C 220 -6.21 -0.53 -3.74
CA PHE C 220 -6.29 -1.95 -3.76
C PHE C 220 -5.08 -2.49 -3.01
N HIS C 221 -3.96 -1.75 -3.00
CA HIS C 221 -2.79 -2.29 -2.33
C HIS C 221 -2.18 -1.92 -1.05
N PRO C 222 -2.65 -2.59 -0.12
CA PRO C 222 -2.12 -3.26 1.03
C PRO C 222 -3.42 -4.12 1.41
N TYR C 223 -4.55 -3.42 1.35
CA TYR C 223 -5.90 -3.86 1.71
C TYR C 223 -6.50 -5.06 1.02
N TYR C 224 -6.72 -4.96 -0.30
CA TYR C 224 -7.32 -6.09 -1.00
C TYR C 224 -6.31 -7.08 -1.39
N THR C 225 -5.07 -6.67 -1.32
CA THR C 225 -4.00 -7.55 -1.58
C THR C 225 -3.98 -8.59 -0.45
N ILE C 226 -3.98 -8.13 0.78
CA ILE C 226 -4.07 -9.07 1.89
C ILE C 226 -5.44 -9.74 2.01
N LYS C 227 -6.52 -8.99 1.88
CA LYS C 227 -7.85 -9.63 1.92
C LYS C 227 -7.92 -10.81 0.93
N ASP C 228 -7.40 -10.61 -0.29
CA ASP C 228 -7.37 -11.67 -1.30
C ASP C 228 -6.47 -12.84 -0.93
N ILE C 229 -5.31 -12.55 -0.33
CA ILE C 229 -4.43 -13.62 0.11
C ILE C 229 -5.18 -14.48 1.13
N LEU C 230 -5.61 -13.88 2.21
CA LEU C 230 -6.36 -14.61 3.23
C LEU C 230 -7.45 -15.47 2.61
N GLY C 231 -8.22 -14.90 1.71
CA GLY C 231 -9.31 -15.62 1.08
C GLY C 231 -8.87 -16.71 0.15
N ALA C 232 -7.67 -16.60 -0.42
CA ALA C 232 -7.11 -17.67 -1.29
C ALA C 232 -6.82 -18.90 -0.43
N LEU C 233 -6.24 -18.65 0.75
CA LEU C 233 -5.91 -19.70 1.69
C LEU C 233 -7.23 -20.44 2.11
N LEU C 234 -8.32 -19.73 2.20
CA LEU C 234 -9.58 -20.37 2.52
C LEU C 234 -10.06 -21.23 1.37
N LEU C 235 -9.82 -20.79 0.14
CA LEU C 235 -10.22 -21.55 -1.02
C LEU C 235 -9.40 -22.81 -1.01
N ILE C 236 -8.13 -22.67 -0.61
CA ILE C 236 -7.21 -23.78 -0.59
C ILE C 236 -7.55 -24.86 0.45
N LEU C 237 -7.87 -24.42 1.67
CA LEU C 237 -8.30 -25.34 2.74
C LEU C 237 -9.48 -26.14 2.26
N ALA C 238 -10.53 -25.44 1.82
CA ALA C 238 -11.71 -26.13 1.31
C ALA C 238 -11.35 -27.11 0.16
N LEU C 239 -10.41 -26.72 -0.72
CA LEU C 239 -10.02 -27.62 -1.83
C LEU C 239 -9.28 -28.85 -1.30
N MET C 240 -8.37 -28.63 -0.36
CA MET C 240 -7.58 -29.74 0.17
C MET C 240 -8.43 -30.72 0.96
N LEU C 241 -9.27 -30.20 1.85
CA LEU C 241 -10.20 -31.03 2.60
C LEU C 241 -10.80 -32.11 1.67
N LEU C 242 -11.34 -31.69 0.53
CA LEU C 242 -11.86 -32.61 -0.46
C LEU C 242 -10.74 -33.53 -0.94
N VAL C 243 -9.74 -32.99 -1.63
CA VAL C 243 -8.63 -33.82 -2.13
C VAL C 243 -8.04 -34.78 -1.10
N LEU C 244 -7.87 -34.32 0.12
CA LEU C 244 -7.16 -35.10 1.12
C LEU C 244 -7.98 -35.85 2.14
N PHE C 245 -9.27 -35.64 2.16
CA PHE C 245 -10.09 -36.39 3.07
C PHE C 245 -11.31 -36.98 2.39
N ALA C 246 -11.77 -36.35 1.31
CA ALA C 246 -12.96 -36.84 0.63
C ALA C 246 -12.85 -36.80 -0.89
N PRO C 247 -11.82 -37.48 -1.44
CA PRO C 247 -11.56 -37.46 -2.89
C PRO C 247 -12.77 -37.90 -3.69
N ASP C 248 -13.44 -38.95 -3.21
CA ASP C 248 -14.66 -39.41 -3.81
C ASP C 248 -15.71 -38.99 -2.86
N LEU C 249 -16.43 -37.95 -3.20
CA LEU C 249 -17.54 -37.51 -2.37
C LEU C 249 -18.52 -36.88 -3.31
N LEU C 250 -17.99 -36.20 -4.30
CA LEU C 250 -18.82 -35.55 -5.28
C LEU C 250 -18.72 -36.40 -6.50
N GLY C 251 -17.70 -37.27 -6.52
CA GLY C 251 -17.45 -38.16 -7.64
C GLY C 251 -18.31 -39.41 -7.65
N ASP C 252 -19.10 -39.57 -8.70
CA ASP C 252 -19.99 -40.72 -8.88
C ASP C 252 -19.21 -42.05 -9.01
N PRO C 253 -19.63 -43.07 -8.26
CA PRO C 253 -18.98 -44.39 -8.26
C PRO C 253 -18.93 -45.10 -9.63
N ASP C 254 -19.88 -44.80 -10.50
CA ASP C 254 -19.93 -45.42 -11.83
C ASP C 254 -18.82 -45.02 -12.85
N ASN C 255 -18.07 -43.95 -12.59
CA ASN C 255 -17.01 -43.63 -13.54
C ASN C 255 -15.79 -44.44 -13.25
N TYR C 256 -15.91 -45.26 -12.20
CA TYR C 256 -14.86 -46.19 -11.84
C TYR C 256 -15.06 -47.52 -12.56
N THR C 257 -15.96 -47.52 -13.55
CA THR C 257 -16.21 -48.69 -14.42
C THR C 257 -16.25 -48.25 -15.89
N PRO C 258 -15.31 -48.76 -16.65
CA PRO C 258 -15.09 -48.38 -18.05
C PRO C 258 -16.20 -48.02 -19.04
N ALA C 259 -16.42 -48.86 -20.01
CA ALA C 259 -17.24 -48.44 -21.11
C ALA C 259 -18.40 -49.30 -21.37
N ASN C 260 -19.55 -48.69 -21.56
CA ASN C 260 -20.72 -49.47 -21.92
C ASN C 260 -21.69 -48.72 -22.76
N PRO C 261 -21.43 -48.69 -24.06
CA PRO C 261 -22.31 -48.05 -25.02
C PRO C 261 -23.56 -48.88 -25.16
N LEU C 262 -23.50 -50.09 -24.60
CA LEU C 262 -24.57 -51.04 -24.67
C LEU C 262 -25.43 -50.93 -23.44
N ASN C 263 -24.83 -50.58 -22.31
CA ASN C 263 -25.61 -50.53 -21.06
C ASN C 263 -25.57 -49.22 -20.24
N THR C 264 -26.73 -48.58 -20.19
CA THR C 264 -26.94 -47.36 -19.44
C THR C 264 -27.17 -47.71 -17.98
N PRO C 265 -26.47 -47.05 -17.05
CA PRO C 265 -26.67 -47.31 -15.62
C PRO C 265 -28.12 -47.06 -15.23
N PRO C 266 -28.60 -47.75 -14.19
CA PRO C 266 -29.99 -47.61 -13.71
C PRO C 266 -30.42 -46.16 -13.43
N HIS C 267 -29.67 -45.45 -12.60
CA HIS C 267 -29.98 -44.07 -12.29
C HIS C 267 -28.80 -43.14 -12.49
N ILE C 268 -28.67 -42.62 -13.71
CA ILE C 268 -27.58 -41.70 -14.04
C ILE C 268 -27.78 -40.34 -13.38
N LYS C 269 -26.74 -39.89 -12.71
CA LYS C 269 -26.80 -38.69 -11.93
C LYS C 269 -25.72 -37.69 -12.30
N PRO C 270 -26.15 -36.49 -12.75
CA PRO C 270 -25.24 -35.37 -13.04
C PRO C 270 -24.27 -35.06 -11.89
N GLU C 271 -23.24 -34.29 -12.20
CA GLU C 271 -22.18 -33.97 -11.26
C GLU C 271 -22.53 -33.30 -9.97
N TRP C 272 -23.49 -32.37 -9.99
CA TRP C 272 -23.72 -31.59 -8.79
C TRP C 272 -24.24 -30.22 -9.24
N TYR C 273 -23.34 -29.50 -9.92
CA TYR C 273 -23.58 -28.16 -10.40
C TYR C 273 -24.46 -28.08 -11.61
N PHE C 274 -24.94 -29.23 -12.03
CA PHE C 274 -25.84 -29.29 -13.15
C PHE C 274 -27.20 -29.75 -12.65
N LEU C 275 -27.25 -30.17 -11.40
CA LEU C 275 -28.49 -30.71 -10.85
C LEU C 275 -29.71 -29.84 -11.08
N PHE C 276 -29.61 -28.55 -10.69
CA PHE C 276 -30.77 -27.66 -10.79
C PHE C 276 -31.26 -27.49 -12.21
N ALA C 277 -30.30 -27.46 -13.13
CA ALA C 277 -30.62 -27.29 -14.52
C ALA C 277 -31.17 -28.60 -15.09
N TYR C 278 -30.62 -29.71 -14.60
CA TYR C 278 -31.11 -31.02 -15.00
C TYR C 278 -32.56 -31.18 -14.60
N ALA C 279 -32.91 -30.77 -13.37
CA ALA C 279 -34.32 -30.84 -12.90
C ALA C 279 -35.23 -30.02 -13.81
N ILE C 280 -34.82 -28.79 -14.15
CA ILE C 280 -35.63 -27.95 -15.01
C ILE C 280 -35.87 -28.61 -16.37
N LEU C 281 -34.82 -29.13 -16.99
CA LEU C 281 -34.94 -29.81 -18.29
C LEU C 281 -35.91 -30.96 -18.19
N ARG C 282 -35.79 -31.73 -17.12
CA ARG C 282 -36.60 -32.91 -16.91
C ARG C 282 -38.05 -32.59 -16.60
N SER C 283 -38.26 -31.60 -15.73
CA SER C 283 -39.61 -31.23 -15.34
C SER C 283 -40.57 -31.48 -16.49
N ILE C 284 -40.57 -30.57 -17.45
CA ILE C 284 -41.44 -30.64 -18.64
C ILE C 284 -41.26 -31.90 -19.54
N PRO C 285 -42.31 -32.72 -19.65
CA PRO C 285 -42.28 -33.90 -20.53
C PRO C 285 -42.38 -33.52 -22.00
N ASN C 286 -41.32 -32.92 -22.52
CA ASN C 286 -41.24 -32.61 -23.94
C ASN C 286 -39.78 -32.54 -24.31
N LYS C 287 -39.46 -32.98 -25.52
CA LYS C 287 -38.09 -32.97 -25.95
C LYS C 287 -37.65 -31.54 -26.16
N LEU C 288 -38.26 -30.87 -27.14
CA LEU C 288 -37.93 -29.48 -27.46
C LEU C 288 -38.04 -28.54 -26.27
N GLY C 289 -39.22 -28.54 -25.65
CA GLY C 289 -39.49 -27.67 -24.56
C GLY C 289 -38.59 -27.88 -23.36
N GLY C 290 -38.05 -29.07 -23.21
CA GLY C 290 -37.17 -29.35 -22.08
C GLY C 290 -35.88 -28.62 -22.32
N VAL C 291 -35.27 -28.90 -23.46
CA VAL C 291 -34.02 -28.26 -23.80
C VAL C 291 -34.15 -26.73 -23.89
N LEU C 292 -35.32 -26.24 -24.31
CA LEU C 292 -35.59 -24.81 -24.36
C LEU C 292 -35.64 -24.28 -22.94
N ALA C 293 -36.38 -24.96 -22.07
CA ALA C 293 -36.42 -24.57 -20.67
C ALA C 293 -35.01 -24.59 -20.08
N LEU C 294 -34.22 -25.61 -20.45
CA LEU C 294 -32.85 -25.75 -19.96
C LEU C 294 -31.98 -24.57 -20.34
N ALA C 295 -32.02 -24.21 -21.62
CA ALA C 295 -31.23 -23.11 -22.09
C ALA C 295 -31.67 -21.83 -21.40
N PHE C 296 -32.97 -21.56 -21.42
CA PHE C 296 -33.54 -20.38 -20.77
C PHE C 296 -33.15 -20.28 -19.29
N SER C 297 -33.05 -21.42 -18.62
CA SER C 297 -32.68 -21.46 -17.20
C SER C 297 -31.31 -20.78 -16.91
N ILE C 298 -30.44 -20.77 -17.91
CA ILE C 298 -29.13 -20.16 -17.76
C ILE C 298 -29.10 -18.81 -18.52
N LEU C 299 -29.57 -18.85 -19.76
CA LEU C 299 -29.63 -17.68 -20.59
C LEU C 299 -30.43 -16.52 -19.98
N ILE C 300 -31.16 -16.80 -18.89
CA ILE C 300 -32.00 -15.79 -18.20
C ILE C 300 -31.16 -14.67 -17.56
N LEU C 301 -29.96 -15.02 -17.05
CA LEU C 301 -29.06 -14.01 -16.48
C LEU C 301 -28.94 -12.77 -17.32
N ALA C 302 -28.92 -12.91 -18.63
CA ALA C 302 -28.84 -11.74 -19.51
C ALA C 302 -30.16 -10.96 -19.64
N LEU C 303 -31.24 -11.47 -19.07
CA LEU C 303 -32.45 -10.68 -19.09
C LEU C 303 -32.53 -9.97 -17.80
N ILE C 304 -31.80 -10.46 -16.81
CA ILE C 304 -31.91 -9.81 -15.49
C ILE C 304 -31.88 -8.26 -15.49
N PRO C 305 -30.86 -7.66 -16.14
CA PRO C 305 -30.76 -6.19 -16.20
C PRO C 305 -32.00 -5.47 -16.73
N LEU C 306 -32.81 -6.10 -17.58
CA LEU C 306 -34.00 -5.41 -18.12
C LEU C 306 -35.11 -5.38 -17.10
N LEU C 307 -35.00 -6.27 -16.12
CA LEU C 307 -36.06 -6.43 -15.15
C LEU C 307 -35.78 -5.67 -13.85
N HIS C 308 -34.70 -4.89 -13.84
CA HIS C 308 -34.41 -4.08 -12.66
C HIS C 308 -35.47 -2.99 -12.64
N THR C 309 -36.08 -2.83 -11.49
CA THR C 309 -37.23 -2.03 -11.41
C THR C 309 -37.07 -1.02 -10.25
N SER C 310 -36.27 -1.40 -9.28
CA SER C 310 -36.10 -0.54 -8.13
C SER C 310 -35.24 0.73 -8.35
N LYS C 311 -35.61 1.77 -7.61
CA LYS C 311 -34.87 3.02 -7.63
C LYS C 311 -33.52 2.87 -6.89
N GLN C 312 -33.34 1.76 -6.17
CA GLN C 312 -32.06 1.48 -5.49
C GLN C 312 -31.26 0.40 -6.23
N ARG C 313 -29.94 0.38 -6.06
CA ARG C 313 -29.13 -0.60 -6.78
C ARG C 313 -29.06 -1.92 -6.02
N SER C 314 -28.64 -1.87 -4.77
CA SER C 314 -28.46 -3.06 -3.99
C SER C 314 -29.74 -3.48 -3.31
N MET C 315 -29.72 -4.67 -2.77
CA MET C 315 -30.89 -5.15 -2.05
C MET C 315 -30.65 -4.95 -0.58
N MET C 316 -29.57 -4.22 -0.24
CA MET C 316 -29.26 -4.02 1.19
C MET C 316 -30.37 -3.31 2.01
N PHE C 317 -31.12 -2.43 1.37
CA PHE C 317 -32.18 -1.68 2.01
C PHE C 317 -33.54 -2.10 1.43
N ARG C 318 -33.67 -3.36 1.08
CA ARG C 318 -34.86 -3.84 0.42
C ARG C 318 -35.39 -5.16 0.99
N PRO C 319 -36.09 -5.05 2.12
CA PRO C 319 -36.61 -6.22 2.82
C PRO C 319 -37.40 -7.17 1.92
N LEU C 320 -38.29 -6.67 1.06
CA LEU C 320 -39.08 -7.55 0.18
C LEU C 320 -38.21 -8.35 -0.77
N SER C 321 -37.36 -7.65 -1.50
CA SER C 321 -36.50 -8.28 -2.48
C SER C 321 -35.59 -9.32 -1.82
N GLN C 322 -35.18 -9.03 -0.59
CA GLN C 322 -34.34 -9.92 0.14
C GLN C 322 -35.02 -11.26 0.35
N CYS C 323 -36.28 -11.22 0.77
CA CYS C 323 -37.04 -12.43 1.02
C CYS C 323 -37.17 -13.23 -0.27
N LEU C 324 -37.53 -12.54 -1.36
CA LEU C 324 -37.68 -13.19 -2.64
C LEU C 324 -36.33 -13.76 -3.14
N PHE C 325 -35.23 -13.06 -2.86
CA PHE C 325 -33.88 -13.53 -3.26
C PHE C 325 -33.60 -14.88 -2.62
N TRP C 326 -33.81 -14.97 -1.31
CA TRP C 326 -33.54 -16.20 -0.66
C TRP C 326 -34.53 -17.31 -1.10
N ALA C 327 -35.76 -16.90 -1.42
CA ALA C 327 -36.73 -17.87 -1.92
C ALA C 327 -36.17 -18.40 -3.25
N LEU C 328 -35.49 -17.53 -3.99
CA LEU C 328 -34.82 -18.00 -5.22
C LEU C 328 -33.72 -19.02 -4.86
N VAL C 329 -32.84 -18.67 -3.94
CA VAL C 329 -31.76 -19.58 -3.53
C VAL C 329 -32.37 -20.88 -3.05
N ALA C 330 -33.36 -20.77 -2.14
CA ALA C 330 -34.04 -21.95 -1.58
C ALA C 330 -34.70 -22.74 -2.67
N ASP C 331 -35.18 -22.05 -3.69
CA ASP C 331 -35.74 -22.78 -4.81
C ASP C 331 -34.66 -23.54 -5.62
N LEU C 332 -33.49 -22.92 -5.80
CA LEU C 332 -32.41 -23.58 -6.53
C LEU C 332 -31.94 -24.80 -5.77
N LEU C 333 -31.86 -24.67 -4.45
CA LEU C 333 -31.44 -25.76 -3.63
C LEU C 333 -32.44 -26.90 -3.76
N THR C 334 -33.73 -26.54 -3.93
CA THR C 334 -34.77 -27.57 -4.19
C THR C 334 -34.55 -28.21 -5.55
N LEU C 335 -34.34 -27.41 -6.57
CA LEU C 335 -34.03 -27.96 -7.88
C LEU C 335 -32.85 -28.96 -7.80
N THR C 336 -31.83 -28.63 -7.00
CA THR C 336 -30.62 -29.46 -6.85
C THR C 336 -30.98 -30.82 -6.26
N TRP C 337 -31.66 -30.79 -5.13
CA TRP C 337 -32.14 -31.98 -4.51
C TRP C 337 -32.92 -32.82 -5.55
N ILE C 338 -33.93 -32.20 -6.18
CA ILE C 338 -34.78 -32.89 -7.20
C ILE C 338 -34.02 -33.42 -8.44
N GLY C 339 -33.04 -32.66 -8.94
CA GLY C 339 -32.26 -33.09 -10.07
C GLY C 339 -31.48 -34.36 -9.79
N GLY C 340 -31.17 -34.62 -8.52
CA GLY C 340 -30.44 -35.83 -8.13
C GLY C 340 -31.34 -37.02 -7.73
N GLN C 341 -32.61 -36.95 -8.10
CA GLN C 341 -33.59 -37.93 -7.68
C GLN C 341 -34.32 -38.58 -8.87
N PRO C 342 -34.87 -39.79 -8.67
CA PRO C 342 -35.54 -40.53 -9.74
C PRO C 342 -36.78 -39.78 -10.21
N VAL C 343 -37.06 -39.88 -11.51
CA VAL C 343 -38.22 -39.22 -12.08
C VAL C 343 -39.51 -39.97 -11.69
N GLU C 344 -39.99 -39.74 -10.48
CA GLU C 344 -41.19 -40.41 -9.98
C GLU C 344 -42.18 -39.57 -9.19
N HIS C 345 -43.16 -40.23 -8.58
CA HIS C 345 -44.30 -39.56 -7.92
C HIS C 345 -44.17 -38.23 -7.18
N PRO C 346 -43.57 -38.21 -5.98
CA PRO C 346 -43.53 -36.93 -5.25
C PRO C 346 -42.62 -35.99 -6.07
N TYR C 347 -41.51 -36.53 -6.49
CA TYR C 347 -40.50 -35.75 -7.18
C TYR C 347 -40.84 -35.03 -8.48
N ILE C 348 -41.67 -35.58 -9.38
CA ILE C 348 -41.93 -34.83 -10.63
C ILE C 348 -42.78 -33.58 -10.41
N THR C 349 -43.72 -33.68 -9.49
CA THR C 349 -44.58 -32.57 -9.19
C THR C 349 -43.81 -31.50 -8.42
N ILE C 350 -43.04 -31.92 -7.43
CA ILE C 350 -42.25 -30.94 -6.72
C ILE C 350 -41.37 -30.26 -7.79
N GLY C 351 -40.75 -31.06 -8.65
CA GLY C 351 -39.85 -30.57 -9.69
C GLY C 351 -40.45 -29.64 -10.72
N GLN C 352 -41.75 -29.74 -10.96
CA GLN C 352 -42.41 -28.88 -11.91
C GLN C 352 -42.77 -27.54 -11.27
N LEU C 353 -43.15 -27.58 -9.99
CA LEU C 353 -43.53 -26.38 -9.26
C LEU C 353 -42.32 -25.50 -8.93
N ALA C 354 -41.18 -26.14 -8.68
CA ALA C 354 -39.96 -25.40 -8.40
C ALA C 354 -39.52 -24.68 -9.68
N SER C 355 -39.68 -25.38 -10.83
CA SER C 355 -39.35 -24.85 -12.17
C SER C 355 -40.18 -23.65 -12.55
N VAL C 356 -41.48 -23.67 -12.26
CA VAL C 356 -42.24 -22.47 -12.54
C VAL C 356 -41.83 -21.36 -11.56
N LEU C 357 -41.53 -21.73 -10.31
CA LEU C 357 -41.15 -20.75 -9.31
C LEU C 357 -39.87 -19.97 -9.69
N TYR C 358 -38.85 -20.71 -10.12
CA TYR C 358 -37.59 -20.11 -10.52
C TYR C 358 -37.93 -18.99 -11.51
N PHE C 359 -38.60 -19.35 -12.61
CA PHE C 359 -38.93 -18.37 -13.64
C PHE C 359 -39.98 -17.38 -13.15
N LEU C 360 -40.93 -17.86 -12.37
CA LEU C 360 -41.95 -16.95 -11.90
C LEU C 360 -41.31 -15.85 -11.04
N LEU C 361 -40.40 -16.21 -10.16
CA LEU C 361 -39.79 -15.18 -9.35
C LEU C 361 -38.79 -14.22 -10.07
N ILE C 362 -38.09 -14.71 -11.09
CA ILE C 362 -37.17 -13.84 -11.78
C ILE C 362 -37.93 -12.94 -12.75
N LEU C 363 -38.78 -13.54 -13.56
CA LEU C 363 -39.51 -12.81 -14.60
C LEU C 363 -40.66 -11.90 -14.11
N VAL C 364 -41.15 -12.13 -12.88
CA VAL C 364 -42.35 -11.45 -12.37
C VAL C 364 -42.31 -11.01 -10.88
N LEU C 365 -41.96 -11.93 -9.97
CA LEU C 365 -41.95 -11.63 -8.53
C LEU C 365 -40.93 -10.56 -8.15
N MET C 366 -39.65 -10.79 -8.44
CA MET C 366 -38.64 -9.78 -8.13
C MET C 366 -38.94 -8.38 -8.65
N PRO C 367 -39.21 -8.26 -9.95
CA PRO C 367 -39.59 -6.96 -10.52
C PRO C 367 -40.83 -6.34 -9.84
N THR C 368 -41.80 -7.13 -9.41
CA THR C 368 -42.95 -6.56 -8.77
C THR C 368 -42.62 -6.10 -7.34
N ALA C 369 -41.74 -6.82 -6.66
CA ALA C 369 -41.29 -6.41 -5.32
C ALA C 369 -40.59 -5.05 -5.43
N GLY C 370 -39.75 -4.91 -6.45
CA GLY C 370 -39.02 -3.67 -6.64
C GLY C 370 -39.97 -2.52 -6.81
N THR C 371 -41.04 -2.73 -7.57
CA THR C 371 -42.02 -1.69 -7.80
C THR C 371 -42.80 -1.35 -6.56
N ILE C 372 -43.08 -2.31 -5.70
CA ILE C 372 -43.79 -1.93 -4.50
C ILE C 372 -42.90 -1.36 -3.43
N GLU C 373 -41.62 -1.66 -3.52
CA GLU C 373 -40.69 -1.07 -2.57
C GLU C 373 -40.54 0.39 -2.91
N ASN C 374 -40.56 0.71 -4.20
CA ASN C 374 -40.48 2.09 -4.61
C ASN C 374 -41.69 2.90 -4.09
N LYS C 375 -42.87 2.30 -4.19
CA LYS C 375 -44.08 2.99 -3.84
C LYS C 375 -44.11 3.19 -2.37
N LEU C 376 -43.73 2.15 -1.63
CA LEU C 376 -43.66 2.21 -0.17
C LEU C 376 -42.80 3.36 0.32
N LEU C 377 -41.73 3.68 -0.47
CA LEU C 377 -40.82 4.79 -0.17
C LEU C 377 -41.24 6.18 -0.70
N LYS C 378 -42.33 6.22 -1.46
CA LYS C 378 -42.87 7.47 -2.04
C LYS C 378 -42.05 8.01 -3.20
N TRP C 379 -41.18 7.15 -3.72
CA TRP C 379 -40.34 7.49 -4.86
C TRP C 379 -41.21 7.40 -6.10
N SER D 1 -36.51 -57.08 -7.53
CA SER D 1 -37.10 -56.50 -8.77
C SER D 1 -36.80 -54.99 -8.88
N ASP D 2 -36.84 -54.31 -7.74
CA ASP D 2 -36.56 -52.87 -7.66
C ASP D 2 -36.50 -52.43 -6.18
N LEU D 3 -36.77 -53.38 -5.30
CA LEU D 3 -36.70 -53.17 -3.84
C LEU D 3 -35.29 -53.54 -3.40
N GLU D 4 -34.84 -53.00 -2.26
CA GLU D 4 -33.51 -53.38 -1.70
C GLU D 4 -33.01 -52.65 -0.45
N LEU D 5 -32.03 -53.27 0.22
CA LEU D 5 -31.47 -52.78 1.47
C LEU D 5 -30.02 -52.29 1.32
N HIS D 6 -29.60 -51.44 2.26
CA HIS D 6 -28.26 -50.84 2.29
C HIS D 6 -27.37 -51.36 3.46
N PRO D 7 -26.06 -51.40 3.22
CA PRO D 7 -25.06 -51.89 4.19
C PRO D 7 -25.11 -51.39 5.64
N PRO D 8 -24.61 -52.21 6.58
CA PRO D 8 -24.48 -51.84 8.00
C PRO D 8 -23.42 -50.77 8.23
N SER D 9 -22.84 -50.76 9.43
CA SER D 9 -21.92 -49.69 9.82
C SER D 9 -20.41 -49.81 10.04
N TYR D 10 -19.70 -50.28 9.03
CA TYR D 10 -18.26 -49.94 8.83
C TYR D 10 -17.10 -49.92 9.90
N PRO D 11 -17.12 -50.51 11.08
CA PRO D 11 -16.00 -50.28 12.01
C PRO D 11 -14.72 -50.91 11.46
N TRP D 12 -13.97 -50.21 10.62
CA TRP D 12 -12.85 -50.83 9.91
C TRP D 12 -11.45 -50.71 10.46
N SER D 13 -11.10 -49.56 11.03
CA SER D 13 -9.73 -49.30 11.45
C SER D 13 -9.05 -48.62 10.24
N HIS D 14 -9.87 -47.89 9.49
CA HIS D 14 -9.48 -47.15 8.29
C HIS D 14 -10.74 -46.42 7.80
N ARG D 15 -11.48 -45.91 8.78
CA ARG D 15 -12.72 -45.26 8.56
C ARG D 15 -12.64 -43.80 8.94
N GLY D 16 -11.88 -43.51 10.00
CA GLY D 16 -11.72 -42.14 10.48
C GLY D 16 -10.89 -41.25 9.58
N LEU D 17 -10.77 -39.99 9.96
CA LEU D 17 -10.00 -38.97 9.21
C LEU D 17 -8.61 -39.48 8.88
N LEU D 18 -7.78 -39.51 9.92
CA LEU D 18 -6.46 -40.06 9.86
C LEU D 18 -6.72 -41.48 10.26
N SER D 19 -6.29 -42.44 9.46
CA SER D 19 -6.50 -43.85 9.77
C SER D 19 -5.83 -44.77 8.76
N SER D 20 -4.66 -45.27 9.12
CA SER D 20 -3.93 -46.19 8.29
C SER D 20 -4.73 -47.42 7.95
N LEU D 21 -4.06 -48.37 7.35
CA LEU D 21 -4.69 -49.60 7.04
C LEU D 21 -3.97 -50.58 7.92
N ASP D 22 -4.58 -51.72 8.20
CA ASP D 22 -3.87 -52.71 8.99
C ASP D 22 -3.14 -53.56 7.99
N HIS D 23 -1.98 -53.08 7.55
CA HIS D 23 -1.21 -53.80 6.57
C HIS D 23 -1.10 -55.32 6.73
N THR D 24 -1.32 -55.81 7.95
CA THR D 24 -1.35 -57.24 8.19
C THR D 24 -2.63 -57.76 7.55
N SER D 25 -3.72 -57.03 7.74
CA SER D 25 -5.00 -57.42 7.14
C SER D 25 -5.01 -57.25 5.63
N ILE D 26 -4.14 -56.41 5.10
CA ILE D 26 -4.04 -56.30 3.66
C ILE D 26 -3.40 -57.60 3.12
N ARG D 27 -2.42 -58.14 3.88
CA ARG D 27 -1.77 -59.42 3.55
C ARG D 27 -2.85 -60.46 3.39
N ARG D 28 -3.45 -60.83 4.51
CA ARG D 28 -4.48 -61.83 4.56
C ARG D 28 -5.47 -61.69 3.41
N GLY D 29 -5.85 -60.45 3.12
CA GLY D 29 -6.79 -60.17 2.05
C GLY D 29 -6.32 -60.54 0.66
N PHE D 30 -5.01 -60.33 0.39
CA PHE D 30 -4.43 -60.73 -0.89
C PHE D 30 -4.51 -62.25 -0.99
N GLN D 31 -4.19 -62.94 0.11
CA GLN D 31 -4.23 -64.39 0.13
C GLN D 31 -5.62 -64.85 -0.30
N VAL D 32 -6.64 -64.08 0.08
CA VAL D 32 -8.01 -64.42 -0.29
C VAL D 32 -8.20 -64.22 -1.79
N TYR D 33 -7.61 -63.18 -2.34
CA TYR D 33 -7.74 -62.96 -3.77
C TYR D 33 -6.92 -64.02 -4.50
N LYS D 34 -5.76 -64.34 -3.94
CA LYS D 34 -4.83 -65.32 -4.50
C LYS D 34 -5.45 -66.70 -4.71
N GLN D 35 -6.03 -67.27 -3.65
CA GLN D 35 -6.59 -68.62 -3.71
C GLN D 35 -8.03 -68.73 -4.18
N VAL D 36 -8.89 -67.86 -3.70
CA VAL D 36 -10.31 -67.90 -4.11
C VAL D 36 -10.77 -66.99 -5.27
N CYS D 37 -10.80 -65.68 -5.05
CA CYS D 37 -11.32 -64.74 -6.06
C CYS D 37 -10.62 -64.82 -7.42
N SER D 38 -9.29 -64.91 -7.41
CA SER D 38 -8.50 -64.93 -8.64
C SER D 38 -9.06 -65.82 -9.76
N SER D 39 -9.44 -67.06 -9.42
CA SER D 39 -9.96 -68.02 -10.42
C SER D 39 -11.21 -67.55 -11.20
N CYS D 40 -11.79 -66.43 -10.79
CA CYS D 40 -12.92 -65.87 -11.49
C CYS D 40 -12.79 -64.39 -11.83
N HIS D 41 -12.25 -63.61 -10.88
CA HIS D 41 -12.13 -62.15 -11.07
C HIS D 41 -10.77 -61.64 -11.51
N SER D 42 -10.75 -60.86 -12.59
CA SER D 42 -9.49 -60.25 -13.06
C SER D 42 -9.14 -59.04 -12.20
N MET D 43 -7.88 -58.91 -11.79
CA MET D 43 -7.44 -57.70 -11.06
C MET D 43 -6.41 -56.95 -11.89
N ASP D 44 -6.87 -56.51 -13.06
CA ASP D 44 -6.08 -55.83 -14.12
C ASP D 44 -5.15 -54.62 -13.85
N TYR D 45 -5.23 -54.00 -12.68
CA TYR D 45 -4.43 -52.80 -12.45
C TYR D 45 -3.35 -52.88 -11.40
N VAL D 46 -3.36 -53.96 -10.62
CA VAL D 46 -2.37 -54.15 -9.57
C VAL D 46 -1.21 -55.00 -10.09
N ALA D 47 -0.07 -54.96 -9.42
CA ALA D 47 1.11 -55.71 -9.84
C ALA D 47 1.88 -56.21 -8.63
N TYR D 48 2.80 -57.15 -8.85
CA TYR D 48 3.57 -57.72 -7.75
C TYR D 48 4.43 -56.69 -7.03
N ARG D 49 4.99 -55.74 -7.78
CA ARG D 49 5.74 -54.64 -7.20
C ARG D 49 4.87 -53.76 -6.26
N HIS D 50 3.62 -53.53 -6.62
CA HIS D 50 2.75 -52.70 -5.79
C HIS D 50 2.66 -53.21 -4.37
N LEU D 51 2.79 -54.53 -4.22
CA LEU D 51 2.68 -55.15 -2.91
C LEU D 51 3.95 -54.96 -2.11
N VAL D 52 5.08 -54.87 -2.81
CA VAL D 52 6.40 -54.70 -2.17
C VAL D 52 6.32 -53.60 -1.16
N GLY D 53 5.65 -52.56 -1.53
CA GLY D 53 5.52 -51.47 -0.62
C GLY D 53 4.63 -51.84 0.56
N VAL D 54 3.52 -52.48 0.28
CA VAL D 54 2.50 -52.68 1.28
C VAL D 54 2.50 -53.89 2.18
N CYS D 55 2.23 -55.05 1.62
CA CYS D 55 2.06 -56.23 2.43
C CYS D 55 3.25 -57.19 2.54
N TYR D 56 4.07 -57.27 1.49
CA TYR D 56 5.19 -58.21 1.49
C TYR D 56 6.58 -57.62 1.68
N THR D 57 7.57 -58.32 1.14
CA THR D 57 8.97 -57.91 1.18
C THR D 57 9.48 -58.04 -0.25
N GLU D 58 10.57 -57.34 -0.56
CA GLU D 58 11.22 -57.42 -1.88
C GLU D 58 11.29 -58.89 -2.36
N ASP D 59 12.03 -59.70 -1.61
CA ASP D 59 12.20 -61.12 -1.92
C ASP D 59 10.87 -61.88 -1.97
N GLU D 60 10.00 -61.62 -1.00
CA GLU D 60 8.69 -62.29 -0.93
C GLU D 60 7.85 -62.00 -2.15
N ALA D 61 7.84 -60.75 -2.56
CA ALA D 61 7.12 -60.31 -3.74
C ALA D 61 7.56 -61.09 -5.00
N LYS D 62 8.87 -61.29 -5.16
CA LYS D 62 9.40 -62.04 -6.30
C LYS D 62 8.86 -63.45 -6.24
N ALA D 63 9.05 -64.09 -5.09
CA ALA D 63 8.62 -65.48 -4.87
C ALA D 63 7.14 -65.72 -5.25
N LEU D 64 6.24 -64.85 -4.78
CA LEU D 64 4.81 -64.99 -5.06
C LEU D 64 4.47 -64.76 -6.52
N ALA D 65 5.28 -63.93 -7.17
CA ALA D 65 5.10 -63.64 -8.57
C ALA D 65 5.50 -64.87 -9.37
N GLU D 66 6.54 -65.56 -8.89
CA GLU D 66 7.06 -66.75 -9.54
C GLU D 66 6.18 -68.01 -9.50
N GLU D 67 5.03 -67.92 -8.83
CA GLU D 67 4.11 -69.03 -8.73
C GLU D 67 3.05 -69.05 -9.84
N VAL D 68 3.37 -68.45 -10.99
CA VAL D 68 2.41 -68.40 -12.11
C VAL D 68 3.12 -68.38 -13.49
N GLU D 69 2.34 -68.41 -14.58
CA GLU D 69 2.90 -68.39 -15.95
C GLU D 69 2.15 -67.41 -16.86
N VAL D 70 2.86 -66.39 -17.33
CA VAL D 70 2.29 -65.41 -18.23
C VAL D 70 2.77 -65.70 -19.65
N GLN D 71 2.22 -64.99 -20.63
CA GLN D 71 2.64 -65.17 -22.02
C GLN D 71 3.69 -64.12 -22.41
N ASP D 72 4.98 -64.46 -22.27
CA ASP D 72 6.08 -63.53 -22.56
C ASP D 72 6.26 -63.23 -24.05
N GLY D 73 6.96 -62.12 -24.33
CA GLY D 73 7.20 -61.64 -25.68
C GLY D 73 7.84 -62.62 -26.64
N PRO D 74 7.63 -62.41 -27.94
CA PRO D 74 8.14 -63.32 -28.99
C PRO D 74 9.66 -63.30 -29.18
N ASN D 75 10.23 -64.43 -29.61
CA ASN D 75 11.66 -64.50 -29.94
C ASN D 75 11.86 -65.02 -31.37
N GLU D 76 13.08 -64.86 -31.89
CA GLU D 76 13.46 -65.19 -33.29
C GLU D 76 12.56 -65.98 -34.25
N ASP D 77 11.82 -66.96 -33.75
CA ASP D 77 10.92 -67.75 -34.60
C ASP D 77 9.56 -67.05 -34.77
N GLY D 78 9.28 -66.09 -33.89
CA GLY D 78 8.00 -65.37 -33.90
C GLY D 78 7.06 -66.22 -33.09
N GLU D 79 7.50 -66.49 -31.86
CA GLU D 79 6.84 -67.47 -31.00
C GLU D 79 5.73 -67.04 -30.05
N MET D 80 5.98 -67.25 -28.75
CA MET D 80 5.03 -66.99 -27.65
C MET D 80 5.04 -68.17 -26.71
N PHE D 81 5.90 -68.09 -25.71
CA PHE D 81 6.07 -69.16 -24.72
C PHE D 81 5.43 -68.76 -23.38
N MET D 82 6.05 -69.20 -22.28
CA MET D 82 5.60 -68.86 -20.92
C MET D 82 6.83 -68.61 -20.05
N ARG D 83 6.65 -67.90 -18.94
CA ARG D 83 7.78 -67.52 -18.10
C ARG D 83 7.50 -67.55 -16.57
N PRO D 84 8.51 -67.96 -15.79
CA PRO D 84 8.45 -68.08 -14.32
C PRO D 84 7.59 -67.10 -13.53
N GLY D 85 7.49 -65.85 -13.92
CA GLY D 85 6.72 -64.89 -13.15
C GLY D 85 7.62 -63.76 -12.72
N LYS D 86 7.40 -62.62 -13.35
CA LYS D 86 8.22 -61.42 -13.19
C LYS D 86 8.31 -60.83 -11.76
N LEU D 87 7.58 -59.72 -11.57
CA LEU D 87 7.55 -58.94 -10.33
C LEU D 87 7.04 -57.61 -10.83
N SER D 88 6.85 -57.57 -12.14
CA SER D 88 6.47 -56.37 -12.82
C SER D 88 5.26 -56.54 -13.71
N ASP D 89 4.12 -57.00 -13.15
CA ASP D 89 2.80 -57.07 -13.87
C ASP D 89 1.84 -58.15 -13.45
N TYR D 90 1.24 -58.03 -12.26
CA TYR D 90 0.28 -59.05 -11.69
C TYR D 90 -0.39 -59.85 -12.74
N PHE D 91 -1.62 -59.44 -13.04
CA PHE D 91 -2.37 -59.93 -14.20
C PHE D 91 -2.71 -61.41 -14.36
N PRO D 92 -2.76 -62.24 -13.30
CA PRO D 92 -3.25 -63.58 -13.55
C PRO D 92 -4.66 -63.29 -14.06
N LYS D 93 -4.86 -63.48 -15.36
CA LYS D 93 -6.13 -63.20 -16.00
C LYS D 93 -6.83 -64.53 -16.28
N PRO D 94 -7.85 -64.84 -15.48
CA PRO D 94 -8.57 -66.11 -15.60
C PRO D 94 -9.20 -66.34 -16.97
N TYR D 95 -9.59 -65.29 -17.65
CA TYR D 95 -10.23 -65.45 -18.95
C TYR D 95 -9.69 -64.52 -20.04
N PRO D 96 -9.59 -65.06 -21.24
CA PRO D 96 -9.23 -64.25 -22.42
C PRO D 96 -10.37 -63.27 -22.72
N ASN D 97 -10.83 -63.23 -23.98
CA ASN D 97 -11.97 -62.39 -24.36
C ASN D 97 -13.11 -62.56 -23.34
N PRO D 98 -13.52 -61.46 -22.71
CA PRO D 98 -14.47 -61.46 -21.59
C PRO D 98 -15.64 -62.42 -21.69
N GLU D 99 -16.11 -62.65 -22.90
CA GLU D 99 -17.24 -63.52 -23.15
C GLU D 99 -16.99 -64.93 -22.62
N ALA D 100 -15.71 -65.28 -22.44
CA ALA D 100 -15.31 -66.57 -21.89
C ALA D 100 -15.72 -66.67 -20.41
N ALA D 101 -15.69 -65.55 -19.71
CA ALA D 101 -16.11 -65.55 -18.31
C ALA D 101 -17.62 -65.73 -18.25
N ARG D 102 -18.31 -65.25 -19.28
CA ARG D 102 -19.76 -65.38 -19.37
C ARG D 102 -20.14 -66.84 -19.63
N ALA D 103 -19.45 -67.44 -20.60
CA ALA D 103 -19.64 -68.83 -20.95
C ALA D 103 -19.50 -69.70 -19.70
N ALA D 104 -18.34 -69.59 -19.03
CA ALA D 104 -18.05 -70.36 -17.83
C ALA D 104 -19.07 -70.16 -16.71
N ASN D 105 -19.18 -68.94 -16.20
CA ASN D 105 -20.08 -68.67 -15.09
C ASN D 105 -21.60 -68.73 -15.39
N ASN D 106 -21.95 -68.73 -16.68
CA ASN D 106 -23.36 -68.81 -17.16
C ASN D 106 -24.09 -67.48 -17.09
N GLY D 107 -23.98 -66.71 -18.18
CA GLY D 107 -24.57 -65.38 -18.27
C GLY D 107 -23.73 -64.40 -17.50
N ALA D 108 -23.95 -64.37 -16.18
CA ALA D 108 -23.24 -63.49 -15.25
C ALA D 108 -21.73 -63.26 -15.55
N LEU D 109 -21.34 -61.99 -15.61
CA LEU D 109 -19.96 -61.60 -15.87
C LEU D 109 -19.33 -61.18 -14.57
N PRO D 110 -18.36 -61.96 -14.06
CA PRO D 110 -17.62 -61.60 -12.85
C PRO D 110 -16.92 -60.28 -13.10
N PRO D 111 -17.42 -59.23 -12.45
CA PRO D 111 -16.99 -57.86 -12.73
C PRO D 111 -15.68 -57.51 -12.14
N ASP D 112 -15.30 -56.27 -12.43
CA ASP D 112 -14.09 -55.59 -11.99
C ASP D 112 -13.00 -56.32 -11.21
N LEU D 113 -12.37 -55.63 -10.28
CA LEU D 113 -11.17 -56.15 -9.65
C LEU D 113 -10.83 -55.42 -8.37
N SER D 114 -9.84 -54.54 -8.45
CA SER D 114 -9.45 -53.69 -7.35
C SER D 114 -10.74 -52.98 -6.99
N TYR D 115 -11.55 -53.61 -6.12
CA TYR D 115 -12.90 -53.16 -5.85
C TYR D 115 -13.14 -52.10 -4.82
N ILE D 116 -14.43 -51.76 -4.69
CA ILE D 116 -14.96 -50.72 -3.82
C ILE D 116 -14.59 -49.37 -4.36
N VAL D 117 -15.34 -48.33 -4.01
CA VAL D 117 -15.17 -47.01 -4.64
C VAL D 117 -15.65 -47.16 -6.09
N ARG D 118 -15.65 -48.41 -6.54
CA ARG D 118 -15.84 -48.76 -7.94
C ARG D 118 -17.14 -48.68 -8.71
N ALA D 119 -18.26 -48.87 -8.05
CA ALA D 119 -19.55 -48.69 -8.69
C ALA D 119 -20.39 -49.12 -7.63
N ARG D 120 -19.76 -49.26 -6.48
CA ARG D 120 -20.51 -49.72 -5.36
C ARG D 120 -20.57 -48.71 -4.26
N HIS D 121 -21.74 -48.06 -4.16
CA HIS D 121 -22.01 -47.12 -3.08
C HIS D 121 -21.86 -47.91 -1.79
N GLY D 122 -21.32 -47.25 -0.77
CA GLY D 122 -21.03 -47.94 0.47
C GLY D 122 -19.95 -48.96 0.24
N GLY D 123 -19.03 -48.62 -0.65
CA GLY D 123 -17.90 -49.45 -1.05
C GLY D 123 -17.63 -50.73 -0.30
N GLU D 124 -16.69 -50.66 0.62
CA GLU D 124 -16.24 -51.83 1.40
C GLU D 124 -17.39 -52.55 2.09
N ASP D 125 -18.28 -51.78 2.68
CA ASP D 125 -19.40 -52.38 3.39
C ASP D 125 -20.27 -53.19 2.50
N TYR D 126 -20.67 -52.61 1.36
CA TYR D 126 -21.51 -53.34 0.42
C TYR D 126 -20.94 -54.70 0.09
N VAL D 127 -19.63 -54.72 -0.21
CA VAL D 127 -18.95 -55.96 -0.53
C VAL D 127 -18.93 -56.88 0.70
N PHE D 128 -18.49 -56.35 1.84
CA PHE D 128 -18.46 -57.14 3.05
C PHE D 128 -19.79 -57.78 3.30
N SER D 129 -20.84 -56.97 3.24
CA SER D 129 -22.19 -57.45 3.51
C SER D 129 -22.74 -58.34 2.42
N LEU D 130 -22.18 -58.24 1.20
CA LEU D 130 -22.59 -59.10 0.07
C LEU D 130 -22.04 -60.51 0.30
N LEU D 131 -20.73 -60.58 0.56
CA LEU D 131 -20.05 -61.85 0.79
C LEU D 131 -20.50 -62.53 2.07
N THR D 132 -20.58 -61.76 3.14
CA THR D 132 -20.91 -62.28 4.45
C THR D 132 -22.43 -62.44 4.69
N GLY D 133 -23.25 -61.97 3.77
CA GLY D 133 -24.68 -62.02 3.98
C GLY D 133 -25.54 -62.81 3.02
N TYR D 134 -25.14 -64.01 2.68
CA TYR D 134 -25.99 -64.85 1.84
C TYR D 134 -27.08 -65.43 2.74
N CYS D 135 -28.29 -65.55 2.21
CA CYS D 135 -29.42 -66.03 3.03
C CYS D 135 -30.50 -66.78 2.22
N GLU D 136 -31.34 -67.52 2.96
CA GLU D 136 -32.45 -68.30 2.40
C GLU D 136 -33.45 -67.45 1.58
N PRO D 137 -33.79 -67.91 0.37
CA PRO D 137 -34.75 -67.21 -0.50
C PRO D 137 -36.18 -67.37 0.03
N PRO D 138 -36.77 -66.29 0.54
CA PRO D 138 -38.10 -66.35 1.17
C PRO D 138 -39.24 -66.71 0.23
N THR D 139 -40.36 -67.08 0.84
CA THR D 139 -41.54 -67.54 0.13
C THR D 139 -42.14 -66.56 -0.87
N GLY D 140 -42.79 -67.11 -1.89
CA GLY D 140 -43.41 -66.32 -2.94
C GLY D 140 -42.54 -66.11 -4.18
N VAL D 141 -41.23 -66.22 -4.03
CA VAL D 141 -40.36 -65.97 -5.14
C VAL D 141 -39.39 -67.10 -5.45
N SER D 142 -39.43 -67.53 -6.70
CA SER D 142 -38.55 -68.57 -7.20
C SER D 142 -37.33 -67.92 -7.82
N LEU D 143 -36.46 -68.74 -8.36
CA LEU D 143 -35.28 -68.25 -9.02
C LEU D 143 -35.20 -68.93 -10.37
N ARG D 144 -35.35 -68.15 -11.45
CA ARG D 144 -35.16 -68.70 -12.78
C ARG D 144 -33.80 -69.41 -12.67
N GLU D 145 -33.84 -70.76 -12.64
CA GLU D 145 -32.66 -71.61 -12.40
C GLU D 145 -32.06 -71.31 -11.00
N GLY D 146 -31.38 -72.28 -10.40
CA GLY D 146 -30.76 -72.06 -9.10
C GLY D 146 -29.64 -71.05 -9.25
N LEU D 147 -29.99 -69.79 -9.62
CA LEU D 147 -29.06 -68.67 -9.86
C LEU D 147 -28.18 -68.44 -8.68
N TYR D 148 -28.79 -68.00 -7.56
CA TYR D 148 -28.19 -67.71 -6.22
C TYR D 148 -28.82 -66.42 -5.66
N PHE D 149 -29.25 -66.46 -4.40
CA PHE D 149 -29.98 -65.35 -3.77
C PHE D 149 -29.10 -64.57 -2.82
N ASN D 150 -29.25 -63.24 -2.84
CA ASN D 150 -28.50 -62.37 -1.92
C ASN D 150 -29.31 -61.10 -1.55
N PRO D 151 -29.60 -60.95 -0.25
CA PRO D 151 -30.46 -59.86 0.25
C PRO D 151 -30.02 -58.48 -0.23
N TYR D 152 -28.72 -58.26 -0.28
CA TYR D 152 -28.20 -57.01 -0.75
C TYR D 152 -28.27 -57.02 -2.27
N PHE D 153 -27.14 -56.87 -2.95
CA PHE D 153 -27.17 -56.87 -4.42
C PHE D 153 -28.36 -56.03 -4.94
N PRO D 154 -28.32 -55.56 -6.17
CA PRO D 154 -29.53 -54.98 -6.76
C PRO D 154 -30.48 -56.11 -7.18
N GLY D 155 -31.77 -55.95 -6.92
CA GLY D 155 -32.73 -56.95 -7.32
C GLY D 155 -32.63 -58.26 -6.54
N GLN D 156 -32.05 -58.18 -5.34
CA GLN D 156 -31.90 -59.33 -4.41
C GLN D 156 -31.46 -60.69 -5.01
N ALA D 157 -31.57 -60.82 -6.33
CA ALA D 157 -31.27 -62.09 -6.97
C ALA D 157 -30.31 -62.01 -8.14
N ILE D 158 -29.35 -62.94 -8.15
CA ILE D 158 -28.45 -63.14 -9.30
C ILE D 158 -26.97 -63.51 -9.06
N GLY D 159 -26.50 -64.47 -9.90
CA GLY D 159 -25.08 -64.71 -10.15
C GLY D 159 -24.04 -65.58 -9.49
N MET D 160 -23.40 -65.02 -8.48
CA MET D 160 -22.23 -65.60 -7.84
C MET D 160 -22.56 -66.58 -6.70
N ALA D 161 -21.92 -67.76 -6.73
CA ALA D 161 -22.10 -68.78 -5.68
C ALA D 161 -21.35 -68.31 -4.45
N PRO D 162 -21.93 -68.51 -3.28
CA PRO D 162 -21.36 -68.03 -2.01
C PRO D 162 -20.00 -68.64 -1.74
N PRO D 163 -18.90 -67.94 -2.01
CA PRO D 163 -17.59 -68.54 -1.83
C PRO D 163 -16.86 -68.12 -0.57
N ILE D 164 -17.50 -68.16 0.59
CA ILE D 164 -16.79 -67.83 1.82
C ILE D 164 -17.16 -68.67 3.04
N TYR D 165 -16.14 -69.41 3.50
CA TYR D 165 -16.09 -70.36 4.65
C TYR D 165 -15.51 -71.68 4.23
N ASN D 166 -15.39 -71.86 2.92
CA ASN D 166 -14.61 -72.97 2.42
C ASN D 166 -13.27 -72.51 3.01
N GLU D 167 -13.05 -72.91 4.27
CA GLU D 167 -11.92 -72.42 5.05
C GLU D 167 -10.58 -72.66 4.44
N VAL D 168 -10.30 -71.92 3.37
CA VAL D 168 -8.99 -72.00 2.78
C VAL D 168 -8.20 -71.19 3.77
N LEU D 169 -6.95 -71.55 3.99
CA LEU D 169 -6.12 -70.78 4.88
C LEU D 169 -4.67 -70.88 4.46
N GLU D 170 -3.89 -69.92 4.92
CA GLU D 170 -2.45 -69.93 4.80
C GLU D 170 -2.00 -68.68 5.50
N PHE D 171 -2.91 -68.18 6.34
CA PHE D 171 -2.59 -67.08 7.20
C PHE D 171 -1.48 -67.71 7.99
N ASP D 172 -0.32 -67.07 8.02
CA ASP D 172 0.75 -67.52 8.88
C ASP D 172 0.19 -67.14 10.27
N ASP D 173 0.71 -66.06 10.86
CA ASP D 173 0.20 -65.54 12.14
C ASP D 173 -0.14 -66.58 13.15
N GLY D 174 -1.33 -67.14 12.91
CA GLY D 174 -1.99 -68.08 13.78
C GLY D 174 -3.39 -67.52 13.83
N THR D 175 -3.91 -67.16 12.65
CA THR D 175 -5.25 -66.57 12.52
C THR D 175 -6.33 -67.49 11.94
N PRO D 176 -7.40 -67.69 12.71
CA PRO D 176 -8.54 -68.53 12.30
C PRO D 176 -9.25 -68.03 11.05
N ALA D 177 -9.10 -68.74 9.94
CA ALA D 177 -9.75 -68.34 8.70
C ALA D 177 -11.28 -68.53 8.75
N THR D 178 -11.95 -67.73 9.55
CA THR D 178 -13.40 -67.79 9.62
C THR D 178 -14.08 -66.89 8.59
N MET D 179 -15.33 -67.25 8.28
CA MET D 179 -16.20 -66.51 7.38
C MET D 179 -15.86 -65.01 7.38
N SER D 180 -16.20 -64.38 8.49
CA SER D 180 -16.00 -62.96 8.70
C SER D 180 -14.56 -62.52 8.57
N GLN D 181 -13.67 -63.14 9.34
CA GLN D 181 -12.27 -62.75 9.36
C GLN D 181 -11.67 -62.73 7.97
N VAL D 182 -12.06 -63.70 7.15
CA VAL D 182 -11.57 -63.76 5.77
C VAL D 182 -12.20 -62.63 4.93
N ALA D 183 -13.42 -62.22 5.28
CA ALA D 183 -14.10 -61.13 4.55
C ALA D 183 -13.49 -59.77 4.92
N LYS D 184 -13.35 -59.53 6.22
CA LYS D 184 -12.75 -58.28 6.72
C LYS D 184 -11.42 -58.03 6.03
N ASP D 185 -10.65 -59.11 5.89
CA ASP D 185 -9.35 -59.06 5.26
C ASP D 185 -9.47 -58.81 3.76
N VAL D 186 -10.41 -59.49 3.10
CA VAL D 186 -10.57 -59.30 1.65
C VAL D 186 -11.06 -57.89 1.31
N CYS D 187 -11.98 -57.37 2.11
CA CYS D 187 -12.45 -56.03 1.85
C CYS D 187 -11.29 -55.07 2.15
N THR D 188 -10.64 -55.27 3.28
CA THR D 188 -9.52 -54.45 3.67
C THR D 188 -8.52 -54.38 2.53
N PHE D 189 -8.09 -55.51 2.04
CA PHE D 189 -7.17 -55.56 0.94
C PHE D 189 -7.74 -54.88 -0.29
N LEU D 190 -9.01 -55.15 -0.61
CA LEU D 190 -9.62 -54.55 -1.80
C LEU D 190 -9.64 -53.01 -1.72
N ARG D 191 -9.68 -52.51 -0.48
CA ARG D 191 -9.65 -51.08 -0.20
C ARG D 191 -8.34 -50.54 -0.72
N TRP D 192 -7.27 -51.24 -0.36
CA TRP D 192 -5.95 -50.82 -0.79
C TRP D 192 -5.77 -51.00 -2.30
N ALA D 193 -6.38 -52.02 -2.90
CA ALA D 193 -6.23 -52.22 -4.35
C ALA D 193 -6.89 -51.08 -5.15
N ALA D 194 -7.98 -50.54 -4.60
CA ALA D 194 -8.68 -49.45 -5.27
C ALA D 194 -8.07 -48.11 -4.96
N GLU D 195 -7.54 -47.96 -3.75
CA GLU D 195 -6.96 -46.70 -3.31
C GLU D 195 -5.64 -46.95 -2.57
N PRO D 196 -4.56 -47.13 -3.33
CA PRO D 196 -3.22 -47.37 -2.76
C PRO D 196 -2.66 -46.15 -2.00
N GLU D 197 -3.04 -44.96 -2.45
CA GLU D 197 -2.54 -43.72 -1.89
C GLU D 197 -3.11 -43.43 -0.49
N HIS D 198 -4.25 -44.05 -0.18
CA HIS D 198 -5.00 -43.91 1.09
C HIS D 198 -4.23 -43.44 2.35
N ASP D 199 -3.12 -44.10 2.65
CA ASP D 199 -2.34 -43.79 3.84
C ASP D 199 -1.45 -42.57 3.77
N HIS D 200 -0.95 -42.25 2.59
CA HIS D 200 -0.05 -41.11 2.39
C HIS D 200 -0.89 -39.82 2.43
N ARG D 201 -2.02 -39.92 1.75
CA ARG D 201 -3.03 -38.88 1.64
C ARG D 201 -3.48 -38.34 3.00
N LYS D 202 -3.76 -39.22 3.95
CA LYS D 202 -4.19 -38.79 5.26
C LYS D 202 -3.03 -38.30 6.11
N ARG D 203 -1.82 -38.72 5.79
CA ARG D 203 -0.64 -38.20 6.48
C ARG D 203 -0.42 -36.76 5.96
N MET D 204 -0.63 -36.59 4.66
CA MET D 204 -0.54 -35.28 4.08
C MET D 204 -1.66 -34.49 4.68
N GLY D 205 -2.86 -35.03 4.54
CA GLY D 205 -4.06 -34.43 5.10
C GLY D 205 -3.85 -33.93 6.52
N LEU D 206 -3.20 -34.72 7.37
CA LEU D 206 -2.87 -34.26 8.70
C LEU D 206 -2.11 -32.95 8.56
N LYS D 207 -0.95 -33.03 7.91
CA LYS D 207 -0.11 -31.87 7.73
C LYS D 207 -0.88 -30.65 7.20
N MET D 208 -1.88 -30.87 6.34
CA MET D 208 -2.66 -29.76 5.78
C MET D 208 -3.47 -29.03 6.86
N LEU D 209 -4.08 -29.76 7.77
CA LEU D 209 -4.82 -29.13 8.86
C LEU D 209 -3.87 -28.53 9.88
N LEU D 210 -2.73 -29.17 10.09
CA LEU D 210 -1.78 -28.70 11.06
C LEU D 210 -1.17 -27.38 10.53
N MET D 211 -0.78 -27.38 9.26
CA MET D 211 -0.22 -26.19 8.65
C MET D 211 -1.26 -25.08 8.56
N MET D 212 -2.47 -25.46 8.14
CA MET D 212 -3.58 -24.53 7.96
C MET D 212 -3.94 -23.91 9.28
N GLY D 213 -3.76 -24.66 10.35
CA GLY D 213 -4.03 -24.16 11.67
C GLY D 213 -2.97 -23.21 12.16
N LEU D 214 -1.84 -23.18 11.49
CA LEU D 214 -0.79 -22.25 11.85
C LEU D 214 -0.99 -20.98 11.00
N LEU D 215 -1.03 -21.19 9.68
CA LEU D 215 -1.13 -20.12 8.69
C LEU D 215 -2.41 -19.31 8.75
N LEU D 216 -3.56 -19.98 8.87
CA LEU D 216 -4.82 -19.27 8.94
C LEU D 216 -4.83 -18.14 9.97
N PRO D 217 -4.61 -18.44 11.25
CA PRO D 217 -4.57 -17.39 12.27
C PRO D 217 -3.55 -16.33 11.96
N LEU D 218 -2.36 -16.74 11.50
CA LEU D 218 -1.27 -15.80 11.16
C LEU D 218 -1.62 -14.82 10.00
N VAL D 219 -2.06 -15.37 8.86
CA VAL D 219 -2.44 -14.55 7.71
C VAL D 219 -3.62 -13.63 8.07
N TYR D 220 -4.52 -14.13 8.90
CA TYR D 220 -5.65 -13.36 9.34
C TYR D 220 -5.11 -12.16 10.13
N ALA D 221 -4.14 -12.41 11.02
CA ALA D 221 -3.57 -11.35 11.84
C ALA D 221 -2.81 -10.32 11.00
N MET D 222 -2.23 -10.78 9.88
CA MET D 222 -1.52 -9.87 8.97
C MET D 222 -2.49 -8.89 8.37
N LYS D 223 -3.65 -9.41 7.96
CA LYS D 223 -4.66 -8.59 7.36
C LYS D 223 -5.27 -7.62 8.33
N ARG D 224 -5.50 -8.06 9.59
CA ARG D 224 -6.10 -7.14 10.56
C ARG D 224 -5.12 -5.98 10.83
N HIS D 225 -3.84 -6.32 11.00
CA HIS D 225 -2.77 -5.31 11.21
C HIS D 225 -2.87 -4.19 10.17
N LYS D 226 -2.85 -4.57 8.90
CA LYS D 226 -2.89 -3.61 7.84
C LYS D 226 -4.24 -2.89 7.75
N TRP D 227 -5.32 -3.56 8.13
CA TRP D 227 -6.62 -2.95 8.08
C TRP D 227 -6.93 -2.10 9.32
N SER D 228 -6.03 -2.19 10.33
CA SER D 228 -6.16 -1.44 11.62
C SER D 228 -6.55 0.00 11.36
N VAL D 229 -5.71 0.61 10.52
CA VAL D 229 -5.78 1.99 10.10
C VAL D 229 -7.14 2.44 9.64
N LEU D 230 -7.87 1.56 8.98
CA LEU D 230 -9.18 1.88 8.53
C LEU D 230 -10.18 1.60 9.62
N LYS D 231 -10.07 0.43 10.27
CA LYS D 231 -11.01 0.03 11.28
C LYS D 231 -11.18 1.00 12.45
N SER D 232 -10.08 1.61 12.86
CA SER D 232 -10.16 2.56 13.96
C SER D 232 -10.15 4.03 13.53
N ARG D 233 -10.06 4.32 12.22
CA ARG D 233 -10.08 5.70 11.75
C ARG D 233 -11.31 6.42 12.29
N LYS D 234 -11.19 7.72 12.54
CA LYS D 234 -12.31 8.50 13.01
C LYS D 234 -12.63 9.67 12.03
N LEU D 235 -13.91 9.96 11.81
CA LEU D 235 -14.30 11.03 10.91
C LEU D 235 -14.94 12.18 11.68
N ALA D 236 -14.87 13.37 11.08
CA ALA D 236 -15.47 14.61 11.60
C ALA D 236 -15.81 15.50 10.38
N TYR D 237 -17.00 16.07 10.38
CA TYR D 237 -17.44 16.97 9.33
C TYR D 237 -17.39 18.33 9.97
N ARG D 238 -16.79 19.26 9.28
CA ARG D 238 -16.69 20.61 9.82
C ARG D 238 -16.94 21.61 8.73
N PRO D 239 -18.21 21.80 8.36
CA PRO D 239 -18.55 22.72 7.28
C PRO D 239 -18.54 24.14 7.77
N PRO D 240 -18.43 25.12 6.90
CA PRO D 240 -18.47 26.55 7.30
C PRO D 240 -19.80 26.95 7.97
N SER E 1 -9.09 28.66 15.72
CA SER E 1 -10.30 27.85 15.40
C SER E 1 -10.01 26.48 14.78
N HIS E 2 -9.01 26.40 13.90
CA HIS E 2 -8.57 25.10 13.47
C HIS E 2 -7.87 24.52 14.72
N THR E 3 -7.63 25.40 15.70
CA THR E 3 -7.06 24.99 16.98
C THR E 3 -8.09 24.40 17.92
N ASP E 4 -9.37 24.38 17.51
CA ASP E 4 -10.44 23.71 18.28
C ASP E 4 -10.52 22.25 17.82
N ILE E 5 -9.51 21.78 17.10
CA ILE E 5 -9.60 20.46 16.50
C ILE E 5 -9.55 19.33 17.51
N LYS E 6 -8.33 18.94 17.89
CA LYS E 6 -8.06 17.84 18.81
C LYS E 6 -8.30 16.47 18.22
N VAL E 7 -7.25 15.64 18.23
CA VAL E 7 -7.33 14.26 17.74
C VAL E 7 -8.09 13.43 18.79
N PRO E 8 -9.10 12.68 18.38
CA PRO E 8 -9.92 11.94 19.35
C PRO E 8 -9.15 10.83 20.04
N ASP E 9 -9.69 10.38 21.17
CA ASP E 9 -9.06 9.36 21.99
C ASP E 9 -9.03 7.95 21.40
N PHE E 10 -7.82 7.38 21.31
CA PHE E 10 -7.60 6.06 20.75
C PHE E 10 -7.25 5.01 21.79
N SER E 11 -7.37 5.36 23.06
CA SER E 11 -7.07 4.43 24.14
C SER E 11 -7.59 3.03 23.92
N ASP E 12 -8.81 2.88 23.44
CA ASP E 12 -9.27 1.52 23.27
C ASP E 12 -8.95 0.82 21.97
N TYR E 13 -7.88 1.25 21.34
CA TYR E 13 -7.43 0.61 20.13
C TYR E 13 -5.92 0.38 20.23
N ARG E 14 -5.31 1.14 21.13
CA ARG E 14 -3.87 1.12 21.37
C ARG E 14 -3.28 -0.10 22.03
N ARG E 15 -2.08 -0.46 21.57
CA ARG E 15 -1.28 -1.49 22.20
C ARG E 15 -0.91 -0.95 23.59
N PRO E 16 -0.80 -1.85 24.57
CA PRO E 16 -0.58 -1.42 25.95
C PRO E 16 0.77 -0.74 26.23
N GLU E 17 1.79 -1.05 25.42
CA GLU E 17 3.11 -0.46 25.61
C GLU E 17 3.05 1.05 25.43
N VAL E 18 2.05 1.49 24.68
CA VAL E 18 1.81 2.91 24.53
C VAL E 18 0.67 3.20 25.49
N LEU E 19 -0.36 3.92 25.10
CA LEU E 19 -1.48 4.11 26.07
C LEU E 19 -1.16 5.16 27.18
N ASP E 20 0.10 5.21 27.61
CA ASP E 20 0.51 6.21 28.58
C ASP E 20 1.25 7.35 27.93
N SER E 21 0.77 8.58 28.14
CA SER E 21 1.48 9.78 27.64
C SER E 21 2.88 9.77 28.32
N THR E 22 3.11 10.65 29.29
CA THR E 22 4.40 10.67 30.04
C THR E 22 5.53 9.73 29.54
N LYS E 23 5.19 8.56 29.00
CA LYS E 23 6.19 7.61 28.50
C LYS E 23 6.43 7.74 26.97
N SER E 24 7.69 7.80 26.56
CA SER E 24 8.01 7.90 25.16
C SER E 24 7.65 6.56 24.55
N SER E 25 7.42 6.53 23.25
CA SER E 25 7.05 5.30 22.62
C SER E 25 8.21 4.62 21.94
N LYS E 26 9.31 5.33 21.80
CA LYS E 26 10.50 4.77 21.18
C LYS E 26 10.92 3.49 21.93
N GLU E 27 10.66 3.46 23.23
CA GLU E 27 11.03 2.34 24.07
C GLU E 27 10.31 1.03 23.73
N SER E 28 9.11 1.12 23.16
CA SER E 28 8.39 -0.08 22.79
C SER E 28 8.37 -0.26 21.29
N SER E 29 9.10 0.62 20.61
CA SER E 29 9.15 0.64 19.15
C SER E 29 9.68 -0.68 18.59
N GLU E 30 10.79 -1.14 19.12
CA GLU E 30 11.37 -2.40 18.64
C GLU E 30 10.46 -3.63 18.91
N ALA E 31 9.92 -3.72 20.13
CA ALA E 31 9.06 -4.84 20.51
C ALA E 31 7.80 -4.92 19.67
N ARG E 32 7.17 -3.78 19.44
CA ARG E 32 5.91 -3.78 18.72
C ARG E 32 6.08 -4.15 17.27
N LYS E 33 7.18 -3.69 16.67
CA LYS E 33 7.51 -4.09 15.28
C LYS E 33 8.02 -5.53 15.30
N GLY E 34 8.80 -5.86 16.32
CA GLY E 34 9.29 -7.21 16.48
C GLY E 34 8.15 -8.21 16.33
N PHE E 35 7.11 -8.03 17.14
CA PHE E 35 5.96 -8.94 17.16
C PHE E 35 5.23 -9.03 15.84
N SER E 36 5.01 -7.89 15.21
CA SER E 36 4.25 -7.87 13.96
C SER E 36 5.06 -8.43 12.80
N TYR E 37 6.36 -8.25 12.85
CA TYR E 37 7.19 -8.77 11.79
C TYR E 37 7.38 -10.27 11.97
N LEU E 38 7.59 -10.70 13.22
CA LEU E 38 7.71 -12.13 13.51
C LEU E 38 6.55 -12.88 12.91
N VAL E 39 5.36 -12.31 13.06
CA VAL E 39 4.16 -12.87 12.51
C VAL E 39 4.31 -13.09 11.01
N THR E 40 4.78 -12.10 10.28
CA THR E 40 4.92 -12.28 8.83
C THR E 40 6.02 -13.29 8.48
N ALA E 41 7.16 -13.21 9.19
CA ALA E 41 8.27 -14.11 8.96
C ALA E 41 7.74 -15.52 9.05
N THR E 42 7.12 -15.82 10.19
CA THR E 42 6.54 -17.12 10.46
C THR E 42 5.61 -17.54 9.33
N THR E 43 4.75 -16.61 8.92
CA THR E 43 3.81 -16.86 7.83
C THR E 43 4.56 -17.28 6.60
N THR E 44 5.43 -16.42 6.14
CA THR E 44 6.13 -16.74 4.94
C THR E 44 6.94 -18.05 5.07
N VAL E 45 7.49 -18.30 6.26
CA VAL E 45 8.17 -19.56 6.57
C VAL E 45 7.18 -20.72 6.37
N GLY E 46 5.96 -20.55 6.86
CA GLY E 46 4.94 -21.57 6.74
C GLY E 46 4.58 -21.77 5.27
N VAL E 47 4.40 -20.67 4.56
CA VAL E 47 4.03 -20.73 3.17
C VAL E 47 5.18 -21.29 2.42
N ALA E 48 6.38 -21.03 2.91
CA ALA E 48 7.59 -21.55 2.27
C ALA E 48 7.43 -23.04 2.36
N TYR E 49 7.20 -23.55 3.57
CA TYR E 49 6.98 -24.96 3.77
C TYR E 49 5.99 -25.57 2.76
N ALA E 50 4.88 -24.93 2.54
CA ALA E 50 3.86 -25.52 1.68
C ALA E 50 4.21 -25.40 0.22
N ALA E 51 4.97 -24.37 -0.12
CA ALA E 51 5.32 -24.12 -1.51
C ALA E 51 6.27 -25.16 -2.11
N LYS E 52 7.37 -25.50 -1.42
CA LYS E 52 8.26 -26.51 -1.99
C LYS E 52 7.69 -27.89 -1.91
N ASN E 53 6.78 -28.14 -0.98
CA ASN E 53 6.17 -29.44 -0.96
C ASN E 53 5.35 -29.64 -2.23
N VAL E 54 4.45 -28.72 -2.52
CA VAL E 54 3.63 -28.83 -3.74
C VAL E 54 4.42 -28.63 -5.06
N VAL E 55 5.51 -27.86 -5.01
CA VAL E 55 6.31 -27.64 -6.20
C VAL E 55 7.14 -28.92 -6.45
N SER E 56 7.68 -29.49 -5.38
CA SER E 56 8.40 -30.77 -5.49
C SER E 56 7.48 -31.87 -6.04
N GLN E 57 6.33 -32.07 -5.41
CA GLN E 57 5.38 -33.06 -5.89
C GLN E 57 5.10 -32.89 -7.40
N PHE E 58 4.78 -31.67 -7.82
CA PHE E 58 4.52 -31.38 -9.24
C PHE E 58 5.76 -31.65 -10.12
N VAL E 59 6.96 -31.40 -9.57
CA VAL E 59 8.23 -31.63 -10.26
C VAL E 59 8.56 -33.12 -10.28
N SER E 60 8.45 -33.77 -9.11
CA SER E 60 8.71 -35.21 -8.99
C SER E 60 7.78 -36.05 -9.89
N SER E 61 6.66 -35.46 -10.31
CA SER E 61 5.70 -36.13 -11.15
C SER E 61 6.18 -36.31 -12.57
N MET E 62 7.14 -35.49 -12.98
CA MET E 62 7.69 -35.59 -14.36
C MET E 62 8.82 -36.62 -14.43
N SER E 63 9.25 -37.10 -13.26
CA SER E 63 10.23 -38.17 -13.20
C SER E 63 9.51 -39.44 -13.55
N ALA E 64 10.29 -40.48 -13.86
CA ALA E 64 9.78 -41.78 -14.24
C ALA E 64 8.74 -42.31 -13.25
N SER E 65 7.78 -43.09 -13.76
CA SER E 65 6.61 -43.55 -12.99
C SER E 65 6.53 -45.00 -12.46
N ALA E 66 6.49 -45.97 -13.36
CA ALA E 66 6.38 -47.37 -12.93
C ALA E 66 7.78 -47.95 -13.03
N ASP E 67 8.36 -47.72 -14.22
CA ASP E 67 9.73 -48.06 -14.65
C ASP E 67 10.83 -48.32 -13.64
N VAL E 68 10.93 -49.57 -13.19
CA VAL E 68 12.05 -50.04 -12.38
C VAL E 68 12.29 -51.36 -13.15
N LEU E 69 12.53 -51.12 -14.44
CA LEU E 69 12.71 -52.07 -15.55
C LEU E 69 12.70 -53.60 -15.56
N ALA E 70 13.58 -54.16 -16.41
CA ALA E 70 13.56 -55.59 -16.77
C ALA E 70 14.50 -56.61 -16.09
N MET E 71 14.43 -57.85 -16.61
CA MET E 71 15.22 -58.99 -16.11
C MET E 71 16.39 -59.32 -17.06
N SER E 72 16.11 -59.28 -18.37
CA SER E 72 17.11 -59.51 -19.43
C SER E 72 17.99 -60.76 -19.33
N LYS E 73 19.28 -60.57 -19.05
CA LYS E 73 20.26 -61.68 -18.94
C LYS E 73 20.09 -62.76 -20.02
N ILE E 74 19.42 -62.41 -21.12
CA ILE E 74 19.11 -63.33 -22.22
C ILE E 74 20.11 -64.48 -22.35
N GLU E 75 19.60 -65.71 -22.26
CA GLU E 75 20.46 -66.90 -22.42
C GLU E 75 21.27 -66.78 -23.70
N ILE E 76 22.53 -66.39 -23.58
CA ILE E 76 23.37 -66.22 -24.75
C ILE E 76 24.38 -67.33 -24.90
N LYS E 77 24.40 -67.91 -26.08
CA LYS E 77 25.37 -68.90 -26.43
C LYS E 77 26.28 -68.10 -27.34
N LEU E 78 27.54 -67.91 -26.94
CA LEU E 78 28.47 -67.13 -27.78
C LEU E 78 29.75 -67.84 -28.25
N SER E 79 29.65 -69.15 -28.44
CA SER E 79 30.67 -69.94 -29.11
C SER E 79 29.73 -70.70 -30.01
N ASP E 80 28.65 -70.00 -30.31
CA ASP E 80 27.50 -70.46 -31.06
C ASP E 80 27.41 -69.55 -32.30
N ILE E 81 27.45 -68.23 -32.05
CA ILE E 81 27.42 -67.19 -33.10
C ILE E 81 28.74 -67.34 -33.91
N PRO E 82 28.74 -66.95 -35.20
CA PRO E 82 29.93 -67.14 -36.07
C PRO E 82 31.25 -66.51 -35.60
N GLU E 83 32.38 -67.07 -36.07
CA GLU E 83 33.75 -66.60 -35.73
C GLU E 83 33.87 -65.24 -35.01
N GLY E 84 33.14 -64.23 -35.49
CA GLY E 84 33.17 -62.92 -34.87
C GLY E 84 32.06 -61.94 -35.24
N LYS E 85 30.84 -62.43 -35.44
CA LYS E 85 29.71 -61.53 -35.79
C LYS E 85 29.15 -60.76 -34.57
N ASN E 86 28.48 -59.63 -34.85
CA ASN E 86 27.96 -58.73 -33.79
C ASN E 86 26.48 -58.94 -33.43
N MET E 87 26.19 -59.11 -32.14
CA MET E 87 24.81 -59.32 -31.68
C MET E 87 24.35 -58.28 -30.63
N ALA E 88 23.10 -57.81 -30.76
CA ALA E 88 22.55 -56.80 -29.84
C ALA E 88 21.15 -57.10 -29.28
N PHE E 89 21.00 -57.00 -27.96
CA PHE E 89 19.71 -57.21 -27.29
C PHE E 89 19.33 -55.92 -26.53
N LYS E 90 18.34 -56.03 -25.66
CA LYS E 90 17.91 -54.92 -24.77
C LYS E 90 18.09 -55.37 -23.29
N TRP E 91 18.58 -54.48 -22.43
CA TRP E 91 18.70 -54.80 -20.97
C TRP E 91 17.97 -53.73 -20.20
N ARG E 92 16.82 -53.29 -20.74
CA ARG E 92 16.07 -52.17 -20.18
C ARG E 92 15.75 -51.26 -21.37
N GLY E 93 15.55 -51.88 -22.53
CA GLY E 93 15.26 -51.17 -23.77
C GLY E 93 16.46 -50.43 -24.34
N LYS E 94 17.64 -50.74 -23.80
CA LYS E 94 18.87 -50.06 -24.20
C LYS E 94 19.88 -51.00 -24.85
N PRO E 95 20.00 -50.91 -26.17
CA PRO E 95 20.87 -51.76 -26.98
C PRO E 95 22.20 -52.19 -26.32
N LEU E 96 22.45 -53.51 -26.26
CA LEU E 96 23.72 -54.10 -25.74
C LEU E 96 24.36 -54.88 -26.87
N PHE E 97 25.48 -54.41 -27.42
CA PHE E 97 26.10 -55.17 -28.52
C PHE E 97 27.43 -55.91 -28.32
N VAL E 98 27.48 -57.14 -28.82
CA VAL E 98 28.63 -58.00 -28.60
C VAL E 98 29.16 -58.68 -29.86
N ARG E 99 30.47 -58.57 -30.09
CA ARG E 99 31.14 -59.32 -31.15
C ARG E 99 31.86 -60.45 -30.43
N HIS E 100 32.38 -61.43 -31.16
CA HIS E 100 33.27 -62.40 -30.52
C HIS E 100 34.59 -61.66 -30.59
N ARG E 101 35.71 -62.39 -30.58
CA ARG E 101 37.00 -61.71 -30.63
C ARG E 101 38.14 -62.46 -31.36
N THR E 102 37.99 -62.61 -32.66
CA THR E 102 38.95 -63.31 -33.55
C THR E 102 40.45 -63.08 -33.24
N LYS E 103 41.29 -64.10 -33.54
CA LYS E 103 42.75 -64.01 -33.34
C LYS E 103 43.28 -62.65 -33.81
N LYS E 104 43.42 -62.48 -35.13
CA LYS E 104 43.83 -61.20 -35.74
C LYS E 104 43.25 -59.95 -35.03
N GLU E 105 41.99 -60.03 -34.62
CA GLU E 105 41.31 -58.89 -33.98
C GLU E 105 41.72 -58.66 -32.51
N ILE E 106 42.16 -59.73 -31.83
CA ILE E 106 42.64 -59.63 -30.44
C ILE E 106 43.68 -58.52 -30.26
N ASP E 107 44.78 -58.68 -30.98
CA ASP E 107 45.97 -57.80 -30.88
C ASP E 107 45.83 -56.34 -31.28
N GLN E 108 44.81 -55.98 -32.05
CA GLN E 108 44.62 -54.58 -32.41
C GLN E 108 44.30 -53.90 -31.09
N GLU E 109 43.81 -54.71 -30.16
CA GLU E 109 43.44 -54.25 -28.82
C GLU E 109 44.41 -54.74 -27.76
N ALA E 110 45.32 -55.63 -28.15
CA ALA E 110 46.41 -56.06 -27.27
C ALA E 110 47.48 -54.98 -27.35
N ALA E 111 47.34 -54.08 -28.33
CA ALA E 111 48.19 -52.91 -28.48
C ALA E 111 47.29 -51.72 -28.18
N VAL E 112 47.28 -51.26 -26.94
CA VAL E 112 46.37 -50.17 -26.53
C VAL E 112 46.96 -48.76 -26.63
N GLU E 113 47.35 -48.21 -25.46
CA GLU E 113 47.88 -46.86 -25.27
C GLU E 113 47.09 -46.22 -24.13
N VAL E 114 47.77 -45.90 -23.04
CA VAL E 114 47.11 -45.25 -21.89
C VAL E 114 47.74 -43.88 -21.67
N SER E 115 49.02 -43.77 -22.02
CA SER E 115 49.81 -42.54 -21.86
C SER E 115 49.26 -41.33 -22.65
N GLN E 116 48.25 -41.55 -23.49
CA GLN E 116 47.64 -40.47 -24.28
C GLN E 116 46.09 -40.46 -24.26
N LEU E 117 45.46 -40.91 -23.17
CA LEU E 117 43.98 -40.99 -23.11
C LEU E 117 43.19 -39.94 -22.28
N ARG E 118 41.88 -40.18 -22.12
CA ARG E 118 40.99 -39.27 -21.36
C ARG E 118 40.31 -40.06 -20.25
N ASP E 119 40.29 -41.37 -20.42
CA ASP E 119 39.71 -42.31 -19.45
C ASP E 119 40.71 -43.49 -19.49
N PRO E 120 40.87 -44.22 -18.38
CA PRO E 120 41.89 -45.27 -18.31
C PRO E 120 41.49 -46.75 -18.59
N GLN E 121 42.45 -47.51 -19.16
CA GLN E 121 42.36 -48.99 -19.40
C GLN E 121 43.23 -49.60 -20.54
N HIS E 122 42.99 -50.89 -20.86
CA HIS E 122 43.66 -51.65 -21.93
C HIS E 122 42.56 -52.70 -22.24
N ASP E 123 42.32 -53.06 -23.51
CA ASP E 123 41.23 -54.00 -23.83
C ASP E 123 41.23 -55.25 -22.97
N LEU E 124 42.39 -55.92 -22.93
CA LEU E 124 42.59 -57.12 -22.12
C LEU E 124 42.38 -56.80 -20.62
N GLU E 125 42.79 -55.59 -20.21
CA GLU E 125 42.63 -55.09 -18.83
C GLU E 125 41.17 -54.57 -18.62
N ARG E 126 40.50 -54.19 -19.73
CA ARG E 126 39.12 -53.71 -19.69
C ARG E 126 38.13 -54.76 -19.18
N VAL E 127 37.90 -55.81 -19.97
CA VAL E 127 36.98 -56.89 -19.57
C VAL E 127 37.76 -58.00 -18.83
N LYS E 128 37.09 -59.13 -18.50
CA LYS E 128 37.76 -60.24 -17.78
C LYS E 128 38.61 -61.16 -18.67
N LYS E 129 38.12 -61.47 -19.87
CA LYS E 129 38.87 -62.33 -20.81
C LYS E 129 38.99 -61.70 -22.22
N PRO E 130 40.24 -61.52 -22.68
CA PRO E 130 40.58 -60.83 -23.94
C PRO E 130 39.70 -61.09 -25.16
N GLU E 131 39.88 -62.23 -25.82
CA GLU E 131 39.06 -62.56 -26.98
C GLU E 131 37.56 -62.86 -26.64
N TRP E 132 36.89 -61.95 -25.91
CA TRP E 132 35.51 -62.19 -25.47
C TRP E 132 34.65 -61.02 -24.96
N VAL E 133 35.03 -59.75 -25.25
CA VAL E 133 34.33 -58.52 -24.71
C VAL E 133 32.77 -58.45 -24.74
N ILE E 134 32.18 -57.53 -23.94
CA ILE E 134 30.71 -57.49 -23.71
C ILE E 134 29.92 -56.16 -23.80
N LEU E 135 30.26 -55.29 -24.75
CA LEU E 135 29.65 -53.92 -24.89
C LEU E 135 28.12 -53.66 -24.79
N ILE E 136 27.78 -52.39 -24.52
CA ILE E 136 26.39 -51.88 -24.51
C ILE E 136 26.23 -51.18 -25.88
N GLY E 137 25.53 -50.03 -25.95
CA GLY E 137 25.43 -49.35 -27.21
C GLY E 137 24.63 -48.10 -27.36
N VAL E 138 25.09 -47.04 -26.73
CA VAL E 138 24.40 -45.77 -26.78
C VAL E 138 25.24 -44.66 -27.41
N CYS E 139 26.37 -44.35 -26.77
CA CYS E 139 27.32 -43.28 -27.17
C CYS E 139 27.24 -42.17 -26.16
N THR E 140 28.35 -41.93 -25.46
CA THR E 140 28.39 -40.92 -24.40
C THR E 140 28.26 -39.47 -24.87
N HIS E 141 28.27 -39.26 -26.19
CA HIS E 141 28.17 -37.91 -26.72
C HIS E 141 26.76 -37.42 -26.63
N LEU E 142 25.94 -37.87 -27.54
CA LEU E 142 24.53 -37.58 -27.44
C LEU E 142 23.80 -38.89 -27.09
N GLY E 143 23.30 -39.61 -28.09
CA GLY E 143 22.64 -40.88 -27.84
C GLY E 143 22.46 -41.68 -29.10
N CYS E 144 23.42 -41.53 -29.99
CA CYS E 144 23.43 -42.20 -31.28
C CYS E 144 24.03 -43.56 -31.21
N VAL E 145 23.21 -44.60 -31.31
CA VAL E 145 23.70 -46.01 -31.25
C VAL E 145 24.80 -46.39 -32.28
N PRO E 146 26.01 -46.69 -31.79
CA PRO E 146 27.16 -47.06 -32.63
C PRO E 146 26.93 -48.34 -33.44
N ILE E 147 27.35 -48.34 -34.69
CA ILE E 147 27.16 -49.50 -35.57
C ILE E 147 28.31 -50.51 -35.56
N ALA E 148 28.00 -51.73 -35.99
CA ALA E 148 28.93 -52.87 -36.01
C ALA E 148 30.10 -52.72 -36.97
N ASN E 149 31.32 -52.63 -36.41
CA ASN E 149 32.56 -52.54 -37.20
C ASN E 149 32.46 -51.84 -38.55
N ALA E 150 32.28 -50.52 -38.54
CA ALA E 150 32.14 -49.78 -39.80
C ALA E 150 33.07 -48.56 -39.94
N GLY E 151 33.70 -48.16 -38.84
CA GLY E 151 34.57 -47.00 -38.87
C GLY E 151 36.04 -47.31 -38.98
N ASP E 152 36.79 -46.80 -38.01
CA ASP E 152 38.23 -47.00 -37.97
C ASP E 152 38.60 -48.01 -36.90
N PHE E 153 39.82 -47.84 -36.42
CA PHE E 153 40.42 -48.61 -35.34
C PHE E 153 39.98 -50.07 -35.03
N GLY E 154 39.08 -50.27 -34.07
CA GLY E 154 38.60 -51.61 -33.81
C GLY E 154 37.54 -51.90 -34.86
N GLY E 155 36.38 -51.32 -34.65
CA GLY E 155 35.28 -51.46 -35.57
C GLY E 155 34.29 -50.31 -35.41
N TYR E 156 33.79 -50.15 -34.19
CA TYR E 156 32.76 -49.13 -33.86
C TYR E 156 32.87 -47.81 -34.58
N TYR E 157 31.77 -47.11 -34.58
CA TYR E 157 31.72 -45.84 -35.22
C TYR E 157 30.32 -45.33 -35.06
N CYS E 158 30.15 -44.41 -34.14
CA CYS E 158 28.90 -43.76 -33.97
C CYS E 158 28.78 -42.73 -35.08
N PRO E 159 27.76 -42.85 -35.91
CA PRO E 159 27.44 -41.77 -36.82
C PRO E 159 26.65 -40.70 -36.06
N CYS E 160 25.33 -40.78 -36.27
CA CYS E 160 24.31 -39.77 -35.85
C CYS E 160 24.88 -38.38 -36.15
N HIS E 161 26.15 -38.41 -36.29
CA HIS E 161 26.94 -37.33 -36.85
C HIS E 161 28.32 -37.96 -37.07
N GLY E 162 29.16 -38.03 -36.04
CA GLY E 162 30.44 -38.71 -36.19
C GLY E 162 31.37 -38.81 -34.99
N SER E 163 31.81 -40.05 -34.70
CA SER E 163 32.70 -40.37 -33.55
C SER E 163 33.17 -41.83 -33.57
N HIS E 164 34.38 -42.08 -33.10
CA HIS E 164 34.96 -43.44 -33.17
C HIS E 164 35.12 -44.21 -31.87
N TYR E 165 35.24 -45.51 -32.00
CA TYR E 165 35.43 -46.41 -30.88
C TYR E 165 36.23 -47.59 -31.44
N ASP E 166 36.29 -48.69 -30.71
CA ASP E 166 37.00 -49.86 -31.22
C ASP E 166 36.29 -51.18 -30.96
N ALA E 167 37.08 -52.22 -30.68
CA ALA E 167 36.54 -53.55 -30.35
C ALA E 167 36.31 -53.65 -28.84
N SER E 168 37.01 -52.82 -28.08
CA SER E 168 36.84 -52.73 -26.64
C SER E 168 35.80 -51.66 -26.34
N GLY E 169 35.47 -50.88 -27.35
CA GLY E 169 34.45 -49.87 -27.21
C GLY E 169 34.93 -48.49 -26.79
N ARG E 170 35.82 -48.44 -25.78
CA ARG E 170 36.42 -47.18 -25.31
C ARG E 170 36.62 -46.19 -26.48
N ILE E 171 36.27 -44.91 -26.24
CA ILE E 171 36.38 -43.89 -27.28
C ILE E 171 37.78 -43.38 -27.51
N ARG E 172 38.18 -43.30 -28.79
CA ARG E 172 39.53 -42.85 -29.15
C ARG E 172 39.66 -41.57 -30.01
N LYS E 173 38.69 -41.31 -30.88
CA LYS E 173 38.80 -40.14 -31.79
C LYS E 173 37.99 -38.82 -31.50
N GLY E 174 36.66 -38.88 -31.52
CA GLY E 174 35.87 -37.64 -31.50
C GLY E 174 35.16 -37.00 -30.31
N PRO E 175 33.97 -36.45 -30.62
CA PRO E 175 33.13 -35.66 -29.70
C PRO E 175 32.74 -36.30 -28.38
N ALA E 176 32.55 -37.62 -28.35
CA ALA E 176 32.12 -38.28 -27.11
C ALA E 176 33.17 -38.16 -26.03
N PRO E 177 32.73 -37.91 -24.81
CA PRO E 177 33.64 -37.75 -23.68
C PRO E 177 33.97 -39.03 -22.89
N LEU E 178 33.11 -40.04 -22.88
CA LEU E 178 33.36 -41.23 -22.06
C LEU E 178 33.41 -42.55 -22.84
N ASN E 179 33.98 -43.58 -22.21
CA ASN E 179 34.22 -44.88 -22.85
C ASN E 179 33.05 -45.75 -23.28
N LEU E 180 31.83 -45.36 -22.94
CA LEU E 180 30.64 -46.21 -23.14
C LEU E 180 30.61 -47.06 -21.90
N GLU E 181 29.57 -47.85 -21.73
CA GLU E 181 29.54 -48.73 -20.57
C GLU E 181 28.77 -50.02 -20.70
N VAL E 182 29.47 -51.11 -20.48
CA VAL E 182 28.89 -52.43 -20.53
C VAL E 182 29.11 -53.00 -19.14
N PRO E 183 28.04 -53.16 -18.37
CA PRO E 183 28.19 -53.70 -17.01
C PRO E 183 29.04 -55.00 -16.99
N SER E 184 29.90 -55.11 -15.97
CA SER E 184 30.80 -56.27 -15.77
C SER E 184 31.29 -57.05 -17.01
N TYR E 185 30.77 -58.28 -17.21
CA TYR E 185 31.22 -59.14 -18.32
C TYR E 185 31.03 -60.67 -18.07
N GLU E 186 30.74 -61.05 -16.83
CA GLU E 186 30.59 -62.48 -16.42
C GLU E 186 29.85 -63.40 -17.40
N PHE E 187 30.50 -64.48 -17.81
CA PHE E 187 29.87 -65.50 -18.66
C PHE E 187 29.11 -66.53 -17.78
N THR E 188 29.78 -67.62 -17.44
CA THR E 188 29.28 -68.69 -16.55
C THR E 188 30.19 -69.88 -16.81
N SER E 189 30.41 -70.11 -18.10
CA SER E 189 31.29 -71.15 -18.59
C SER E 189 31.77 -70.64 -19.94
N ASP E 190 32.76 -71.30 -20.53
CA ASP E 190 33.26 -70.87 -21.82
C ASP E 190 32.15 -70.79 -22.88
N ASP E 191 31.35 -71.86 -22.98
CA ASP E 191 30.27 -71.96 -23.96
C ASP E 191 29.04 -71.04 -23.75
N MET E 192 28.77 -70.68 -22.50
CA MET E 192 27.60 -69.82 -22.16
C MET E 192 28.00 -68.37 -21.80
N VAL E 193 26.99 -67.56 -21.39
CA VAL E 193 27.22 -66.16 -20.95
C VAL E 193 25.91 -65.48 -20.41
N ILE E 194 26.07 -64.32 -19.74
CA ILE E 194 24.94 -63.50 -19.24
C ILE E 194 25.11 -62.00 -19.55
N VAL E 195 25.60 -61.21 -18.56
CA VAL E 195 25.93 -59.71 -18.63
C VAL E 195 25.82 -58.95 -17.28
N GLY E 196 26.95 -58.76 -16.61
CA GLY E 196 26.95 -58.09 -15.32
C GLY E 196 26.90 -59.12 -14.21
N GLY F 2 -61.69 20.42 -3.93
CA GLY F 2 -60.49 19.60 -4.25
C GLY F 2 -59.55 19.46 -3.06
N ARG F 3 -60.08 19.03 -1.91
CA ARG F 3 -59.25 18.85 -0.71
C ARG F 3 -59.79 17.87 0.41
N PRO F 4 -60.38 18.42 1.49
CA PRO F 4 -60.69 17.68 2.75
C PRO F 4 -60.84 16.15 2.92
N ALA F 5 -60.00 15.63 3.83
CA ALA F 5 -59.94 14.21 4.27
C ALA F 5 -58.70 14.05 5.21
N VAL F 6 -58.70 13.00 6.06
CA VAL F 6 -57.56 12.75 6.98
C VAL F 6 -57.35 11.25 7.22
N SER F 7 -58.45 10.55 7.46
CA SER F 7 -58.52 9.08 7.61
C SER F 7 -57.65 8.36 8.63
N ALA F 8 -58.27 7.40 9.31
CA ALA F 8 -57.54 6.50 10.17
C ALA F 8 -56.70 5.62 9.22
N SER F 9 -57.23 5.42 8.00
CA SER F 9 -56.60 4.60 6.94
C SER F 9 -55.27 5.17 6.40
N SER F 10 -55.23 6.49 6.18
CA SER F 10 -54.02 7.17 5.71
C SER F 10 -52.89 6.96 6.68
N ARG F 11 -53.25 6.96 7.97
CA ARG F 11 -52.29 6.71 9.04
C ARG F 11 -51.78 5.30 8.97
N TRP F 12 -52.64 4.37 8.50
CA TRP F 12 -52.26 2.97 8.35
C TRP F 12 -51.33 2.88 7.18
N LEU F 13 -51.65 3.59 6.12
CA LEU F 13 -50.76 3.61 5.00
C LEU F 13 -49.43 4.19 5.47
N GLU F 14 -49.50 5.32 6.18
CA GLU F 14 -48.29 5.95 6.69
C GLU F 14 -47.57 5.00 7.60
N GLY F 15 -48.34 4.29 8.43
CA GLY F 15 -47.78 3.30 9.34
C GLY F 15 -47.08 2.16 8.58
N ILE F 16 -47.66 1.73 7.46
CA ILE F 16 -47.02 0.72 6.62
C ILE F 16 -45.72 1.30 5.98
N ARG F 17 -45.76 2.53 5.45
CA ARG F 17 -44.55 3.18 4.92
C ARG F 17 -43.50 3.32 5.98
N LYS F 18 -43.89 3.89 7.11
CA LYS F 18 -42.97 4.10 8.21
C LYS F 18 -42.40 2.79 8.66
N TRP F 19 -43.20 1.72 8.56
CA TRP F 19 -42.75 0.40 8.93
C TRP F 19 -41.65 -0.09 7.99
N TYR F 20 -41.92 0.01 6.68
CA TYR F 20 -40.96 -0.39 5.64
C TYR F 20 -39.69 0.45 5.72
N TYR F 21 -39.86 1.75 5.97
CA TYR F 21 -38.70 2.64 6.08
C TYR F 21 -37.79 2.09 7.16
N ASN F 22 -38.35 1.72 8.32
CA ASN F 22 -37.54 1.16 9.40
C ASN F 22 -36.95 -0.17 8.98
N ALA F 23 -37.74 -0.96 8.25
CA ALA F 23 -37.26 -2.24 7.81
C ALA F 23 -36.10 -2.09 6.77
N ALA F 24 -36.23 -1.14 5.83
CA ALA F 24 -35.17 -0.86 4.84
C ALA F 24 -33.81 -0.64 5.49
N GLY F 25 -33.81 0.04 6.63
CA GLY F 25 -32.62 0.21 7.45
C GLY F 25 -31.51 1.17 7.07
N PHE F 26 -31.71 1.98 6.02
CA PHE F 26 -30.63 2.89 5.61
C PHE F 26 -30.48 3.98 6.63
N ASN F 27 -31.53 4.16 7.43
CA ASN F 27 -31.49 5.12 8.50
C ASN F 27 -30.61 4.68 9.67
N LYS F 28 -30.26 3.41 9.76
CA LYS F 28 -29.37 2.97 10.82
C LYS F 28 -27.92 3.43 10.48
N LEU F 29 -27.67 3.69 9.18
CA LEU F 29 -26.36 4.11 8.71
C LEU F 29 -26.31 5.62 8.60
N GLY F 30 -27.36 6.29 9.11
CA GLY F 30 -27.40 7.74 9.06
C GLY F 30 -27.85 8.25 7.72
N LEU F 31 -28.06 7.35 6.78
CA LEU F 31 -28.44 7.76 5.45
C LEU F 31 -29.83 8.34 5.46
N MET F 32 -30.13 9.00 4.38
CA MET F 32 -31.39 9.61 4.18
C MET F 32 -31.85 8.94 2.85
N ARG F 33 -33.13 8.94 2.58
CA ARG F 33 -33.62 8.23 1.40
C ARG F 33 -32.88 8.61 0.07
N ASP F 34 -32.84 9.89 -0.24
CA ASP F 34 -32.21 10.35 -1.43
C ASP F 34 -30.69 9.93 -1.55
N ASP F 35 -30.03 9.65 -0.41
CA ASP F 35 -28.61 9.21 -0.43
C ASP F 35 -28.45 7.85 -1.04
N THR F 36 -29.55 7.11 -1.17
CA THR F 36 -29.46 5.75 -1.59
C THR F 36 -29.93 5.54 -2.98
N ILE F 37 -30.33 6.60 -3.64
CA ILE F 37 -30.84 6.46 -4.99
C ILE F 37 -29.73 5.99 -5.98
N HIS F 38 -30.11 5.17 -6.97
CA HIS F 38 -29.18 4.68 -7.98
C HIS F 38 -28.85 5.80 -8.93
N GLU F 39 -27.56 6.17 -8.98
CA GLU F 39 -27.12 7.20 -9.89
C GLU F 39 -27.20 6.78 -11.33
N ASN F 40 -28.26 7.16 -12.03
CA ASN F 40 -28.28 7.04 -13.46
C ASN F 40 -27.96 8.50 -13.97
N ASP F 41 -28.12 8.78 -15.26
CA ASP F 41 -27.82 10.14 -15.77
C ASP F 41 -28.69 11.26 -15.19
N ASP F 42 -30.02 11.03 -15.17
CA ASP F 42 -30.96 12.00 -14.63
C ASP F 42 -30.48 12.35 -13.22
N VAL F 43 -30.06 11.32 -12.48
CA VAL F 43 -29.65 11.50 -11.11
C VAL F 43 -28.32 12.21 -10.94
N LYS F 44 -27.33 11.87 -11.78
CA LYS F 44 -26.02 12.47 -11.69
C LYS F 44 -26.19 13.99 -11.89
N GLU F 45 -27.06 14.36 -12.83
CA GLU F 45 -27.30 15.75 -13.10
C GLU F 45 -27.98 16.39 -11.91
N ALA F 46 -28.97 15.73 -11.32
CA ALA F 46 -29.60 16.29 -10.11
C ALA F 46 -28.57 16.50 -9.00
N ILE F 47 -27.68 15.52 -8.77
CA ILE F 47 -26.60 15.69 -7.76
C ILE F 47 -25.83 16.91 -8.11
N ARG F 48 -25.55 17.06 -9.40
CA ARG F 48 -24.71 18.15 -9.91
C ARG F 48 -25.27 19.53 -9.66
N ARG F 49 -26.61 19.62 -9.56
CA ARG F 49 -27.28 20.90 -9.39
C ARG F 49 -27.48 21.29 -7.93
N LEU F 50 -27.12 20.43 -7.00
CA LEU F 50 -27.34 20.75 -5.57
C LEU F 50 -26.47 21.92 -5.15
N PRO F 51 -26.95 22.70 -4.19
CA PRO F 51 -26.18 23.83 -3.67
C PRO F 51 -25.05 23.28 -2.81
N GLU F 52 -24.02 24.06 -2.54
CA GLU F 52 -22.90 23.53 -1.78
C GLU F 52 -23.21 22.80 -0.49
N ASN F 53 -24.07 23.38 0.31
CA ASN F 53 -24.38 22.81 1.60
C ASN F 53 -24.98 21.41 1.49
N LEU F 54 -25.98 21.25 0.64
CA LEU F 54 -26.60 19.95 0.47
C LEU F 54 -25.63 19.07 -0.17
N TYR F 55 -24.96 19.53 -1.22
CA TYR F 55 -23.96 18.69 -1.87
C TYR F 55 -22.98 18.19 -0.82
N ASP F 56 -22.50 19.05 0.06
CA ASP F 56 -21.49 18.57 1.00
C ASP F 56 -22.06 17.64 2.04
N ASP F 57 -23.26 17.94 2.52
CA ASP F 57 -23.92 17.09 3.56
C ASP F 57 -24.10 15.66 3.10
N ARG F 58 -24.62 15.50 1.89
CA ARG F 58 -24.75 14.18 1.29
C ARG F 58 -23.42 13.46 1.18
N VAL F 59 -22.34 14.17 0.85
CA VAL F 59 -21.04 13.54 0.76
C VAL F 59 -20.69 13.01 2.12
N PHE F 60 -20.79 13.84 3.15
CA PHE F 60 -20.42 13.32 4.46
C PHE F 60 -21.31 12.20 4.95
N ARG F 61 -22.58 12.21 4.58
CA ARG F 61 -23.45 11.17 5.10
C ARG F 61 -23.03 9.86 4.45
N ILE F 62 -22.85 9.90 3.15
CA ILE F 62 -22.47 8.71 2.43
C ILE F 62 -21.16 8.15 2.95
N LYS F 63 -20.20 9.02 3.28
CA LYS F 63 -18.92 8.54 3.80
C LYS F 63 -19.17 7.87 5.11
N ARG F 64 -19.95 8.54 5.97
CA ARG F 64 -20.27 7.99 7.27
C ARG F 64 -20.86 6.55 7.10
N ALA F 65 -21.81 6.39 6.17
CA ALA F 65 -22.42 5.05 5.90
C ALA F 65 -21.40 4.02 5.30
N LEU F 66 -20.70 4.40 4.25
CA LEU F 66 -19.72 3.50 3.71
C LEU F 66 -18.75 3.03 4.80
N ASP F 67 -18.36 3.93 5.69
CA ASP F 67 -17.46 3.58 6.74
C ASP F 67 -18.12 2.63 7.73
N LEU F 68 -19.40 2.81 7.94
CA LEU F 68 -20.13 1.91 8.83
C LEU F 68 -20.19 0.58 8.15
N SER F 69 -20.56 0.58 6.89
CA SER F 69 -20.68 -0.66 6.18
C SER F 69 -19.40 -1.48 6.29
N MET F 70 -18.23 -0.84 6.08
CA MET F 70 -17.00 -1.63 6.20
C MET F 70 -16.79 -2.25 7.58
N ARG F 71 -17.28 -1.61 8.63
CA ARG F 71 -17.12 -2.14 10.01
C ARG F 71 -18.33 -2.98 10.39
N GLN F 72 -19.29 -3.01 9.46
CA GLN F 72 -20.58 -3.69 9.64
C GLN F 72 -21.16 -3.30 10.95
N GLN F 73 -21.14 -2.00 11.17
CA GLN F 73 -21.71 -1.43 12.36
C GLN F 73 -22.90 -0.55 11.98
N ILE F 74 -23.53 0.09 12.95
CA ILE F 74 -24.61 1.01 12.70
C ILE F 74 -24.51 2.14 13.71
N LEU F 75 -25.26 3.20 13.51
CA LEU F 75 -25.22 4.26 14.48
C LEU F 75 -26.08 3.90 15.71
N PRO F 76 -25.74 4.46 16.87
CA PRO F 76 -26.61 4.36 18.06
C PRO F 76 -28.07 4.66 17.62
N LYS F 77 -29.07 4.04 18.23
CA LYS F 77 -30.46 4.28 17.81
C LYS F 77 -30.86 5.76 17.89
N GLU F 78 -30.30 6.45 18.85
CA GLU F 78 -30.56 7.85 19.05
C GLU F 78 -30.21 8.71 17.79
N GLN F 79 -29.35 8.17 16.92
CA GLN F 79 -28.93 8.89 15.75
C GLN F 79 -29.48 8.40 14.41
N TRP F 80 -30.35 7.39 14.41
CA TRP F 80 -30.92 6.95 13.14
C TRP F 80 -31.73 8.11 12.53
N THR F 81 -31.84 8.15 11.22
CA THR F 81 -32.61 9.19 10.63
C THR F 81 -34.08 8.84 10.76
N LYS F 82 -34.81 9.74 11.37
CA LYS F 82 -36.18 9.48 11.63
C LYS F 82 -37.03 9.69 10.42
N TYR F 83 -37.80 8.68 10.07
CA TYR F 83 -38.79 8.82 9.03
C TYR F 83 -39.41 10.11 9.42
N GLU F 84 -39.84 10.92 8.48
CA GLU F 84 -40.56 12.15 8.84
C GLU F 84 -39.67 13.26 9.44
N GLU F 85 -38.38 13.11 9.29
CA GLU F 85 -37.44 14.13 9.66
C GLU F 85 -36.47 13.94 8.48
N ASP F 86 -36.89 13.03 7.59
CA ASP F 86 -36.15 12.62 6.39
C ASP F 86 -36.50 13.56 5.23
N LYS F 87 -35.55 14.41 4.87
CA LYS F 87 -35.75 15.47 3.86
C LYS F 87 -35.57 14.99 2.43
N SER F 88 -36.57 15.23 1.62
CA SER F 88 -36.53 14.85 0.23
C SER F 88 -35.63 15.79 -0.61
N TYR F 89 -34.46 16.17 -0.08
CA TYR F 89 -33.59 17.16 -0.74
C TYR F 89 -33.31 17.01 -2.25
N LEU F 90 -33.24 15.79 -2.75
CA LEU F 90 -32.91 15.59 -4.17
C LEU F 90 -34.13 15.66 -5.06
N GLU F 91 -35.26 15.21 -4.56
CA GLU F 91 -36.50 15.17 -5.35
C GLU F 91 -36.79 16.30 -6.34
N PRO F 92 -36.97 17.53 -5.87
CA PRO F 92 -37.28 18.63 -6.79
C PRO F 92 -36.19 18.80 -7.91
N TYR F 93 -34.88 18.66 -7.62
CA TYR F 93 -33.93 18.78 -8.70
C TYR F 93 -34.16 17.65 -9.71
N LEU F 94 -34.35 16.44 -9.17
CA LEU F 94 -34.51 15.26 -9.99
C LEU F 94 -35.75 15.35 -10.79
N LYS F 95 -36.80 15.90 -10.23
CA LYS F 95 -38.03 15.93 -10.99
C LYS F 95 -37.85 16.86 -12.15
N GLU F 96 -37.17 17.99 -11.90
CA GLU F 96 -36.96 19.02 -12.90
C GLU F 96 -36.07 18.53 -14.07
N VAL F 97 -35.02 17.76 -13.73
CA VAL F 97 -34.11 17.20 -14.72
C VAL F 97 -34.83 16.14 -15.57
N ILE F 98 -35.76 15.40 -14.94
CA ILE F 98 -36.63 14.45 -15.67
C ILE F 98 -37.61 15.19 -16.63
N ARG F 99 -38.13 16.31 -16.18
CA ARG F 99 -39.06 17.10 -16.99
C ARG F 99 -38.36 17.62 -18.25
N GLU F 100 -37.19 18.20 -18.06
CA GLU F 100 -36.51 18.72 -19.23
C GLU F 100 -36.11 17.68 -20.21
N ARG F 101 -35.77 16.48 -19.71
CA ARG F 101 -35.39 15.37 -20.60
C ARG F 101 -36.58 14.91 -21.38
N LYS F 102 -37.69 14.79 -20.67
CA LYS F 102 -38.95 14.38 -21.30
C LYS F 102 -39.35 15.39 -22.38
N GLU F 103 -39.03 16.67 -22.16
CA GLU F 103 -39.33 17.69 -23.15
C GLU F 103 -38.46 17.50 -24.44
N ARG F 104 -37.16 17.33 -24.23
CA ARG F 104 -36.26 17.01 -25.30
C ARG F 104 -36.86 15.82 -26.07
N GLU F 105 -37.24 14.74 -25.36
CA GLU F 105 -37.79 13.56 -26.03
C GLU F 105 -39.05 13.82 -26.88
N GLU F 106 -39.94 14.66 -26.39
CA GLU F 106 -41.13 14.99 -27.14
C GLU F 106 -40.82 15.82 -28.37
N TRP F 107 -39.70 16.54 -28.34
CA TRP F 107 -39.32 17.35 -29.49
C TRP F 107 -38.69 16.47 -30.54
N ALA F 108 -37.97 15.45 -30.07
CA ALA F 108 -37.31 14.52 -30.96
C ALA F 108 -38.31 13.66 -31.75
N LYS F 109 -39.59 13.70 -31.35
CA LYS F 109 -40.63 12.87 -31.99
C LYS F 109 -41.20 13.51 -33.21
N LYS F 110 -41.22 14.83 -33.27
CA LYS F 110 -41.89 15.46 -34.41
C LYS F 110 -41.13 15.56 -35.71
N GLY G 1 -9.30 3.52 -16.83
CA GLY G 1 -9.72 3.47 -15.39
C GLY G 1 -9.77 4.86 -14.74
N ARG G 2 -9.90 4.90 -13.42
CA ARG G 2 -9.98 6.17 -12.71
C ARG G 2 -8.86 6.23 -11.68
N GLN G 3 -8.36 7.43 -11.39
CA GLN G 3 -7.18 7.52 -10.51
C GLN G 3 -7.42 8.34 -9.32
N PHE G 4 -6.75 8.03 -8.23
CA PHE G 4 -6.88 8.91 -7.09
C PHE G 4 -6.43 10.27 -7.55
N GLY G 5 -7.20 11.30 -7.20
CA GLY G 5 -6.91 12.67 -7.60
C GLY G 5 -7.96 13.22 -8.55
N HIS G 6 -8.74 12.31 -9.18
CA HIS G 6 -9.75 12.62 -10.20
C HIS G 6 -11.07 11.89 -9.96
N LEU G 7 -11.33 11.46 -8.73
CA LEU G 7 -12.54 10.69 -8.46
C LEU G 7 -13.74 11.55 -8.35
N THR G 8 -13.76 12.38 -7.29
CA THR G 8 -14.89 13.26 -7.01
C THR G 8 -14.51 14.42 -6.04
N ARG G 9 -15.43 15.37 -5.85
CA ARG G 9 -15.15 16.54 -4.99
C ARG G 9 -15.63 16.30 -3.53
N VAL G 10 -14.73 16.46 -2.57
CA VAL G 10 -15.08 16.37 -1.16
C VAL G 10 -14.54 17.55 -0.42
N ARG G 11 -15.42 18.17 0.38
CA ARG G 11 -15.11 19.36 1.19
C ARG G 11 -15.50 19.19 2.66
N HIS G 12 -14.54 19.49 3.52
CA HIS G 12 -14.78 19.62 4.94
C HIS G 12 -14.70 18.43 5.89
N VAL G 13 -14.15 17.32 5.43
CA VAL G 13 -14.06 16.18 6.28
C VAL G 13 -12.70 15.79 6.71
N ILE G 14 -12.56 15.65 8.01
CA ILE G 14 -11.29 15.31 8.61
C ILE G 14 -11.30 13.84 8.95
N THR G 15 -10.18 13.17 8.66
CA THR G 15 -9.99 11.78 8.99
C THR G 15 -8.76 11.64 9.88
N TYR G 16 -8.97 11.11 11.06
CA TYR G 16 -7.91 10.86 12.00
C TYR G 16 -7.63 9.39 11.94
N SER G 17 -6.34 9.02 11.97
CA SER G 17 -5.96 7.61 11.92
C SER G 17 -4.63 7.27 12.57
N LEU G 18 -4.53 6.02 13.03
CA LEU G 18 -3.35 5.51 13.70
C LEU G 18 -2.50 4.57 12.87
N SER G 19 -1.23 4.49 13.24
CA SER G 19 -0.29 3.56 12.62
C SER G 19 -0.64 2.17 13.12
N PRO G 20 -0.54 1.18 12.24
CA PRO G 20 -0.81 -0.20 12.66
C PRO G 20 0.10 -0.57 13.81
N PHE G 21 1.39 -0.18 13.77
CA PHE G 21 2.28 -0.58 14.84
C PHE G 21 1.94 0.11 16.19
N GLU G 22 0.87 0.89 16.19
CA GLU G 22 0.50 1.63 17.38
C GLU G 22 -0.79 1.13 18.02
N GLN G 23 -1.52 0.29 17.30
CA GLN G 23 -2.81 -0.21 17.72
C GLN G 23 -2.87 -1.75 17.77
N ARG G 24 -3.98 -2.30 18.25
CA ARG G 24 -4.14 -3.75 18.34
C ARG G 24 -4.84 -4.22 17.10
N ALA G 25 -4.58 -5.45 16.70
CA ALA G 25 -5.22 -5.96 15.49
C ALA G 25 -6.55 -6.68 15.83
N PHE G 26 -6.75 -6.97 17.12
CA PHE G 26 -7.95 -7.66 17.58
C PHE G 26 -8.63 -7.09 18.83
N PRO G 27 -8.46 -5.79 19.13
CA PRO G 27 -8.94 -5.20 20.39
C PRO G 27 -9.91 -6.01 21.25
N HIS G 28 -11.19 -5.85 21.00
CA HIS G 28 -12.20 -6.55 21.80
C HIS G 28 -12.84 -7.57 20.92
N TYR G 29 -12.01 -8.45 20.37
CA TYR G 29 -12.47 -9.46 19.43
C TYR G 29 -13.76 -10.14 19.88
N PHE G 30 -13.79 -10.63 21.10
CA PHE G 30 -14.97 -11.32 21.60
C PHE G 30 -15.96 -10.37 22.28
N SER G 31 -15.43 -9.54 23.19
CA SER G 31 -16.23 -8.57 23.94
C SER G 31 -17.24 -7.78 23.06
N LYS G 32 -16.77 -7.31 21.90
CA LYS G 32 -17.63 -6.55 20.99
C LYS G 32 -18.11 -7.32 19.74
N GLY G 33 -17.31 -8.28 19.29
CA GLY G 33 -17.65 -9.05 18.10
C GLY G 33 -18.85 -9.96 18.24
N ILE G 34 -18.86 -10.81 19.27
CA ILE G 34 -19.98 -11.71 19.49
C ILE G 34 -21.32 -10.92 19.43
N PRO G 35 -21.49 -9.91 20.30
CA PRO G 35 -22.69 -9.07 20.28
C PRO G 35 -23.02 -8.60 18.91
N ASN G 36 -21.99 -8.23 18.16
CA ASN G 36 -22.17 -7.73 16.81
C ASN G 36 -22.72 -8.76 15.88
N VAL G 37 -22.17 -9.97 15.94
CA VAL G 37 -22.74 -11.03 15.10
C VAL G 37 -24.17 -11.42 15.54
N LEU G 38 -24.41 -11.48 16.83
CA LEU G 38 -25.78 -11.76 17.25
C LEU G 38 -26.70 -10.71 16.55
N ARG G 39 -26.30 -9.45 16.61
CA ARG G 39 -27.10 -8.36 16.07
C ARG G 39 -27.34 -8.41 14.53
N ARG G 40 -26.32 -8.87 13.78
CA ARG G 40 -26.44 -8.97 12.32
C ARG G 40 -27.26 -10.19 11.99
N THR G 41 -27.21 -11.17 12.88
CA THR G 41 -27.97 -12.35 12.70
C THR G 41 -29.45 -11.95 12.84
N ARG G 42 -29.80 -11.27 13.95
CA ARG G 42 -31.20 -10.86 14.19
C ARG G 42 -31.73 -10.07 13.02
N ALA G 43 -30.88 -9.15 12.54
CA ALA G 43 -31.26 -8.26 11.46
C ALA G 43 -31.59 -9.00 10.14
N CYS G 44 -31.06 -10.19 9.96
CA CYS G 44 -31.33 -10.85 8.73
C CYS G 44 -32.10 -12.16 8.77
N ILE G 45 -32.18 -12.83 9.93
CA ILE G 45 -32.92 -14.11 9.97
C ILE G 45 -34.28 -14.12 9.29
N LEU G 46 -35.12 -13.14 9.60
CA LEU G 46 -36.45 -13.14 9.01
C LEU G 46 -36.46 -13.17 7.48
N ARG G 47 -35.44 -12.59 6.84
CA ARG G 47 -35.41 -12.65 5.40
C ARG G 47 -34.69 -13.90 4.87
N VAL G 48 -33.56 -14.28 5.49
CA VAL G 48 -32.80 -15.44 4.99
C VAL G 48 -33.44 -16.79 5.34
N ALA G 49 -33.56 -17.09 6.65
CA ALA G 49 -34.10 -18.37 7.15
C ALA G 49 -35.43 -19.00 6.64
N PRO G 50 -36.52 -18.24 6.52
CA PRO G 50 -37.80 -18.87 6.15
C PRO G 50 -37.83 -19.69 4.85
N PRO G 51 -37.41 -19.16 3.71
CA PRO G 51 -37.38 -19.96 2.47
C PRO G 51 -36.68 -21.29 2.63
N PHE G 52 -35.63 -21.30 3.45
CA PHE G 52 -34.89 -22.53 3.69
C PHE G 52 -35.64 -23.57 4.55
N VAL G 53 -36.32 -23.14 5.63
CA VAL G 53 -37.13 -24.10 6.37
C VAL G 53 -38.24 -24.60 5.43
N ALA G 54 -38.77 -23.70 4.59
CA ALA G 54 -39.77 -24.12 3.59
C ALA G 54 -39.20 -25.26 2.69
N PHE G 55 -37.97 -25.11 2.24
CA PHE G 55 -37.33 -26.17 1.46
C PHE G 55 -37.13 -27.37 2.38
N TYR G 56 -36.56 -27.14 3.56
CA TYR G 56 -36.40 -28.24 4.52
C TYR G 56 -37.71 -29.07 4.69
N LEU G 57 -38.83 -28.42 5.02
CA LEU G 57 -40.10 -29.14 5.17
C LEU G 57 -40.50 -29.95 3.94
N VAL G 58 -40.27 -29.40 2.75
CA VAL G 58 -40.61 -30.11 1.51
C VAL G 58 -39.62 -31.23 1.26
N TYR G 59 -38.41 -31.06 1.78
CA TYR G 59 -37.35 -32.06 1.62
C TYR G 59 -37.66 -33.33 2.37
N THR G 60 -38.04 -33.20 3.64
CA THR G 60 -38.38 -34.36 4.47
C THR G 60 -39.70 -35.01 4.04
N TRP G 61 -40.74 -34.21 3.85
CA TRP G 61 -42.00 -34.72 3.34
C TRP G 61 -41.78 -35.46 2.05
N GLY G 62 -41.25 -34.76 1.03
CA GLY G 62 -40.99 -35.34 -0.28
C GLY G 62 -40.34 -36.70 -0.32
N THR G 63 -39.33 -36.90 0.53
CA THR G 63 -38.65 -38.18 0.59
C THR G 63 -39.50 -39.17 1.32
N GLN G 64 -40.27 -38.67 2.29
CA GLN G 64 -41.15 -39.54 3.08
C GLN G 64 -42.19 -40.17 2.24
N GLU G 65 -42.79 -39.36 1.37
CA GLU G 65 -43.81 -39.85 0.47
C GLU G 65 -43.22 -40.86 -0.48
N PHE G 66 -42.02 -40.58 -0.95
CA PHE G 66 -41.33 -41.42 -1.91
C PHE G 66 -41.16 -42.83 -1.41
N GLU G 67 -40.66 -42.96 -0.19
CA GLU G 67 -40.44 -44.28 0.42
C GLU G 67 -41.75 -45.06 0.69
N LYS G 68 -42.68 -44.41 1.37
CA LYS G 68 -43.94 -45.02 1.73
C LYS G 68 -44.80 -45.37 0.54
N SER G 69 -44.75 -44.52 -0.48
CA SER G 69 -45.55 -44.71 -1.69
C SER G 69 -45.15 -45.92 -2.53
N LYS G 70 -43.88 -46.01 -2.85
CA LYS G 70 -43.40 -47.04 -3.76
C LYS G 70 -43.00 -48.30 -3.04
N ARG G 71 -41.82 -48.26 -2.41
CA ARG G 71 -41.28 -49.43 -1.75
C ARG G 71 -42.16 -49.91 -0.65
N LYS G 72 -41.93 -49.38 0.56
CA LYS G 72 -42.65 -49.82 1.76
C LYS G 72 -43.98 -50.33 1.40
N ASN G 73 -44.69 -49.56 0.58
CA ASN G 73 -46.03 -49.90 0.20
C ASN G 73 -46.47 -51.37 0.09
N PRO G 74 -46.41 -51.96 -1.12
CA PRO G 74 -47.28 -53.08 -1.39
C PRO G 74 -48.24 -53.16 -0.23
N ALA G 75 -49.28 -52.33 -0.28
CA ALA G 75 -50.34 -52.37 0.71
C ALA G 75 -51.40 -53.27 0.08
N ALA G 76 -52.29 -53.83 0.90
CA ALA G 76 -53.38 -54.70 0.44
C ALA G 76 -53.47 -55.15 -1.05
N TYR G 77 -53.66 -56.45 -1.23
CA TYR G 77 -53.95 -57.12 -2.50
C TYR G 77 -54.51 -58.37 -1.82
N GLU G 78 -55.73 -58.23 -1.29
CA GLU G 78 -56.30 -59.28 -0.43
C GLU G 78 -57.38 -60.22 -0.97
N ASN G 79 -57.03 -61.49 -0.93
CA ASN G 79 -57.84 -62.60 -1.46
C ASN G 79 -57.42 -63.92 -0.80
N GLY H 1 -20.87 -81.18 24.27
CA GLY H 1 -19.95 -80.84 25.39
C GLY H 1 -18.69 -81.69 25.42
N ASP H 2 -17.55 -81.03 25.66
CA ASP H 2 -16.21 -81.65 25.79
C ASP H 2 -15.07 -81.03 24.98
N PRO H 3 -13.93 -80.78 25.66
CA PRO H 3 -12.75 -80.11 25.07
C PRO H 3 -12.18 -80.66 23.76
N LYS H 4 -11.76 -81.93 23.73
CA LYS H 4 -11.20 -82.50 22.50
C LYS H 4 -12.08 -82.17 21.29
N GLU H 5 -13.40 -82.20 21.50
CA GLU H 5 -14.34 -81.83 20.46
C GLU H 5 -14.54 -80.30 20.30
N GLU H 6 -13.85 -79.50 21.12
CA GLU H 6 -13.87 -78.03 20.99
C GLU H 6 -12.91 -77.64 19.88
N GLU H 7 -11.74 -78.29 19.87
CA GLU H 7 -10.78 -78.08 18.80
C GLU H 7 -11.33 -78.78 17.57
N GLU H 8 -12.19 -79.77 17.82
CA GLU H 8 -12.91 -80.46 16.76
C GLU H 8 -14.06 -79.53 16.35
N GLU H 9 -14.56 -78.73 17.31
CA GLU H 9 -15.58 -77.71 17.04
C GLU H 9 -14.89 -76.61 16.26
N GLU H 10 -13.58 -76.48 16.45
CA GLU H 10 -12.75 -75.54 15.70
C GLU H 10 -12.41 -76.14 14.31
N GLU H 11 -12.37 -77.48 14.24
CA GLU H 11 -12.14 -78.19 12.97
C GLU H 11 -13.44 -78.51 12.24
N GLU H 12 -14.49 -78.83 13.01
CA GLU H 12 -15.83 -78.96 12.43
C GLU H 12 -16.10 -77.55 11.92
N LEU H 13 -15.33 -76.60 12.48
CA LEU H 13 -15.29 -75.16 12.12
C LEU H 13 -16.08 -74.20 13.03
N VAL H 14 -15.68 -72.94 13.08
CA VAL H 14 -16.32 -72.02 14.04
C VAL H 14 -17.34 -70.90 13.67
N ASP H 15 -17.87 -70.37 14.77
CA ASP H 15 -18.99 -69.41 14.93
C ASP H 15 -19.11 -67.88 14.51
N PRO H 16 -18.06 -67.17 14.12
CA PRO H 16 -18.10 -65.69 14.12
C PRO H 16 -19.43 -65.01 13.89
N LEU H 17 -19.76 -64.78 12.63
CA LEU H 17 -21.01 -64.15 12.27
C LEU H 17 -22.25 -64.85 12.89
N THR H 18 -22.17 -66.18 13.09
CA THR H 18 -23.28 -66.97 13.64
C THR H 18 -23.66 -66.61 15.10
N THR H 19 -22.67 -66.58 16.01
CA THR H 19 -22.97 -66.24 17.42
C THR H 19 -23.56 -64.83 17.56
N VAL H 20 -23.04 -63.90 16.77
CA VAL H 20 -23.49 -62.52 16.78
C VAL H 20 -24.88 -62.37 16.11
N ARG H 21 -25.05 -62.98 14.92
CA ARG H 21 -26.34 -62.99 14.21
C ARG H 21 -27.42 -63.59 15.13
N GLU H 22 -27.12 -64.77 15.68
CA GLU H 22 -28.03 -65.46 16.61
C GLU H 22 -28.41 -64.51 17.76
N GLN H 23 -27.40 -63.88 18.36
CA GLN H 23 -27.60 -62.96 19.49
C GLN H 23 -28.35 -61.67 19.10
N CYS H 24 -28.16 -61.22 17.87
CA CYS H 24 -28.89 -60.05 17.36
C CYS H 24 -30.28 -60.48 16.85
N GLU H 25 -30.30 -61.59 16.08
CA GLU H 25 -31.54 -62.19 15.49
C GLU H 25 -32.55 -62.34 16.62
N GLN H 26 -32.01 -62.39 17.82
CA GLN H 26 -32.71 -62.53 19.06
C GLN H 26 -33.47 -61.28 19.51
N LEU H 27 -32.88 -60.11 19.25
CA LEU H 27 -33.38 -58.84 19.84
C LEU H 27 -34.71 -58.13 19.46
N GLU H 28 -35.14 -57.26 20.39
CA GLU H 28 -36.44 -56.55 20.35
C GLU H 28 -37.00 -56.15 18.99
N LYS H 29 -36.43 -55.10 18.39
CA LYS H 29 -36.89 -54.63 17.09
C LYS H 29 -36.78 -55.72 16.04
N CYS H 30 -35.83 -56.63 16.24
CA CYS H 30 -35.65 -57.76 15.33
C CYS H 30 -36.79 -58.80 15.46
N VAL H 31 -36.99 -59.34 16.68
CA VAL H 31 -38.06 -60.34 16.85
C VAL H 31 -39.36 -59.78 16.35
N LYS H 32 -39.49 -58.45 16.39
CA LYS H 32 -40.69 -57.82 15.91
C LYS H 32 -40.79 -57.98 14.41
N ALA H 33 -39.69 -57.74 13.71
CA ALA H 33 -39.66 -57.87 12.25
C ALA H 33 -39.75 -59.33 11.85
N ARG H 34 -39.08 -60.19 12.60
CA ARG H 34 -39.13 -61.63 12.33
C ARG H 34 -40.58 -62.06 12.50
N GLU H 35 -41.20 -61.54 13.53
CA GLU H 35 -42.60 -61.85 13.83
C GLU H 35 -43.50 -61.35 12.69
N ARG H 36 -43.21 -60.18 12.15
CA ARG H 36 -43.96 -59.64 11.02
C ARG H 36 -43.69 -60.52 9.80
N LEU H 37 -42.49 -61.07 9.74
CA LEU H 37 -42.11 -61.94 8.64
C LEU H 37 -42.82 -63.25 8.82
N GLU H 38 -42.57 -63.91 9.95
CA GLU H 38 -43.21 -65.20 10.26
C GLU H 38 -44.70 -65.20 9.91
N LEU H 39 -45.37 -64.08 10.18
CA LEU H 39 -46.78 -63.95 9.86
C LEU H 39 -47.03 -63.94 8.36
N CYS H 40 -46.24 -63.16 7.63
CA CYS H 40 -46.37 -63.09 6.18
C CYS H 40 -45.83 -64.38 5.54
N ASP H 41 -44.85 -64.99 6.22
CA ASP H 41 -44.25 -66.28 5.83
C ASP H 41 -45.39 -67.33 5.74
N GLU H 42 -46.39 -67.17 6.61
CA GLU H 42 -47.53 -68.06 6.63
C GLU H 42 -48.54 -67.78 5.52
N ARG H 43 -48.93 -66.51 5.33
CA ARG H 43 -49.97 -66.17 4.34
C ARG H 43 -49.64 -66.45 2.85
N VAL H 44 -48.44 -66.97 2.60
CA VAL H 44 -48.02 -67.33 1.24
C VAL H 44 -48.01 -68.87 1.15
N SER H 45 -47.83 -69.50 2.31
CA SER H 45 -47.93 -70.95 2.41
C SER H 45 -49.42 -71.23 2.18
N SER H 46 -50.25 -70.32 2.72
CA SER H 46 -51.70 -70.38 2.58
C SER H 46 -52.13 -70.76 1.18
N ARG H 47 -52.03 -69.81 0.25
CA ARG H 47 -52.40 -70.04 -1.14
C ARG H 47 -51.22 -70.45 -2.01
N SER H 48 -50.46 -71.44 -1.53
CA SER H 48 -49.28 -72.01 -2.23
C SER H 48 -49.49 -72.38 -3.74
N GLN H 49 -50.03 -71.41 -4.49
CA GLN H 49 -50.26 -71.44 -5.96
C GLN H 49 -51.21 -70.27 -6.25
N THR H 50 -50.71 -69.29 -7.02
CA THR H 50 -51.36 -67.98 -7.31
C THR H 50 -51.12 -67.06 -6.13
N GLU H 51 -50.18 -66.11 -6.28
CA GLU H 51 -49.85 -65.13 -5.23
C GLU H 51 -48.44 -64.52 -5.30
N GLU H 52 -48.34 -63.33 -4.71
CA GLU H 52 -47.13 -62.47 -4.58
C GLU H 52 -45.86 -63.06 -3.92
N ASP H 53 -45.16 -62.14 -3.24
CA ASP H 53 -43.83 -62.32 -2.65
C ASP H 53 -43.78 -62.01 -1.13
N CYS H 54 -42.62 -62.15 -0.51
CA CYS H 54 -42.41 -61.66 0.88
C CYS H 54 -40.99 -61.06 1.01
N THR H 55 -40.51 -60.46 -0.07
CA THR H 55 -39.18 -59.88 -0.10
C THR H 55 -39.03 -58.77 0.93
N GLU H 56 -40.05 -57.92 0.99
CA GLU H 56 -40.03 -56.74 1.82
C GLU H 56 -39.96 -56.99 3.32
N GLU H 57 -40.81 -57.87 3.79
CA GLU H 57 -40.85 -58.16 5.20
C GLU H 57 -39.50 -58.72 5.68
N LEU H 58 -38.73 -59.30 4.75
CA LEU H 58 -37.44 -59.85 5.09
C LEU H 58 -36.39 -58.76 5.27
N LEU H 59 -36.29 -57.87 4.27
CA LEU H 59 -35.35 -56.76 4.32
C LEU H 59 -35.36 -55.99 5.65
N ASP H 60 -36.57 -55.68 6.15
CA ASP H 60 -36.73 -54.98 7.43
C ASP H 60 -35.94 -55.66 8.54
N PHE H 61 -36.01 -56.98 8.59
CA PHE H 61 -35.35 -57.75 9.64
C PHE H 61 -33.80 -57.70 9.59
N LEU H 62 -33.23 -57.93 8.43
CA LEU H 62 -31.78 -57.87 8.31
C LEU H 62 -31.23 -56.51 8.78
N HIS H 63 -31.89 -55.44 8.31
CA HIS H 63 -31.57 -54.06 8.68
C HIS H 63 -31.30 -53.92 10.18
N ALA H 64 -32.22 -54.39 11.01
CA ALA H 64 -32.06 -54.27 12.46
C ALA H 64 -30.94 -55.17 12.97
N ARG H 65 -30.91 -56.42 12.49
CA ARG H 65 -29.86 -57.39 12.87
C ARG H 65 -28.45 -56.87 12.49
N ASP H 66 -28.17 -56.81 11.19
CA ASP H 66 -26.88 -56.40 10.74
C ASP H 66 -26.39 -55.08 11.37
N HIS H 67 -27.32 -54.17 11.68
CA HIS H 67 -26.96 -52.91 12.33
C HIS H 67 -26.18 -53.18 13.63
N CYS H 68 -26.81 -53.91 14.58
CA CYS H 68 -26.13 -54.22 15.85
C CYS H 68 -25.05 -55.23 15.65
N VAL H 69 -25.06 -55.89 14.48
CA VAL H 69 -23.97 -56.79 14.10
C VAL H 69 -22.72 -55.93 13.95
N ALA H 70 -22.82 -54.88 13.12
CA ALA H 70 -21.68 -53.99 12.85
C ALA H 70 -21.13 -53.32 14.11
N HIS H 71 -22.02 -52.84 14.98
CA HIS H 71 -21.63 -52.20 16.23
C HIS H 71 -20.77 -53.14 17.07
N LYS H 72 -21.34 -54.28 17.42
CA LYS H 72 -20.67 -55.27 18.26
C LYS H 72 -19.54 -56.12 17.59
N LEU H 73 -19.83 -56.72 16.43
CA LEU H 73 -18.90 -57.64 15.73
C LEU H 73 -17.39 -57.41 15.87
N PHE H 74 -16.79 -56.79 14.86
CA PHE H 74 -15.34 -56.53 14.78
C PHE H 74 -14.45 -56.69 16.02
N ASN H 75 -14.99 -56.39 17.21
CA ASN H 75 -14.24 -56.54 18.45
C ASN H 75 -13.72 -57.98 18.63
N SER H 76 -14.49 -58.94 18.11
CA SER H 76 -14.12 -60.36 18.20
C SER H 76 -13.13 -60.76 17.10
N LEU H 77 -13.31 -60.18 15.92
CA LEU H 77 -12.43 -60.46 14.77
C LEU H 77 -10.95 -60.07 14.95
N LYS H 78 -10.15 -61.02 15.44
CA LYS H 78 -8.69 -60.85 15.66
C LYS H 78 -8.31 -60.36 17.05
N MET I 1 22.97 58.47 3.54
CA MET I 1 21.86 57.58 4.04
C MET I 1 21.23 56.95 2.84
N LEU I 2 21.97 56.89 1.75
CA LEU I 2 21.47 56.35 0.49
C LEU I 2 21.00 54.91 0.65
N SER I 3 20.68 54.23 -0.45
CA SER I 3 20.09 52.88 -0.36
C SER I 3 18.61 53.07 -0.35
N VAL I 4 18.12 53.70 -1.41
CA VAL I 4 16.73 54.00 -1.65
C VAL I 4 15.82 52.93 -1.05
N ALA I 5 16.02 51.68 -1.49
CA ALA I 5 15.30 50.54 -0.94
C ALA I 5 15.09 50.67 0.58
N ALA I 6 16.18 50.62 1.34
CA ALA I 6 16.11 50.67 2.80
C ALA I 6 15.85 52.06 3.38
N ARG I 7 16.03 53.11 2.57
CA ARG I 7 15.66 54.48 3.00
C ARG I 7 14.14 54.37 3.20
N SER I 8 13.68 53.13 3.02
CA SER I 8 12.31 52.66 3.21
C SER I 8 11.37 53.26 2.22
N GLY I 9 10.47 52.44 1.68
CA GLY I 9 9.52 52.93 0.72
C GLY I 9 9.57 52.36 -0.70
N PRO I 10 10.54 52.79 -1.52
CA PRO I 10 10.59 52.38 -2.94
C PRO I 10 10.60 50.91 -2.98
N PHE I 11 10.28 50.28 -4.09
CA PHE I 11 10.25 48.82 -4.09
C PHE I 11 11.55 48.19 -4.55
N ALA I 12 11.93 47.06 -3.91
CA ALA I 12 13.18 46.35 -4.19
C ALA I 12 12.99 44.82 -4.33
N PRO I 13 12.87 44.31 -5.56
CA PRO I 13 12.78 42.88 -5.83
C PRO I 13 14.08 42.16 -5.83
N VAL I 14 14.09 40.98 -5.21
CA VAL I 14 15.26 40.12 -5.15
C VAL I 14 14.97 38.75 -5.73
N LEU I 15 15.95 38.25 -6.46
CA LEU I 15 15.95 36.96 -7.10
C LEU I 15 17.08 36.14 -6.50
N SER I 16 16.91 34.87 -6.45
CA SER I 16 17.98 34.09 -5.87
C SER I 16 18.26 32.83 -6.63
N ALA I 17 19.35 32.21 -6.26
CA ALA I 17 19.73 30.91 -6.82
C ALA I 17 19.29 29.79 -5.88
N THR I 18 19.55 30.05 -4.62
CA THR I 18 19.34 29.11 -3.55
C THR I 18 18.24 29.58 -2.63
N SER I 19 18.20 30.89 -2.37
CA SER I 19 17.18 31.51 -1.49
C SER I 19 15.92 31.80 -2.27
N ARG I 20 15.12 32.74 -1.83
CA ARG I 20 13.80 32.86 -2.46
C ARG I 20 13.42 34.23 -2.98
N GLY I 21 12.65 34.24 -4.08
CA GLY I 21 12.18 35.46 -4.73
C GLY I 21 11.46 36.39 -3.79
N VAL I 22 12.05 37.57 -3.56
CA VAL I 22 11.47 38.57 -2.65
C VAL I 22 10.98 39.91 -3.33
N ALA I 23 10.01 40.56 -2.65
CA ALA I 23 9.45 41.86 -3.03
C ALA I 23 9.27 42.47 -1.68
N GLY I 24 10.19 43.34 -1.27
CA GLY I 24 10.11 43.81 0.09
C GLY I 24 10.37 45.22 0.48
N ALA I 25 9.87 46.18 -0.24
CA ALA I 25 10.09 47.55 0.20
C ALA I 25 9.04 48.04 1.22
N LEU I 26 8.72 49.33 1.19
CA LEU I 26 7.80 49.81 2.20
C LEU I 26 6.45 50.48 1.90
N ARG I 27 5.49 50.09 2.73
CA ARG I 27 4.11 50.46 2.66
C ARG I 27 3.59 50.04 4.04
N PRO I 28 2.37 50.42 4.38
CA PRO I 28 1.74 49.94 5.59
C PRO I 28 1.28 48.52 5.40
N LEU I 29 0.90 47.88 6.50
CA LEU I 29 0.36 46.52 6.54
C LEU I 29 0.49 46.00 7.94
N VAL I 30 1.67 46.20 8.54
CA VAL I 30 1.91 45.69 9.89
C VAL I 30 0.81 46.09 10.86
N GLN I 31 0.45 47.37 10.90
CA GLN I 31 -0.64 47.80 11.76
C GLN I 31 -1.99 47.56 11.11
N ALA I 32 -2.03 46.61 10.18
CA ALA I 32 -3.29 46.17 9.56
C ALA I 32 -3.47 44.78 10.05
N ALA I 33 -2.37 44.16 10.45
CA ALA I 33 -2.42 42.85 11.06
C ALA I 33 -2.86 43.05 12.51
N VAL I 34 -2.64 44.26 13.04
CA VAL I 34 -3.07 44.64 14.40
C VAL I 34 -4.61 44.86 14.50
N PRO I 35 -5.16 46.00 14.03
CA PRO I 35 -6.62 46.08 13.88
C PRO I 35 -6.81 45.05 12.78
N ALA I 36 -7.50 43.96 13.06
CA ALA I 36 -7.37 42.83 12.18
C ALA I 36 -8.44 42.33 11.23
N THR I 37 -8.03 41.23 10.58
CA THR I 37 -8.72 40.45 9.54
C THR I 37 -7.96 40.64 8.24
N SER I 38 -6.64 40.54 8.36
CA SER I 38 -5.74 40.55 7.22
C SER I 38 -5.44 39.09 7.00
N GLU I 39 -6.25 38.48 6.14
CA GLU I 39 -6.16 37.08 5.78
C GLU I 39 -4.78 36.81 5.22
N SER I 40 -4.76 36.27 4.02
CA SER I 40 -3.54 35.92 3.31
C SER I 40 -3.82 34.52 2.90
N PRO I 41 -3.18 34.07 1.84
CA PRO I 41 -3.34 32.69 1.43
C PRO I 41 -2.47 31.87 2.27
N VAL I 42 -2.51 30.58 2.18
CA VAL I 42 -1.26 30.02 2.55
C VAL I 42 -0.92 28.96 1.63
N LEU I 43 -0.12 29.64 0.90
CA LEU I 43 0.50 29.25 -0.23
C LEU I 43 -0.59 28.89 -1.28
N ASP I 44 -1.11 29.96 -1.92
CA ASP I 44 -2.05 29.87 -3.06
C ASP I 44 -1.06 29.75 -4.24
N LEU I 45 -1.46 29.68 -5.52
CA LEU I 45 -0.43 29.58 -6.62
C LEU I 45 0.83 30.41 -6.17
N LYS I 46 1.79 29.78 -5.45
CA LYS I 46 2.80 30.57 -4.70
C LYS I 46 4.29 30.31 -4.66
N ARG I 47 4.78 30.20 -3.43
CA ARG I 47 6.22 30.22 -3.11
C ARG I 47 6.44 29.89 -1.58
N SER I 48 6.92 30.83 -0.76
CA SER I 48 7.11 30.60 0.71
C SER I 48 7.94 31.69 1.39
N VAL I 49 7.60 32.00 2.62
CA VAL I 49 8.21 33.14 3.31
C VAL I 49 9.11 32.72 4.44
N LEU I 50 9.84 33.69 4.97
CA LEU I 50 10.84 33.48 6.02
C LEU I 50 12.05 32.85 5.34
N CYS I 51 11.77 31.93 4.42
CA CYS I 51 12.76 31.26 3.59
C CYS I 51 13.91 30.57 4.34
N ARG I 52 14.80 29.91 3.59
CA ARG I 52 15.87 29.17 4.22
C ARG I 52 17.31 29.28 3.66
N GLU I 53 18.24 28.99 4.58
CA GLU I 53 19.70 28.99 4.44
C GLU I 53 20.23 29.59 5.74
N SER I 54 19.42 29.43 6.80
CA SER I 54 19.73 29.85 8.18
C SER I 54 19.35 28.62 9.07
N LEU I 55 19.80 28.56 10.34
CA LEU I 55 19.53 27.38 11.20
C LEU I 55 20.11 27.37 12.61
N ARG I 56 20.99 26.37 12.80
CA ARG I 56 21.72 26.06 14.04
C ARG I 56 22.02 24.54 14.10
N GLY I 57 21.72 23.91 15.23
CA GLY I 57 21.98 22.49 15.38
C GLY I 57 20.73 21.73 15.81
N ALA J 2 18.12 -4.84 30.50
CA ALA J 2 17.09 -5.84 30.13
C ALA J 2 16.06 -5.31 29.13
N PRO J 3 16.37 -5.41 27.82
CA PRO J 3 15.36 -5.16 26.78
C PRO J 3 14.48 -6.41 26.69
N THR J 4 13.65 -6.53 25.67
CA THR J 4 12.82 -7.70 25.57
C THR J 4 13.30 -8.62 24.44
N LEU J 5 12.64 -9.76 24.28
CA LEU J 5 12.98 -10.72 23.26
C LEU J 5 12.67 -10.20 21.88
N THR J 6 11.40 -9.93 21.62
CA THR J 6 10.99 -9.41 20.32
C THR J 6 11.80 -8.19 19.89
N ALA J 7 12.27 -7.41 20.85
CA ALA J 7 13.12 -6.27 20.56
C ALA J 7 14.46 -6.78 20.01
N ARG J 8 15.12 -7.66 20.78
CA ARG J 8 16.38 -8.25 20.34
C ARG J 8 16.22 -8.76 18.92
N LEU J 9 15.17 -9.55 18.70
CA LEU J 9 14.89 -10.14 17.41
C LEU J 9 14.77 -9.10 16.36
N TYR J 10 14.15 -7.97 16.70
CA TYR J 10 13.98 -6.91 15.74
C TYR J 10 15.30 -6.25 15.37
N SER J 11 16.08 -5.87 16.39
CA SER J 11 17.41 -5.21 16.21
C SER J 11 18.40 -6.01 15.39
N LEU J 12 18.61 -7.26 15.81
CA LEU J 12 19.60 -8.14 15.20
C LEU J 12 19.18 -8.72 13.85
N LEU J 13 17.88 -8.88 13.61
CA LEU J 13 17.45 -9.63 12.42
C LEU J 13 16.33 -9.08 11.52
N PHE J 14 15.41 -8.30 12.05
CA PHE J 14 14.28 -7.87 11.22
C PHE J 14 14.42 -6.52 10.52
N ARG J 15 15.11 -5.59 11.17
CA ARG J 15 15.32 -4.26 10.66
C ARG J 15 15.66 -4.26 9.14
N ARG J 16 16.65 -5.07 8.76
CA ARG J 16 17.07 -5.13 7.37
C ARG J 16 16.39 -6.26 6.68
N THR J 17 15.96 -6.01 5.44
CA THR J 17 15.31 -7.02 4.67
C THR J 17 16.32 -8.13 4.31
N SER J 18 17.62 -7.82 4.39
CA SER J 18 18.63 -8.83 4.13
C SER J 18 18.49 -9.91 5.20
N THR J 19 18.76 -9.51 6.44
CA THR J 19 18.68 -10.41 7.55
C THR J 19 17.26 -10.97 7.66
N PHE J 20 16.25 -10.12 7.60
CA PHE J 20 14.84 -10.59 7.64
C PHE J 20 14.62 -11.79 6.71
N ALA J 21 15.09 -11.69 5.47
CA ALA J 21 14.94 -12.78 4.53
C ALA J 21 15.85 -13.96 4.86
N LEU J 22 17.10 -13.66 5.21
CA LEU J 22 18.03 -14.71 5.60
C LEU J 22 17.46 -15.51 6.76
N THR J 23 16.93 -14.80 7.75
CA THR J 23 16.38 -15.49 8.87
C THR J 23 15.23 -16.42 8.50
N ILE J 24 14.32 -15.99 7.63
CA ILE J 24 13.22 -16.92 7.30
C ILE J 24 13.62 -18.15 6.44
N VAL J 25 14.61 -18.00 5.56
CA VAL J 25 15.03 -19.14 4.75
C VAL J 25 15.71 -20.14 5.64
N VAL J 26 16.49 -19.63 6.59
CA VAL J 26 17.12 -20.50 7.58
C VAL J 26 16.02 -21.03 8.55
N GLY J 27 14.92 -20.28 8.66
CA GLY J 27 13.81 -20.70 9.50
C GLY J 27 12.99 -21.83 8.86
N ALA J 28 12.90 -21.80 7.54
CA ALA J 28 12.13 -22.80 6.80
C ALA J 28 12.87 -24.11 6.75
N LEU J 29 14.18 -24.04 6.66
CA LEU J 29 15.02 -25.23 6.57
C LEU J 29 14.85 -26.10 7.81
N PHE J 30 14.74 -25.44 8.96
CA PHE J 30 14.58 -26.15 10.22
C PHE J 30 13.12 -26.49 10.47
N PHE J 31 12.21 -25.54 10.22
CA PHE J 31 10.79 -25.81 10.42
C PHE J 31 10.34 -27.02 9.62
N GLU J 32 10.76 -27.12 8.36
CA GLU J 32 10.41 -28.27 7.56
C GLU J 32 10.88 -29.57 8.18
N ARG J 33 12.14 -29.60 8.59
CA ARG J 33 12.72 -30.78 9.17
C ARG J 33 12.04 -31.15 10.51
N ALA J 34 11.78 -30.14 11.34
CA ALA J 34 11.15 -30.38 12.64
C ALA J 34 9.66 -30.65 12.54
N PHE J 35 9.00 -30.07 11.54
CA PHE J 35 7.57 -30.31 11.33
C PHE J 35 7.38 -31.70 10.75
N ASP J 36 8.12 -32.04 9.69
CA ASP J 36 8.00 -33.40 9.12
C ASP J 36 8.20 -34.46 10.22
N GLN J 37 9.33 -34.39 10.94
CA GLN J 37 9.60 -35.36 12.00
C GLN J 37 8.51 -35.41 13.05
N GLY J 38 8.31 -34.29 13.75
CA GLY J 38 7.29 -34.23 14.78
C GLY J 38 5.91 -34.63 14.28
N ALA J 39 5.63 -34.39 13.01
CA ALA J 39 4.31 -34.71 12.47
C ALA J 39 4.17 -36.15 12.04
N ASP J 40 5.26 -36.75 11.58
CA ASP J 40 5.27 -38.16 11.21
C ASP J 40 4.99 -38.96 12.44
N ALA J 41 5.79 -38.72 13.49
CA ALA J 41 5.63 -39.40 14.77
C ALA J 41 4.19 -39.30 15.29
N ILE J 42 3.53 -38.19 15.03
CA ILE J 42 2.13 -38.08 15.43
C ILE J 42 1.26 -39.02 14.61
N TYR J 43 1.54 -39.12 13.31
CA TYR J 43 0.79 -39.99 12.41
C TYR J 43 0.96 -41.48 12.77
N GLU J 44 2.19 -41.83 13.12
CA GLU J 44 2.55 -43.19 13.50
C GLU J 44 1.94 -43.57 14.83
N HIS J 45 2.19 -42.77 15.88
CA HIS J 45 1.64 -43.07 17.22
C HIS J 45 0.15 -43.39 17.24
N ILE J 46 -0.63 -42.75 16.37
CA ILE J 46 -2.07 -43.01 16.33
C ILE J 46 -2.44 -44.20 15.47
N ASN J 47 -1.56 -44.60 14.57
CA ASN J 47 -1.83 -45.77 13.75
C ASN J 47 -1.21 -47.05 14.32
N GLU J 48 -0.10 -47.50 13.72
CA GLU J 48 0.61 -48.73 14.21
C GLU J 48 0.23 -50.08 13.61
N GLY J 49 -0.32 -50.06 12.40
CA GLY J 49 -0.61 -51.25 11.62
C GLY J 49 0.09 -50.98 10.30
N LYS J 50 1.26 -50.37 10.44
CA LYS J 50 2.12 -49.90 9.36
C LYS J 50 2.74 -51.03 8.54
N LEU J 51 3.72 -50.66 7.69
CA LEU J 51 4.52 -51.65 6.98
C LEU J 51 5.80 -51.81 7.81
N TRP J 52 5.92 -50.88 8.76
CA TRP J 52 7.06 -50.81 9.69
C TRP J 52 7.06 -52.03 10.63
N LYS J 53 6.19 -51.93 11.65
CA LYS J 53 6.08 -52.98 12.68
C LYS J 53 5.90 -54.35 12.01
N HIS J 54 5.18 -54.34 10.91
CA HIS J 54 4.89 -55.55 10.15
C HIS J 54 6.18 -56.20 9.64
N ILE J 55 7.11 -55.36 9.23
CA ILE J 55 8.41 -55.82 8.69
C ILE J 55 9.12 -56.71 9.71
N LYS J 56 9.51 -56.06 10.77
CA LYS J 56 10.23 -56.70 11.88
C LYS J 56 10.20 -58.21 11.74
N HIS J 57 9.07 -58.71 11.33
CA HIS J 57 8.86 -60.15 11.23
C HIS J 57 9.67 -60.83 10.10
N LYS J 58 10.51 -60.14 9.30
CA LYS J 58 11.08 -60.91 8.16
C LYS J 58 12.50 -60.53 7.66
N TYR J 59 13.46 -60.42 8.56
CA TYR J 59 14.87 -60.09 8.16
C TYR J 59 15.48 -61.19 7.29
N GLU J 60 14.70 -62.24 7.10
CA GLU J 60 15.17 -63.47 6.46
C GLU J 60 15.17 -63.54 4.93
N ASN J 61 14.09 -63.34 4.24
CA ASN J 61 14.18 -63.65 2.81
C ASN J 61 12.82 -63.39 2.15
N MET K 1 34.14 3.09 -22.05
CA MET K 1 33.08 4.13 -21.88
C MET K 1 32.27 3.89 -20.59
N LEU K 2 32.51 2.75 -19.94
CA LEU K 2 31.89 2.44 -18.66
C LEU K 2 32.61 3.28 -17.59
N THR K 3 33.50 4.15 -18.05
CA THR K 3 34.32 5.00 -17.19
C THR K 3 33.51 6.12 -16.57
N ARG K 4 32.23 6.19 -16.95
CA ARG K 4 31.28 7.14 -16.37
C ARG K 4 31.08 6.77 -14.89
N PHE K 5 31.10 5.47 -14.61
CA PHE K 5 30.93 4.95 -13.24
C PHE K 5 32.24 4.71 -12.50
N LEU K 6 33.32 5.35 -12.95
CA LEU K 6 34.61 5.20 -12.28
C LEU K 6 35.04 6.50 -11.58
N GLY K 7 34.90 6.53 -10.25
CA GLY K 7 35.28 7.69 -9.48
C GLY K 7 35.07 7.44 -8.00
N PRO K 8 35.52 8.37 -7.17
CA PRO K 8 35.40 8.25 -5.70
C PRO K 8 33.94 7.92 -5.20
N ARG K 9 32.98 8.70 -5.63
CA ARG K 9 31.56 8.53 -5.18
C ARG K 9 31.00 7.12 -5.48
N TYR K 10 31.30 6.62 -6.68
CA TYR K 10 30.91 5.29 -7.12
C TYR K 10 31.57 4.18 -6.30
N ARG K 11 32.77 4.46 -5.81
CA ARG K 11 33.51 3.50 -4.98
C ARG K 11 32.91 3.47 -3.57
N GLN K 12 32.34 4.60 -3.14
CA GLN K 12 31.74 4.68 -1.83
C GLN K 12 30.37 4.08 -1.94
N LEU K 13 29.76 4.23 -3.09
CA LEU K 13 28.48 3.62 -3.32
C LEU K 13 28.63 2.08 -3.34
N ALA K 14 29.63 1.60 -4.05
CA ALA K 14 29.92 0.18 -4.12
C ALA K 14 30.11 -0.37 -2.71
N ARG K 15 30.88 0.34 -1.88
CA ARG K 15 31.12 -0.09 -0.52
C ARG K 15 29.85 -0.23 0.32
N ASN K 16 29.02 0.81 0.34
CA ASN K 16 27.80 0.80 1.16
C ASN K 16 26.83 -0.31 0.84
N TRP K 17 26.97 -0.90 -0.35
CA TRP K 17 26.09 -1.96 -0.76
C TRP K 17 26.72 -3.36 -0.69
N VAL K 18 28.00 -3.44 -0.35
CA VAL K 18 28.68 -4.73 -0.25
C VAL K 18 28.02 -5.67 0.76
N PRO K 19 27.83 -5.22 2.02
CA PRO K 19 27.15 -6.05 3.04
C PRO K 19 25.79 -6.51 2.54
N THR K 20 25.02 -5.61 1.96
CA THR K 20 23.73 -5.97 1.44
C THR K 20 23.87 -7.06 0.35
N ALA K 21 24.70 -6.80 -0.66
CA ALA K 21 24.93 -7.79 -1.74
C ALA K 21 25.47 -9.14 -1.22
N GLN K 22 26.32 -9.06 -0.17
CA GLN K 22 26.86 -10.24 0.51
C GLN K 22 25.69 -11.00 1.12
N LEU K 23 24.93 -10.33 1.99
CA LEU K 23 23.79 -10.94 2.65
C LEU K 23 22.71 -11.46 1.71
N TRP K 24 22.63 -10.91 0.52
CA TRP K 24 21.65 -11.40 -0.46
C TRP K 24 22.12 -12.72 -1.02
N GLY K 25 23.43 -12.90 -1.09
CA GLY K 25 23.99 -14.15 -1.60
C GLY K 25 23.79 -15.23 -0.58
N ALA K 26 23.93 -14.85 0.69
CA ALA K 26 23.70 -15.73 1.81
C ALA K 26 22.29 -16.32 1.67
N VAL K 27 21.31 -15.43 1.58
CA VAL K 27 19.92 -15.80 1.37
C VAL K 27 19.74 -16.72 0.13
N GLY K 28 20.39 -16.38 -0.99
CA GLY K 28 20.26 -17.16 -2.21
C GLY K 28 20.89 -18.54 -2.10
N ALA K 29 22.04 -18.62 -1.45
CA ALA K 29 22.72 -19.88 -1.31
C ALA K 29 21.86 -20.80 -0.44
N VAL K 30 21.61 -20.37 0.80
CA VAL K 30 20.83 -21.16 1.72
C VAL K 30 19.50 -21.59 1.10
N GLY K 31 18.90 -20.68 0.34
CA GLY K 31 17.63 -20.92 -0.32
C GLY K 31 17.66 -21.90 -1.48
N LEU K 32 18.74 -21.89 -2.25
CA LEU K 32 18.87 -22.84 -3.34
C LEU K 32 19.10 -24.20 -2.73
N VAL K 33 20.03 -24.24 -1.79
CA VAL K 33 20.43 -25.44 -1.07
C VAL K 33 19.23 -26.14 -0.43
N TRP K 34 18.44 -25.38 0.27
CA TRP K 34 17.35 -25.95 0.95
C TRP K 34 16.18 -26.37 0.04
N ALA K 35 16.09 -25.80 -1.16
CA ALA K 35 14.99 -26.17 -2.04
C ALA K 35 15.27 -27.39 -2.89
N THR K 36 16.54 -27.75 -3.03
CA THR K 36 16.89 -28.90 -3.83
C THR K 36 17.38 -29.99 -2.92
N ASP K 37 17.45 -29.68 -1.62
CA ASP K 37 17.95 -30.60 -0.60
C ASP K 37 19.36 -30.99 -0.92
N TRP K 38 20.22 -30.00 -1.13
CA TRP K 38 21.57 -30.28 -1.56
C TRP K 38 22.25 -31.21 -0.63
N ARG K 39 22.24 -32.47 -1.05
CA ARG K 39 22.86 -33.59 -0.40
C ARG K 39 24.24 -33.17 0.03
N LEU K 40 25.05 -32.75 -0.94
CA LEU K 40 26.42 -32.29 -0.70
C LEU K 40 26.51 -31.30 0.43
N ILE K 41 25.93 -30.13 0.20
CA ILE K 41 26.01 -29.06 1.18
C ILE K 41 25.39 -29.39 2.53
N LEU K 42 24.18 -29.92 2.51
CA LEU K 42 23.46 -30.18 3.76
C LEU K 42 24.10 -31.19 4.70
N ASP K 43 24.56 -32.32 4.17
CA ASP K 43 25.18 -33.38 5.00
C ASP K 43 26.10 -32.86 6.11
N TRP K 44 26.43 -31.56 6.06
CA TRP K 44 27.35 -30.95 7.01
C TRP K 44 26.69 -30.17 8.17
N VAL K 45 25.40 -29.91 8.06
CA VAL K 45 24.68 -29.18 9.10
C VAL K 45 24.31 -30.21 10.18
N PRO K 46 24.64 -29.93 11.45
CA PRO K 46 24.46 -30.89 12.57
C PRO K 46 23.12 -31.65 12.61
N TYR K 47 22.03 -30.92 12.76
CA TYR K 47 20.69 -31.48 12.70
C TYR K 47 20.37 -31.36 11.19
N ILE K 48 19.26 -31.89 10.73
CA ILE K 48 18.95 -31.89 9.29
C ILE K 48 19.71 -33.07 8.68
N ASN K 49 19.97 -34.05 9.52
CA ASN K 49 20.61 -35.28 9.09
C ASN K 49 19.52 -36.33 8.91
N GLY K 50 18.44 -35.94 8.23
CA GLY K 50 17.32 -36.82 7.95
C GLY K 50 17.59 -37.66 6.72
N LYS K 51 18.85 -38.06 6.60
CA LYS K 51 19.35 -38.96 5.56
C LYS K 51 20.36 -39.88 6.26
N PHE K 52 19.99 -40.34 7.45
CA PHE K 52 20.87 -41.14 8.35
C PHE K 52 22.41 -41.15 8.12
N LYS K 53 22.94 -42.12 7.39
CA LYS K 53 24.37 -42.40 7.16
C LYS K 53 25.12 -41.10 6.92
#